data_6MPK
# 
_entry.id   6MPK 
# 
_audit_conform.dict_name       mmcif_pdbx.dic 
_audit_conform.dict_version    5.397 
_audit_conform.dict_location   http://mmcif.pdb.org/dictionaries/ascii/mmcif_pdbx.dic 
# 
loop_
_database_2.database_id 
_database_2.database_code 
_database_2.pdbx_database_accession 
_database_2.pdbx_DOI 
PDB   6MPK         pdb_00006mpk 10.2210/pdb6mpk/pdb 
WWPDB D_1000236941 ?            ?                   
# 
loop_
_pdbx_audit_revision_history.ordinal 
_pdbx_audit_revision_history.data_content_type 
_pdbx_audit_revision_history.major_revision 
_pdbx_audit_revision_history.minor_revision 
_pdbx_audit_revision_history.revision_date 
1 'Structure model' 1 0 2019-01-09 
2 'Structure model' 1 1 2019-02-13 
3 'Structure model' 1 2 2019-12-18 
4 'Structure model' 1 3 2023-10-11 
5 'Structure model' 1 4 2024-10-23 
# 
_pdbx_audit_revision_details.ordinal             1 
_pdbx_audit_revision_details.revision_ordinal    1 
_pdbx_audit_revision_details.data_content_type   'Structure model' 
_pdbx_audit_revision_details.provider            repository 
_pdbx_audit_revision_details.type                'Initial release' 
_pdbx_audit_revision_details.description         ? 
_pdbx_audit_revision_details.details             ? 
# 
loop_
_pdbx_audit_revision_group.ordinal 
_pdbx_audit_revision_group.revision_ordinal 
_pdbx_audit_revision_group.data_content_type 
_pdbx_audit_revision_group.group 
1 2 'Structure model' 'Data collection'            
2 2 'Structure model' 'Database references'        
3 3 'Structure model' 'Author supporting evidence' 
4 4 'Structure model' 'Data collection'            
5 4 'Structure model' 'Database references'        
6 4 'Structure model' 'Refinement description'     
7 5 'Structure model' 'Structure summary'          
# 
loop_
_pdbx_audit_revision_category.ordinal 
_pdbx_audit_revision_category.revision_ordinal 
_pdbx_audit_revision_category.data_content_type 
_pdbx_audit_revision_category.category 
1 2 'Structure model' citation                      
2 3 'Structure model' pdbx_audit_support            
3 4 'Structure model' chem_comp_atom                
4 4 'Structure model' chem_comp_bond                
5 4 'Structure model' database_2                    
6 4 'Structure model' pdbx_initial_refinement_model 
7 5 'Structure model' pdbx_entry_details            
8 5 'Structure model' pdbx_modification_feature     
# 
loop_
_pdbx_audit_revision_item.ordinal 
_pdbx_audit_revision_item.revision_ordinal 
_pdbx_audit_revision_item.data_content_type 
_pdbx_audit_revision_item.item 
1 2 'Structure model' '_citation.journal_volume'                 
2 2 'Structure model' '_citation.page_first'                     
3 2 'Structure model' '_citation.page_last'                      
4 2 'Structure model' '_citation.year'                           
5 3 'Structure model' '_pdbx_audit_support.funding_organization' 
6 4 'Structure model' '_database_2.pdbx_DOI'                     
7 4 'Structure model' '_database_2.pdbx_database_accession'      
# 
_pdbx_database_status.status_code                     REL 
_pdbx_database_status.status_code_sf                  REL 
_pdbx_database_status.status_code_mr                  ? 
_pdbx_database_status.entry_id                        6MPK 
_pdbx_database_status.recvd_initial_deposition_date   2018-10-07 
_pdbx_database_status.SG_entry                        N 
_pdbx_database_status.deposit_site                    RCSB 
_pdbx_database_status.process_site                    RCSB 
_pdbx_database_status.status_code_cs                  ? 
_pdbx_database_status.methods_development_category    ? 
_pdbx_database_status.pdb_format_compatible           Y 
_pdbx_database_status.status_code_nmr_data            ? 
# 
loop_
_audit_author.name 
_audit_author.pdbx_ordinal 
_audit_author.identifier_ORCID 
'Ghanbarpour, A.' 1 ? 
'Geiger, J.'      2 ? 
# 
_citation.abstract                  ? 
_citation.abstract_id_CAS           ? 
_citation.book_id_ISBN              ? 
_citation.book_publisher            ? 
_citation.book_publisher_city       ? 
_citation.book_title                ? 
_citation.coordinate_linkage        ? 
_citation.country                   US 
_citation.database_id_Medline       ? 
_citation.details                   ? 
_citation.id                        primary 
_citation.journal_abbrev            'J. Am. Chem. Soc.' 
_citation.journal_id_ASTM           JACSAT 
_citation.journal_id_CSD            ? 
_citation.journal_id_ISSN           1520-5126 
_citation.journal_full              ? 
_citation.journal_issue             ? 
_citation.journal_volume            141 
_citation.language                  ? 
_citation.page_first                1735 
_citation.page_last                 1741 
_citation.title                     'Mimicking Microbial Rhodopsin Isomerization in a Single Crystal.' 
_citation.year                      2019 
_citation.database_id_CSD           ? 
_citation.pdbx_database_id_DOI      10.1021/jacs.8b12493 
_citation.pdbx_database_id_PubMed   30580520 
_citation.unpublished_flag          ? 
# 
loop_
_citation_author.citation_id 
_citation_author.name 
_citation_author.ordinal 
_citation_author.identifier_ORCID 
primary 'Ghanbarpour, A.' 1 ? 
primary 'Nairat, M.'      2 ? 
primary 'Nosrati, M.'     3 ? 
primary 'Santos, E.M.'    4 ? 
primary 'Vasileiou, C.'   5 ? 
primary 'Dantus, M.'      6 ? 
primary 'Borhan, B.'      7 ? 
primary 'Geiger, J.H.'    8 ? 
# 
loop_
_entity.id 
_entity.type 
_entity.src_method 
_entity.pdbx_description 
_entity.formula_weight 
_entity.pdbx_number_of_molecules 
_entity.pdbx_ec 
_entity.pdbx_mutation 
_entity.pdbx_fragment 
_entity.details 
1 polymer     man 'Cellular retinoic acid-binding protein 2' 15686.843 1   ? ? ? ? 
2 non-polymer syn RETINAL                                    284.436   1   ? ? ? ? 
3 non-polymer syn GLYCEROL                                   92.094    2   ? ? ? ? 
4 water       nat water                                      18.015    111 ? ? ? ? 
# 
_entity_name_com.entity_id   1 
_entity_name_com.name        'Cellular retinoic acid-binding protein II,CRABP-II' 
# 
_entity_poly.entity_id                      1 
_entity_poly.type                           'polypeptide(L)' 
_entity_poly.nstd_linkage                   no 
_entity_poly.nstd_monomer                   no 
_entity_poly.pdbx_seq_one_letter_code       
;PNFSGNWKIIRSENFEELLKVLGVNVMLRKIYVAAASKYAVEIKQEGDTFYIKVSTTVYTTEINFKVGEEFEEQTVDGRP
CKSLVKWESENKMVCEQKLLKGEGPKTSWTKELTNDGELIETMTADDVVCTQVFVRE
;
_entity_poly.pdbx_seq_one_letter_code_can   
;PNFSGNWKIIRSENFEELLKVLGVNVMLRKIYVAAASKYAVEIKQEGDTFYIKVSTTVYTTEINFKVGEEFEEQTVDGRP
CKSLVKWESENKMVCEQKLLKGEGPKTSWTKELTNDGELIETMTADDVVCTQVFVRE
;
_entity_poly.pdbx_strand_id                 A 
_entity_poly.pdbx_target_identifier         ? 
# 
loop_
_pdbx_entity_nonpoly.entity_id 
_pdbx_entity_nonpoly.name 
_pdbx_entity_nonpoly.comp_id 
2 RETINAL  RET 
3 GLYCEROL GOL 
4 water    HOH 
# 
loop_
_entity_poly_seq.entity_id 
_entity_poly_seq.num 
_entity_poly_seq.mon_id 
_entity_poly_seq.hetero 
1 1   PRO n 
1 2   ASN n 
1 3   PHE n 
1 4   SER n 
1 5   GLY n 
1 6   ASN n 
1 7   TRP n 
1 8   LYS n 
1 9   ILE n 
1 10  ILE n 
1 11  ARG n 
1 12  SER n 
1 13  GLU n 
1 14  ASN n 
1 15  PHE n 
1 16  GLU n 
1 17  GLU n 
1 18  LEU n 
1 19  LEU n 
1 20  LYS n 
1 21  VAL n 
1 22  LEU n 
1 23  GLY n 
1 24  VAL n 
1 25  ASN n 
1 26  VAL n 
1 27  MET n 
1 28  LEU n 
1 29  ARG n 
1 30  LYS n 
1 31  ILE n 
1 32  TYR n 
1 33  VAL n 
1 34  ALA n 
1 35  ALA n 
1 36  ALA n 
1 37  SER n 
1 38  LYS n 
1 39  TYR n 
1 40  ALA n 
1 41  VAL n 
1 42  GLU n 
1 43  ILE n 
1 44  LYS n 
1 45  GLN n 
1 46  GLU n 
1 47  GLY n 
1 48  ASP n 
1 49  THR n 
1 50  PHE n 
1 51  TYR n 
1 52  ILE n 
1 53  LYS n 
1 54  VAL n 
1 55  SER n 
1 56  THR n 
1 57  THR n 
1 58  VAL n 
1 59  TYR n 
1 60  THR n 
1 61  THR n 
1 62  GLU n 
1 63  ILE n 
1 64  ASN n 
1 65  PHE n 
1 66  LYS n 
1 67  VAL n 
1 68  GLY n 
1 69  GLU n 
1 70  GLU n 
1 71  PHE n 
1 72  GLU n 
1 73  GLU n 
1 74  GLN n 
1 75  THR n 
1 76  VAL n 
1 77  ASP n 
1 78  GLY n 
1 79  ARG n 
1 80  PRO n 
1 81  CYS n 
1 82  LYS n 
1 83  SER n 
1 84  LEU n 
1 85  VAL n 
1 86  LYS n 
1 87  TRP n 
1 88  GLU n 
1 89  SER n 
1 90  GLU n 
1 91  ASN n 
1 92  LYS n 
1 93  MET n 
1 94  VAL n 
1 95  CYS n 
1 96  GLU n 
1 97  GLN n 
1 98  LYS n 
1 99  LEU n 
1 100 LEU n 
1 101 LYS n 
1 102 GLY n 
1 103 GLU n 
1 104 GLY n 
1 105 PRO n 
1 106 LYS n 
1 107 THR n 
1 108 SER n 
1 109 TRP n 
1 110 THR n 
1 111 LYS n 
1 112 GLU n 
1 113 LEU n 
1 114 THR n 
1 115 ASN n 
1 116 ASP n 
1 117 GLY n 
1 118 GLU n 
1 119 LEU n 
1 120 ILE n 
1 121 GLU n 
1 122 THR n 
1 123 MET n 
1 124 THR n 
1 125 ALA n 
1 126 ASP n 
1 127 ASP n 
1 128 VAL n 
1 129 VAL n 
1 130 CYS n 
1 131 THR n 
1 132 GLN n 
1 133 VAL n 
1 134 PHE n 
1 135 VAL n 
1 136 ARG n 
1 137 GLU n 
# 
_entity_src_gen.entity_id                          1 
_entity_src_gen.pdbx_src_id                        1 
_entity_src_gen.pdbx_alt_source_flag               sample 
_entity_src_gen.pdbx_seq_type                      'Biological sequence' 
_entity_src_gen.pdbx_beg_seq_num                   1 
_entity_src_gen.pdbx_end_seq_num                   137 
_entity_src_gen.gene_src_common_name               Human 
_entity_src_gen.gene_src_genus                     ? 
_entity_src_gen.pdbx_gene_src_gene                 CRABP2 
_entity_src_gen.gene_src_species                   ? 
_entity_src_gen.gene_src_strain                    ? 
_entity_src_gen.gene_src_tissue                    ? 
_entity_src_gen.gene_src_tissue_fraction           ? 
_entity_src_gen.gene_src_details                   ? 
_entity_src_gen.pdbx_gene_src_fragment             ? 
_entity_src_gen.pdbx_gene_src_scientific_name      'Homo sapiens' 
_entity_src_gen.pdbx_gene_src_ncbi_taxonomy_id     9606 
_entity_src_gen.pdbx_gene_src_variant              ? 
_entity_src_gen.pdbx_gene_src_cell_line            ? 
_entity_src_gen.pdbx_gene_src_atcc                 ? 
_entity_src_gen.pdbx_gene_src_organ                ? 
_entity_src_gen.pdbx_gene_src_organelle            ? 
_entity_src_gen.pdbx_gene_src_cell                 ? 
_entity_src_gen.pdbx_gene_src_cellular_location    ? 
_entity_src_gen.host_org_common_name               ? 
_entity_src_gen.pdbx_host_org_scientific_name      'Bacterial expression vector pBEN1-SGC' 
_entity_src_gen.pdbx_host_org_ncbi_taxonomy_id     747347 
_entity_src_gen.host_org_genus                     ? 
_entity_src_gen.pdbx_host_org_gene                 ? 
_entity_src_gen.pdbx_host_org_organ                ? 
_entity_src_gen.host_org_species                   ? 
_entity_src_gen.pdbx_host_org_tissue               ? 
_entity_src_gen.pdbx_host_org_tissue_fraction      ? 
_entity_src_gen.pdbx_host_org_strain               ? 
_entity_src_gen.pdbx_host_org_variant              ? 
_entity_src_gen.pdbx_host_org_cell_line            ? 
_entity_src_gen.pdbx_host_org_atcc                 ? 
_entity_src_gen.pdbx_host_org_culture_collection   ? 
_entity_src_gen.pdbx_host_org_cell                 ? 
_entity_src_gen.pdbx_host_org_organelle            ? 
_entity_src_gen.pdbx_host_org_cellular_location    ? 
_entity_src_gen.pdbx_host_org_vector_type          ? 
_entity_src_gen.pdbx_host_org_vector               ? 
_entity_src_gen.host_org_details                   ? 
_entity_src_gen.expression_system_id               ? 
_entity_src_gen.plasmid_name                       ? 
_entity_src_gen.plasmid_details                    ? 
_entity_src_gen.pdbx_description                   ? 
# 
loop_
_chem_comp.id 
_chem_comp.type 
_chem_comp.mon_nstd_flag 
_chem_comp.name 
_chem_comp.pdbx_synonyms 
_chem_comp.formula 
_chem_comp.formula_weight 
ALA 'L-peptide linking' y ALANINE         ?                               'C3 H7 N O2'     89.093  
ARG 'L-peptide linking' y ARGININE        ?                               'C6 H15 N4 O2 1' 175.209 
ASN 'L-peptide linking' y ASPARAGINE      ?                               'C4 H8 N2 O3'    132.118 
ASP 'L-peptide linking' y 'ASPARTIC ACID' ?                               'C4 H7 N O4'     133.103 
CYS 'L-peptide linking' y CYSTEINE        ?                               'C3 H7 N O2 S'   121.158 
GLN 'L-peptide linking' y GLUTAMINE       ?                               'C5 H10 N2 O3'   146.144 
GLU 'L-peptide linking' y 'GLUTAMIC ACID' ?                               'C5 H9 N O4'     147.129 
GLY 'peptide linking'   y GLYCINE         ?                               'C2 H5 N O2'     75.067  
GOL non-polymer         . GLYCEROL        'GLYCERIN; PROPANE-1,2,3-TRIOL' 'C3 H8 O3'       92.094  
HOH non-polymer         . WATER           ?                               'H2 O'           18.015  
ILE 'L-peptide linking' y ISOLEUCINE      ?                               'C6 H13 N O2'    131.173 
LEU 'L-peptide linking' y LEUCINE         ?                               'C6 H13 N O2'    131.173 
LYS 'L-peptide linking' y LYSINE          ?                               'C6 H15 N2 O2 1' 147.195 
MET 'L-peptide linking' y METHIONINE      ?                               'C5 H11 N O2 S'  149.211 
PHE 'L-peptide linking' y PHENYLALANINE   ?                               'C9 H11 N O2'    165.189 
PRO 'L-peptide linking' y PROLINE         ?                               'C5 H9 N O2'     115.130 
RET non-polymer         . RETINAL         ?                               'C20 H28 O'      284.436 
SER 'L-peptide linking' y SERINE          ?                               'C3 H7 N O3'     105.093 
THR 'L-peptide linking' y THREONINE       ?                               'C4 H9 N O3'     119.119 
TRP 'L-peptide linking' y TRYPTOPHAN      ?                               'C11 H12 N2 O2'  204.225 
TYR 'L-peptide linking' y TYROSINE        ?                               'C9 H11 N O3'    181.189 
VAL 'L-peptide linking' y VALINE          ?                               'C5 H11 N O2'    117.146 
# 
loop_
_pdbx_poly_seq_scheme.asym_id 
_pdbx_poly_seq_scheme.entity_id 
_pdbx_poly_seq_scheme.seq_id 
_pdbx_poly_seq_scheme.mon_id 
_pdbx_poly_seq_scheme.ndb_seq_num 
_pdbx_poly_seq_scheme.pdb_seq_num 
_pdbx_poly_seq_scheme.auth_seq_num 
_pdbx_poly_seq_scheme.pdb_mon_id 
_pdbx_poly_seq_scheme.auth_mon_id 
_pdbx_poly_seq_scheme.pdb_strand_id 
_pdbx_poly_seq_scheme.pdb_ins_code 
_pdbx_poly_seq_scheme.hetero 
A 1 1   PRO 1   1   1   PRO PRO A . n 
A 1 2   ASN 2   2   2   ASN ASN A . n 
A 1 3   PHE 3   3   3   PHE PHE A . n 
A 1 4   SER 4   4   4   SER SER A . n 
A 1 5   GLY 5   5   5   GLY GLY A . n 
A 1 6   ASN 6   6   6   ASN ASN A . n 
A 1 7   TRP 7   7   7   TRP TRP A . n 
A 1 8   LYS 8   8   8   LYS LYS A . n 
A 1 9   ILE 9   9   9   ILE ILE A . n 
A 1 10  ILE 10  10  10  ILE ILE A . n 
A 1 11  ARG 11  11  11  ARG ARG A . n 
A 1 12  SER 12  12  12  SER SER A . n 
A 1 13  GLU 13  13  13  GLU GLU A . n 
A 1 14  ASN 14  14  14  ASN ASN A . n 
A 1 15  PHE 15  15  15  PHE PHE A . n 
A 1 16  GLU 16  16  16  GLU GLU A . n 
A 1 17  GLU 17  17  17  GLU GLU A . n 
A 1 18  LEU 18  18  18  LEU LEU A . n 
A 1 19  LEU 19  19  19  LEU LEU A . n 
A 1 20  LYS 20  20  20  LYS LYS A . n 
A 1 21  VAL 21  21  21  VAL VAL A . n 
A 1 22  LEU 22  22  22  LEU LEU A . n 
A 1 23  GLY 23  23  23  GLY GLY A . n 
A 1 24  VAL 24  24  24  VAL VAL A . n 
A 1 25  ASN 25  25  25  ASN ASN A . n 
A 1 26  VAL 26  26  26  VAL VAL A . n 
A 1 27  MET 27  27  27  MET MET A . n 
A 1 28  LEU 28  28  28  LEU LEU A . n 
A 1 29  ARG 29  29  29  ARG ARG A . n 
A 1 30  LYS 30  30  30  LYS LYS A . n 
A 1 31  ILE 31  31  31  ILE ILE A . n 
A 1 32  TYR 32  32  32  TYR TYR A . n 
A 1 33  VAL 33  33  33  VAL VAL A . n 
A 1 34  ALA 34  34  34  ALA ALA A . n 
A 1 35  ALA 35  35  35  ALA ALA A . n 
A 1 36  ALA 36  36  36  ALA ALA A . n 
A 1 37  SER 37  37  37  SER SER A . n 
A 1 38  LYS 38  38  38  LYS LYS A . n 
A 1 39  TYR 39  39  39  TYR TYR A . n 
A 1 40  ALA 40  40  40  ALA ALA A . n 
A 1 41  VAL 41  41  41  VAL VAL A . n 
A 1 42  GLU 42  42  42  GLU GLU A . n 
A 1 43  ILE 43  43  43  ILE ILE A . n 
A 1 44  LYS 44  44  44  LYS LYS A . n 
A 1 45  GLN 45  45  45  GLN GLN A . n 
A 1 46  GLU 46  46  46  GLU GLU A . n 
A 1 47  GLY 47  47  47  GLY GLY A . n 
A 1 48  ASP 48  48  48  ASP ASP A . n 
A 1 49  THR 49  49  49  THR THR A . n 
A 1 50  PHE 50  50  50  PHE PHE A . n 
A 1 51  TYR 51  51  51  TYR TYR A . n 
A 1 52  ILE 52  52  52  ILE ILE A . n 
A 1 53  LYS 53  53  53  LYS LYS A . n 
A 1 54  VAL 54  54  54  VAL VAL A . n 
A 1 55  SER 55  55  55  SER SER A . n 
A 1 56  THR 56  56  56  THR THR A . n 
A 1 57  THR 57  57  57  THR THR A . n 
A 1 58  VAL 58  58  58  VAL VAL A . n 
A 1 59  TYR 59  59  59  TYR TYR A . n 
A 1 60  THR 60  60  60  THR THR A . n 
A 1 61  THR 61  61  61  THR THR A . n 
A 1 62  GLU 62  62  62  GLU GLU A . n 
A 1 63  ILE 63  63  63  ILE ILE A . n 
A 1 64  ASN 64  64  64  ASN ASN A . n 
A 1 65  PHE 65  65  65  PHE PHE A . n 
A 1 66  LYS 66  66  66  LYS LYS A . n 
A 1 67  VAL 67  67  67  VAL VAL A . n 
A 1 68  GLY 68  68  68  GLY GLY A . n 
A 1 69  GLU 69  69  69  GLU GLU A . n 
A 1 70  GLU 70  70  70  GLU GLU A . n 
A 1 71  PHE 71  71  71  PHE PHE A . n 
A 1 72  GLU 72  72  72  GLU GLU A . n 
A 1 73  GLU 73  73  73  GLU GLU A . n 
A 1 74  GLN 74  74  74  GLN GLN A . n 
A 1 75  THR 75  75  75  THR THR A . n 
A 1 76  VAL 76  76  76  VAL VAL A . n 
A 1 77  ASP 77  77  77  ASP ASP A . n 
A 1 78  GLY 78  78  78  GLY GLY A . n 
A 1 79  ARG 79  79  79  ARG ARG A . n 
A 1 80  PRO 80  80  80  PRO PRO A . n 
A 1 81  CYS 81  81  81  CYS CYS A . n 
A 1 82  LYS 82  82  82  LYS LYS A . n 
A 1 83  SER 83  83  83  SER SER A . n 
A 1 84  LEU 84  84  84  LEU LEU A . n 
A 1 85  VAL 85  85  85  VAL VAL A . n 
A 1 86  LYS 86  86  86  LYS LYS A . n 
A 1 87  TRP 87  87  87  TRP TRP A . n 
A 1 88  GLU 88  88  88  GLU GLU A . n 
A 1 89  SER 89  89  89  SER SER A . n 
A 1 90  GLU 90  90  90  GLU GLU A . n 
A 1 91  ASN 91  91  91  ASN ASN A . n 
A 1 92  LYS 92  92  92  LYS LYS A . n 
A 1 93  MET 93  93  93  MET MET A . n 
A 1 94  VAL 94  94  94  VAL VAL A . n 
A 1 95  CYS 95  95  95  CYS CYS A . n 
A 1 96  GLU 96  96  96  GLU GLU A . n 
A 1 97  GLN 97  97  97  GLN GLN A . n 
A 1 98  LYS 98  98  98  LYS LYS A . n 
A 1 99  LEU 99  99  99  LEU LEU A . n 
A 1 100 LEU 100 100 100 LEU LEU A . n 
A 1 101 LYS 101 101 101 LYS LYS A . n 
A 1 102 GLY 102 102 102 GLY GLY A . n 
A 1 103 GLU 103 103 103 GLU GLU A . n 
A 1 104 GLY 104 104 104 GLY GLY A . n 
A 1 105 PRO 105 105 105 PRO PRO A . n 
A 1 106 LYS 106 106 106 LYS LYS A . n 
A 1 107 THR 107 107 107 THR THR A . n 
A 1 108 SER 108 108 108 SER SER A . n 
A 1 109 TRP 109 109 109 TRP TRP A . n 
A 1 110 THR 110 110 110 THR THR A . n 
A 1 111 LYS 111 111 111 LYS LYS A . n 
A 1 112 GLU 112 112 112 GLU GLU A . n 
A 1 113 LEU 113 113 113 LEU LEU A . n 
A 1 114 THR 114 114 114 THR THR A . n 
A 1 115 ASN 115 115 115 ASN ASN A . n 
A 1 116 ASP 116 116 116 ASP ASP A . n 
A 1 117 GLY 117 117 117 GLY GLY A . n 
A 1 118 GLU 118 118 118 GLU GLU A . n 
A 1 119 LEU 119 119 119 LEU LEU A . n 
A 1 120 ILE 120 120 120 ILE ILE A . n 
A 1 121 GLU 121 121 121 GLU GLU A . n 
A 1 122 THR 122 122 122 THR THR A . n 
A 1 123 MET 123 123 123 MET MET A . n 
A 1 124 THR 124 124 124 THR THR A . n 
A 1 125 ALA 125 125 125 ALA ALA A . n 
A 1 126 ASP 126 126 126 ASP ASP A . n 
A 1 127 ASP 127 127 127 ASP ASP A . n 
A 1 128 VAL 128 128 128 VAL VAL A . n 
A 1 129 VAL 129 129 129 VAL VAL A . n 
A 1 130 CYS 130 130 130 CYS CYS A . n 
A 1 131 THR 131 131 131 THR THR A . n 
A 1 132 GLN 132 132 132 GLN GLN A . n 
A 1 133 VAL 133 133 133 VAL VAL A . n 
A 1 134 PHE 134 134 134 PHE PHE A . n 
A 1 135 VAL 135 135 135 VAL VAL A . n 
A 1 136 ARG 136 136 136 ARG ARG A . n 
A 1 137 GLU 137 137 137 GLU GLU A . n 
# 
_pdbx_entity_instance_feature.ordinal        1 
_pdbx_entity_instance_feature.comp_id        RET 
_pdbx_entity_instance_feature.asym_id        ? 
_pdbx_entity_instance_feature.seq_num        ? 
_pdbx_entity_instance_feature.auth_comp_id   RET 
_pdbx_entity_instance_feature.auth_asym_id   ? 
_pdbx_entity_instance_feature.auth_seq_num   ? 
_pdbx_entity_instance_feature.feature_type   'SUBJECT OF INVESTIGATION' 
_pdbx_entity_instance_feature.details        ? 
# 
loop_
_pdbx_nonpoly_scheme.asym_id 
_pdbx_nonpoly_scheme.entity_id 
_pdbx_nonpoly_scheme.mon_id 
_pdbx_nonpoly_scheme.ndb_seq_num 
_pdbx_nonpoly_scheme.pdb_seq_num 
_pdbx_nonpoly_scheme.auth_seq_num 
_pdbx_nonpoly_scheme.pdb_mon_id 
_pdbx_nonpoly_scheme.auth_mon_id 
_pdbx_nonpoly_scheme.pdb_strand_id 
_pdbx_nonpoly_scheme.pdb_ins_code 
B 2 RET 1   201 1   RET RET A . 
C 3 GOL 1   202 3   GOL GOL A . 
D 3 GOL 1   203 4   GOL GOL A . 
E 4 HOH 1   301 49  HOH HOH A . 
E 4 HOH 2   302 39  HOH HOH A . 
E 4 HOH 3   303 128 HOH HOH A . 
E 4 HOH 4   304 125 HOH HOH A . 
E 4 HOH 5   305 79  HOH HOH A . 
E 4 HOH 6   306 89  HOH HOH A . 
E 4 HOH 7   307 130 HOH HOH A . 
E 4 HOH 8   308 117 HOH HOH A . 
E 4 HOH 9   309 38  HOH HOH A . 
E 4 HOH 10  310 76  HOH HOH A . 
E 4 HOH 11  311 119 HOH HOH A . 
E 4 HOH 12  312 120 HOH HOH A . 
E 4 HOH 13  313 112 HOH HOH A . 
E 4 HOH 14  314 104 HOH HOH A . 
E 4 HOH 15  315 57  HOH HOH A . 
E 4 HOH 16  316 46  HOH HOH A . 
E 4 HOH 17  317 25  HOH HOH A . 
E 4 HOH 18  318 7   HOH HOH A . 
E 4 HOH 19  319 10  HOH HOH A . 
E 4 HOH 20  320 30  HOH HOH A . 
E 4 HOH 21  321 20  HOH HOH A . 
E 4 HOH 22  322 14  HOH HOH A . 
E 4 HOH 23  323 11  HOH HOH A . 
E 4 HOH 24  324 133 HOH HOH A . 
E 4 HOH 25  325 37  HOH HOH A . 
E 4 HOH 26  326 134 HOH HOH A . 
E 4 HOH 27  327 92  HOH HOH A . 
E 4 HOH 28  328 45  HOH HOH A . 
E 4 HOH 29  329 19  HOH HOH A . 
E 4 HOH 30  330 2   HOH HOH A . 
E 4 HOH 31  331 127 HOH HOH A . 
E 4 HOH 32  332 78  HOH HOH A . 
E 4 HOH 33  333 122 HOH HOH A . 
E 4 HOH 34  334 95  HOH HOH A . 
E 4 HOH 35  335 5   HOH HOH A . 
E 4 HOH 36  336 116 HOH HOH A . 
E 4 HOH 37  337 98  HOH HOH A . 
E 4 HOH 38  338 26  HOH HOH A . 
E 4 HOH 39  339 136 HOH HOH A . 
E 4 HOH 40  340 53  HOH HOH A . 
E 4 HOH 41  341 36  HOH HOH A . 
E 4 HOH 42  342 59  HOH HOH A . 
E 4 HOH 43  343 42  HOH HOH A . 
E 4 HOH 44  344 131 HOH HOH A . 
E 4 HOH 45  345 22  HOH HOH A . 
E 4 HOH 46  346 43  HOH HOH A . 
E 4 HOH 47  347 82  HOH HOH A . 
E 4 HOH 48  348 21  HOH HOH A . 
E 4 HOH 49  349 129 HOH HOH A . 
E 4 HOH 50  350 13  HOH HOH A . 
E 4 HOH 51  351 60  HOH HOH A . 
E 4 HOH 52  352 12  HOH HOH A . 
E 4 HOH 53  353 44  HOH HOH A . 
E 4 HOH 54  354 9   HOH HOH A . 
E 4 HOH 55  355 58  HOH HOH A . 
E 4 HOH 56  356 3   HOH HOH A . 
E 4 HOH 57  357 33  HOH HOH A . 
E 4 HOH 58  358 24  HOH HOH A . 
E 4 HOH 59  359 50  HOH HOH A . 
E 4 HOH 60  360 52  HOH HOH A . 
E 4 HOH 61  361 16  HOH HOH A . 
E 4 HOH 62  362 123 HOH HOH A . 
E 4 HOH 63  363 47  HOH HOH A . 
E 4 HOH 64  364 114 HOH HOH A . 
E 4 HOH 65  365 8   HOH HOH A . 
E 4 HOH 66  366 41  HOH HOH A . 
E 4 HOH 67  367 18  HOH HOH A . 
E 4 HOH 68  368 31  HOH HOH A . 
E 4 HOH 69  369 84  HOH HOH A . 
E 4 HOH 70  370 54  HOH HOH A . 
E 4 HOH 71  371 106 HOH HOH A . 
E 4 HOH 72  372 4   HOH HOH A . 
E 4 HOH 73  373 56  HOH HOH A . 
E 4 HOH 74  374 87  HOH HOH A . 
E 4 HOH 75  375 23  HOH HOH A . 
E 4 HOH 76  376 6   HOH HOH A . 
E 4 HOH 77  377 68  HOH HOH A . 
E 4 HOH 78  378 28  HOH HOH A . 
E 4 HOH 79  379 103 HOH HOH A . 
E 4 HOH 80  380 27  HOH HOH A . 
E 4 HOH 81  381 17  HOH HOH A . 
E 4 HOH 82  382 108 HOH HOH A . 
E 4 HOH 83  383 48  HOH HOH A . 
E 4 HOH 84  384 113 HOH HOH A . 
E 4 HOH 85  385 86  HOH HOH A . 
E 4 HOH 86  386 132 HOH HOH A . 
E 4 HOH 87  387 110 HOH HOH A . 
E 4 HOH 88  388 40  HOH HOH A . 
E 4 HOH 89  389 121 HOH HOH A . 
E 4 HOH 90  390 15  HOH HOH A . 
E 4 HOH 91  391 32  HOH HOH A . 
E 4 HOH 92  392 88  HOH HOH A . 
E 4 HOH 93  393 55  HOH HOH A . 
E 4 HOH 94  394 61  HOH HOH A . 
E 4 HOH 95  395 135 HOH HOH A . 
E 4 HOH 96  396 107 HOH HOH A . 
E 4 HOH 97  397 67  HOH HOH A . 
E 4 HOH 98  398 29  HOH HOH A . 
E 4 HOH 99  399 126 HOH HOH A . 
E 4 HOH 100 400 74  HOH HOH A . 
E 4 HOH 101 401 101 HOH HOH A . 
E 4 HOH 102 402 124 HOH HOH A . 
E 4 HOH 103 403 81  HOH HOH A . 
E 4 HOH 104 404 83  HOH HOH A . 
E 4 HOH 105 405 80  HOH HOH A . 
E 4 HOH 106 406 64  HOH HOH A . 
E 4 HOH 107 407 100 HOH HOH A . 
E 4 HOH 108 408 109 HOH HOH A . 
E 4 HOH 109 409 63  HOH HOH A . 
E 4 HOH 110 410 35  HOH HOH A . 
E 4 HOH 111 411 66  HOH HOH A . 
# 
loop_
_pdbx_unobs_or_zero_occ_atoms.id 
_pdbx_unobs_or_zero_occ_atoms.PDB_model_num 
_pdbx_unobs_or_zero_occ_atoms.polymer_flag 
_pdbx_unobs_or_zero_occ_atoms.occupancy_flag 
_pdbx_unobs_or_zero_occ_atoms.auth_asym_id 
_pdbx_unobs_or_zero_occ_atoms.auth_comp_id 
_pdbx_unobs_or_zero_occ_atoms.auth_seq_id 
_pdbx_unobs_or_zero_occ_atoms.PDB_ins_code 
_pdbx_unobs_or_zero_occ_atoms.auth_atom_id 
_pdbx_unobs_or_zero_occ_atoms.label_alt_id 
_pdbx_unobs_or_zero_occ_atoms.label_asym_id 
_pdbx_unobs_or_zero_occ_atoms.label_comp_id 
_pdbx_unobs_or_zero_occ_atoms.label_seq_id 
_pdbx_unobs_or_zero_occ_atoms.label_atom_id 
1  1 Y 1 A LYS 8   ? CG ? A LYS 8   CG 
2  1 Y 1 A LYS 8   ? CD ? A LYS 8   CD 
3  1 Y 1 A LYS 8   ? CE ? A LYS 8   CE 
4  1 Y 1 A LYS 8   ? NZ ? A LYS 8   NZ 
5  1 Y 1 A LYS 38  ? CG ? A LYS 38  CG 
6  1 Y 1 A LYS 38  ? CD ? A LYS 38  CD 
7  1 Y 1 A LYS 38  ? CE ? A LYS 38  CE 
8  1 Y 1 A LYS 38  ? NZ ? A LYS 38  NZ 
9  1 Y 1 A LYS 44  ? CG ? A LYS 44  CG 
10 1 Y 1 A GLN 74  ? CD ? A GLN 74  CD 
11 1 Y 1 A LYS 82  ? CE ? A LYS 82  CE 
12 1 Y 1 A GLU 137 ? CD ? A GLU 137 CD 
# 
loop_
_software.citation_id 
_software.classification 
_software.compiler_name 
_software.compiler_version 
_software.contact_author 
_software.contact_author_email 
_software.date 
_software.description 
_software.dependencies 
_software.hardware 
_software.language 
_software.location 
_software.mods 
_software.name 
_software.os 
_software.os_version 
_software.type 
_software.version 
_software.pdbx_ordinal 
? refinement       ? ? ? ? ? ? ? ? ? ? ? PHENIX   ? ? ? '(1.11.1_2575)' 1 
? 'data reduction' ? ? ? ? ? ? ? ? ? ? ? HKL-2000 ? ? ? .               2 
? 'data scaling'   ? ? ? ? ? ? ? ? ? ? ? HKL-2000 ? ? ? .               3 
? phasing          ? ? ? ? ? ? ? ? ? ? ? PHASER   ? ? ? .               4 
# 
_cell.angle_alpha                  90.00 
_cell.angle_alpha_esd              ? 
_cell.angle_beta                   90.00 
_cell.angle_beta_esd               ? 
_cell.angle_gamma                  120.00 
_cell.angle_gamma_esd              ? 
_cell.entry_id                     6MPK 
_cell.details                      ? 
_cell.formula_units_Z              ? 
_cell.length_a                     58.761 
_cell.length_a_esd                 ? 
_cell.length_b                     58.761 
_cell.length_b_esd                 ? 
_cell.length_c                     99.174 
_cell.length_c_esd                 ? 
_cell.volume                       ? 
_cell.volume_esd                   ? 
_cell.Z_PDB                        6 
_cell.reciprocal_angle_alpha       ? 
_cell.reciprocal_angle_beta        ? 
_cell.reciprocal_angle_gamma       ? 
_cell.reciprocal_angle_alpha_esd   ? 
_cell.reciprocal_angle_beta_esd    ? 
_cell.reciprocal_angle_gamma_esd   ? 
_cell.reciprocal_length_a          ? 
_cell.reciprocal_length_b          ? 
_cell.reciprocal_length_c          ? 
_cell.reciprocal_length_a_esd      ? 
_cell.reciprocal_length_b_esd      ? 
_cell.reciprocal_length_c_esd      ? 
_cell.pdbx_unique_axis             ? 
# 
_symmetry.entry_id                         6MPK 
_symmetry.cell_setting                     ? 
_symmetry.Int_Tables_number                152 
_symmetry.space_group_name_Hall            ? 
_symmetry.space_group_name_H-M             'P 31 2 1' 
_symmetry.pdbx_full_space_group_name_H-M   ? 
# 
_exptl.absorpt_coefficient_mu     ? 
_exptl.absorpt_correction_T_max   ? 
_exptl.absorpt_correction_T_min   ? 
_exptl.absorpt_correction_type    ? 
_exptl.absorpt_process_details    ? 
_exptl.entry_id                   6MPK 
_exptl.crystals_number            1 
_exptl.details                    ? 
_exptl.method                     'X-RAY DIFFRACTION' 
_exptl.method_details             ? 
# 
_exptl_crystal.colour                      ? 
_exptl_crystal.density_diffrn              ? 
_exptl_crystal.density_Matthews            3.15 
_exptl_crystal.density_method              ? 
_exptl_crystal.density_percent_sol         60.96 
_exptl_crystal.description                 Hexagonal 
_exptl_crystal.F_000                       ? 
_exptl_crystal.id                          1 
_exptl_crystal.preparation                 ? 
_exptl_crystal.size_max                    ? 
_exptl_crystal.size_mid                    ? 
_exptl_crystal.size_min                    ? 
_exptl_crystal.size_rad                    ? 
_exptl_crystal.colour_lustre               ? 
_exptl_crystal.colour_modifier             ? 
_exptl_crystal.colour_primary              ? 
_exptl_crystal.density_meas                ? 
_exptl_crystal.density_meas_esd            ? 
_exptl_crystal.density_meas_gt             ? 
_exptl_crystal.density_meas_lt             ? 
_exptl_crystal.density_meas_temp           ? 
_exptl_crystal.density_meas_temp_esd       ? 
_exptl_crystal.density_meas_temp_gt        ? 
_exptl_crystal.density_meas_temp_lt        ? 
_exptl_crystal.pdbx_crystal_image_url      ? 
_exptl_crystal.pdbx_crystal_image_format   ? 
_exptl_crystal.pdbx_mosaicity              ? 
_exptl_crystal.pdbx_mosaicity_esd          ? 
# 
_exptl_crystal_grow.apparatus       ? 
_exptl_crystal_grow.atmosphere      ? 
_exptl_crystal_grow.crystal_id      1 
_exptl_crystal_grow.details         ? 
_exptl_crystal_grow.method          'VAPOR DIFFUSION, HANGING DROP' 
_exptl_crystal_grow.method_ref      ? 
_exptl_crystal_grow.pH              ? 
_exptl_crystal_grow.pressure        ? 
_exptl_crystal_grow.pressure_esd    ? 
_exptl_crystal_grow.seeding         ? 
_exptl_crystal_grow.seeding_ref     ? 
_exptl_crystal_grow.temp            277 
_exptl_crystal_grow.temp_details    ? 
_exptl_crystal_grow.temp_esd        ? 
_exptl_crystal_grow.time            ? 
_exptl_crystal_grow.pdbx_details    'PEG 3350, D-Malic acid' 
_exptl_crystal_grow.pdbx_pH_range   5.0-6.0 
# 
_diffrn.ambient_environment              ? 
_diffrn.ambient_temp                     100 
_diffrn.ambient_temp_details             ? 
_diffrn.ambient_temp_esd                 ? 
_diffrn.crystal_id                       1 
_diffrn.crystal_support                  ? 
_diffrn.crystal_treatment                ? 
_diffrn.details                          ? 
_diffrn.id                               1 
_diffrn.ambient_pressure                 ? 
_diffrn.ambient_pressure_esd             ? 
_diffrn.ambient_pressure_gt              ? 
_diffrn.ambient_pressure_lt              ? 
_diffrn.ambient_temp_gt                  ? 
_diffrn.ambient_temp_lt                  ? 
_diffrn.pdbx_serial_crystal_experiment   N 
# 
_diffrn_detector.details                      ? 
_diffrn_detector.detector                     CCD 
_diffrn_detector.diffrn_id                    1 
_diffrn_detector.type                         'RAYONIX MX300HE' 
_diffrn_detector.area_resol_mean              ? 
_diffrn_detector.dtime                        ? 
_diffrn_detector.pdbx_frames_total            ? 
_diffrn_detector.pdbx_collection_time_total   ? 
_diffrn_detector.pdbx_collection_date         2016-12-19 
_diffrn_detector.pdbx_frequency               ? 
# 
_diffrn_radiation.collimation                      ? 
_diffrn_radiation.diffrn_id                        1 
_diffrn_radiation.filter_edge                      ? 
_diffrn_radiation.inhomogeneity                    ? 
_diffrn_radiation.monochromator                    ? 
_diffrn_radiation.polarisn_norm                    ? 
_diffrn_radiation.polarisn_ratio                   ? 
_diffrn_radiation.probe                            ? 
_diffrn_radiation.type                             ? 
_diffrn_radiation.xray_symbol                      ? 
_diffrn_radiation.wavelength_id                    1 
_diffrn_radiation.pdbx_monochromatic_or_laue_m_l   M 
_diffrn_radiation.pdbx_wavelength_list             ? 
_diffrn_radiation.pdbx_wavelength                  ? 
_diffrn_radiation.pdbx_diffrn_protocol             'SINGLE WAVELENGTH' 
_diffrn_radiation.pdbx_analyzer                    ? 
_diffrn_radiation.pdbx_scattering_type             x-ray 
# 
_diffrn_radiation_wavelength.id           1 
_diffrn_radiation_wavelength.wavelength   0.97872 
_diffrn_radiation_wavelength.wt           1.0 
# 
_diffrn_source.current                     ? 
_diffrn_source.details                     ? 
_diffrn_source.diffrn_id                   1 
_diffrn_source.power                       ? 
_diffrn_source.size                        ? 
_diffrn_source.source                      SYNCHROTRON 
_diffrn_source.target                      ? 
_diffrn_source.type                        'APS BEAMLINE 21-ID-F' 
_diffrn_source.voltage                     ? 
_diffrn_source.take-off_angle              ? 
_diffrn_source.pdbx_wavelength_list        0.97872 
_diffrn_source.pdbx_wavelength             ? 
_diffrn_source.pdbx_synchrotron_beamline   21-ID-F 
_diffrn_source.pdbx_synchrotron_site       APS 
# 
_reflns.B_iso_Wilson_estimate            ? 
_reflns.entry_id                         6MPK 
_reflns.data_reduction_details           ? 
_reflns.data_reduction_method            ? 
_reflns.d_resolution_high                1.58 
_reflns.d_resolution_low                 35.515 
_reflns.details                          ? 
_reflns.limit_h_max                      ? 
_reflns.limit_h_min                      ? 
_reflns.limit_k_max                      ? 
_reflns.limit_k_min                      ? 
_reflns.limit_l_max                      ? 
_reflns.limit_l_min                      ? 
_reflns.number_all                       ? 
_reflns.number_obs                       27796 
_reflns.observed_criterion               ? 
_reflns.observed_criterion_F_max         ? 
_reflns.observed_criterion_F_min         ? 
_reflns.observed_criterion_I_max         ? 
_reflns.observed_criterion_I_min         ? 
_reflns.observed_criterion_sigma_F       ? 
_reflns.observed_criterion_sigma_I       ? 
_reflns.percent_possible_obs             99.77 
_reflns.R_free_details                   ? 
_reflns.Rmerge_F_all                     ? 
_reflns.Rmerge_F_obs                     ? 
_reflns.Friedel_coverage                 ? 
_reflns.number_gt                        ? 
_reflns.threshold_expression             ? 
_reflns.pdbx_redundancy                  7.2 
_reflns.pdbx_Rmerge_I_obs                0.065 
_reflns.pdbx_Rmerge_I_all                ? 
_reflns.pdbx_Rsym_value                  ? 
_reflns.pdbx_netI_over_av_sigmaI         ? 
_reflns.pdbx_netI_over_sigmaI            36 
_reflns.pdbx_res_netI_over_av_sigmaI_2   ? 
_reflns.pdbx_res_netI_over_sigmaI_2      ? 
_reflns.pdbx_chi_squared                 ? 
_reflns.pdbx_scaling_rejects             ? 
_reflns.pdbx_d_res_high_opt              ? 
_reflns.pdbx_d_res_low_opt               ? 
_reflns.pdbx_d_res_opt_method            ? 
_reflns.phase_calculation_details        ? 
_reflns.pdbx_Rrim_I_all                  ? 
_reflns.pdbx_Rpim_I_all                  ? 
_reflns.pdbx_d_opt                       ? 
_reflns.pdbx_number_measured_all         ? 
_reflns.pdbx_diffrn_id                   1 
_reflns.pdbx_ordinal                     1 
_reflns.pdbx_CC_half                     ? 
_reflns.pdbx_R_split                     ? 
# 
_reflns_shell.d_res_high                  1.58 
_reflns_shell.d_res_low                   1.62 
_reflns_shell.meanI_over_sigI_all         ? 
_reflns_shell.meanI_over_sigI_obs         2.2 
_reflns_shell.number_measured_all         ? 
_reflns_shell.number_measured_obs         ? 
_reflns_shell.number_possible             ? 
_reflns_shell.number_unique_all           ? 
_reflns_shell.number_unique_obs           2743 
_reflns_shell.percent_possible_all        100 
_reflns_shell.percent_possible_obs        ? 
_reflns_shell.Rmerge_F_all                ? 
_reflns_shell.Rmerge_F_obs                ? 
_reflns_shell.Rmerge_I_all                ? 
_reflns_shell.Rmerge_I_obs                0.605 
_reflns_shell.meanI_over_sigI_gt          ? 
_reflns_shell.meanI_over_uI_all           ? 
_reflns_shell.meanI_over_uI_gt            ? 
_reflns_shell.number_measured_gt          ? 
_reflns_shell.number_unique_gt            ? 
_reflns_shell.percent_possible_gt         ? 
_reflns_shell.Rmerge_F_gt                 ? 
_reflns_shell.Rmerge_I_gt                 ? 
_reflns_shell.pdbx_redundancy             7.2 
_reflns_shell.pdbx_Rsym_value             ? 
_reflns_shell.pdbx_chi_squared            ? 
_reflns_shell.pdbx_netI_over_sigmaI_all   ? 
_reflns_shell.pdbx_netI_over_sigmaI_obs   ? 
_reflns_shell.pdbx_Rrim_I_all             ? 
_reflns_shell.pdbx_Rpim_I_all             ? 
_reflns_shell.pdbx_rejects                ? 
_reflns_shell.pdbx_ordinal                1 
_reflns_shell.pdbx_diffrn_id              1 
_reflns_shell.pdbx_CC_half                ? 
_reflns_shell.pdbx_R_split                ? 
# 
_refine.aniso_B[1][1]                            ? 
_refine.aniso_B[1][2]                            ? 
_refine.aniso_B[1][3]                            ? 
_refine.aniso_B[2][2]                            ? 
_refine.aniso_B[2][3]                            ? 
_refine.aniso_B[3][3]                            ? 
_refine.B_iso_max                                ? 
_refine.B_iso_mean                               ? 
_refine.B_iso_min                                ? 
_refine.correlation_coeff_Fo_to_Fc               ? 
_refine.correlation_coeff_Fo_to_Fc_free          ? 
_refine.details                                  ? 
_refine.diff_density_max                         ? 
_refine.diff_density_max_esd                     ? 
_refine.diff_density_min                         ? 
_refine.diff_density_min_esd                     ? 
_refine.diff_density_rms                         ? 
_refine.diff_density_rms_esd                     ? 
_refine.entry_id                                 6MPK 
_refine.pdbx_refine_id                           'X-RAY DIFFRACTION' 
_refine.ls_abs_structure_details                 ? 
_refine.ls_abs_structure_Flack                   ? 
_refine.ls_abs_structure_Flack_esd               ? 
_refine.ls_abs_structure_Rogers                  ? 
_refine.ls_abs_structure_Rogers_esd              ? 
_refine.ls_d_res_high                            1.580 
_refine.ls_d_res_low                             35.515 
_refine.ls_extinction_coef                       ? 
_refine.ls_extinction_coef_esd                   ? 
_refine.ls_extinction_expression                 ? 
_refine.ls_extinction_method                     ? 
_refine.ls_goodness_of_fit_all                   ? 
_refine.ls_goodness_of_fit_all_esd               ? 
_refine.ls_goodness_of_fit_obs                   ? 
_refine.ls_goodness_of_fit_obs_esd               ? 
_refine.ls_hydrogen_treatment                    ? 
_refine.ls_matrix_type                           ? 
_refine.ls_number_constraints                    ? 
_refine.ls_number_parameters                     ? 
_refine.ls_number_reflns_all                     ? 
_refine.ls_number_reflns_obs                     27754 
_refine.ls_number_reflns_R_free                  1438 
_refine.ls_number_reflns_R_work                  ? 
_refine.ls_number_restraints                     ? 
_refine.ls_percent_reflns_obs                    99.78 
_refine.ls_percent_reflns_R_free                 5.18 
_refine.ls_R_factor_all                          ? 
_refine.ls_R_factor_obs                          0.2039 
_refine.ls_R_factor_R_free                       0.2217 
_refine.ls_R_factor_R_free_error                 ? 
_refine.ls_R_factor_R_free_error_details         ? 
_refine.ls_R_factor_R_work                       0.2029 
_refine.ls_R_Fsqd_factor_obs                     ? 
_refine.ls_R_I_factor_obs                        ? 
_refine.ls_redundancy_reflns_all                 ? 
_refine.ls_redundancy_reflns_obs                 ? 
_refine.ls_restrained_S_all                      ? 
_refine.ls_restrained_S_obs                      ? 
_refine.ls_shift_over_esd_max                    ? 
_refine.ls_shift_over_esd_mean                   ? 
_refine.ls_structure_factor_coef                 ? 
_refine.ls_weighting_details                     ? 
_refine.ls_weighting_scheme                      ? 
_refine.ls_wR_factor_all                         ? 
_refine.ls_wR_factor_obs                         ? 
_refine.ls_wR_factor_R_free                      ? 
_refine.ls_wR_factor_R_work                      ? 
_refine.occupancy_max                            ? 
_refine.occupancy_min                            ? 
_refine.solvent_model_details                    ? 
_refine.solvent_model_param_bsol                 ? 
_refine.solvent_model_param_ksol                 ? 
_refine.ls_R_factor_gt                           ? 
_refine.ls_goodness_of_fit_gt                    ? 
_refine.ls_goodness_of_fit_ref                   ? 
_refine.ls_shift_over_su_max                     ? 
_refine.ls_shift_over_su_max_lt                  ? 
_refine.ls_shift_over_su_mean                    ? 
_refine.ls_shift_over_su_mean_lt                 ? 
_refine.pdbx_ls_sigma_I                          ? 
_refine.pdbx_ls_sigma_F                          1.35 
_refine.pdbx_ls_sigma_Fsqd                       ? 
_refine.pdbx_data_cutoff_high_absF               ? 
_refine.pdbx_data_cutoff_high_rms_absF           ? 
_refine.pdbx_data_cutoff_low_absF                ? 
_refine.pdbx_isotropic_thermal_model             ? 
_refine.pdbx_ls_cross_valid_method               'FREE R-VALUE' 
_refine.pdbx_method_to_determine_struct          'MOLECULAR REPLACEMENT' 
_refine.pdbx_starting_model                      4yfp 
_refine.pdbx_stereochemistry_target_values       ? 
_refine.pdbx_R_Free_selection_details            ? 
_refine.pdbx_stereochem_target_val_spec_case     ? 
_refine.pdbx_overall_ESU_R                       ? 
_refine.pdbx_overall_ESU_R_Free                  ? 
_refine.pdbx_solvent_vdw_probe_radii             1.11 
_refine.pdbx_solvent_ion_probe_radii             ? 
_refine.pdbx_solvent_shrinkage_radii             0.90 
_refine.pdbx_real_space_R                        ? 
_refine.pdbx_density_correlation                 ? 
_refine.pdbx_pd_number_of_powder_patterns        ? 
_refine.pdbx_pd_number_of_points                 ? 
_refine.pdbx_pd_meas_number_of_points            ? 
_refine.pdbx_pd_proc_ls_prof_R_factor            ? 
_refine.pdbx_pd_proc_ls_prof_wR_factor           ? 
_refine.pdbx_pd_Marquardt_correlation_coeff      ? 
_refine.pdbx_pd_Fsqrd_R_factor                   ? 
_refine.pdbx_pd_ls_matrix_band_width             ? 
_refine.pdbx_overall_phase_error                 27.33 
_refine.pdbx_overall_SU_R_free_Cruickshank_DPI   ? 
_refine.pdbx_overall_SU_R_free_Blow_DPI          ? 
_refine.pdbx_overall_SU_R_Blow_DPI               ? 
_refine.pdbx_TLS_residual_ADP_flag               ? 
_refine.pdbx_diffrn_id                           1 
_refine.overall_SU_B                             ? 
_refine.overall_SU_ML                            0.20 
_refine.overall_SU_R_Cruickshank_DPI             ? 
_refine.overall_SU_R_free                        ? 
_refine.overall_FOM_free_R_set                   ? 
_refine.overall_FOM_work_R_set                   ? 
_refine.pdbx_average_fsc_overall                 ? 
_refine.pdbx_average_fsc_work                    ? 
_refine.pdbx_average_fsc_free                    ? 
# 
_refine_hist.pdbx_refine_id                   'X-RAY DIFFRACTION' 
_refine_hist.cycle_id                         LAST 
_refine_hist.pdbx_number_atoms_protein        1092 
_refine_hist.pdbx_number_atoms_nucleic_acid   0 
_refine_hist.pdbx_number_atoms_ligand         32 
_refine_hist.number_atoms_solvent             111 
_refine_hist.number_atoms_total               1235 
_refine_hist.d_res_high                       1.580 
_refine_hist.d_res_low                        35.515 
# 
loop_
_refine_ls_restr.pdbx_refine_id 
_refine_ls_restr.criterion 
_refine_ls_restr.dev_ideal 
_refine_ls_restr.dev_ideal_target 
_refine_ls_restr.number 
_refine_ls_restr.rejects 
_refine_ls_restr.type 
_refine_ls_restr.weight 
_refine_ls_restr.pdbx_restraint_function 
'X-RAY DIFFRACTION' ? 0.006 ? 1221 ? f_bond_d           ? ? 
'X-RAY DIFFRACTION' ? 0.870 ? 1669 ? f_angle_d          ? ? 
'X-RAY DIFFRACTION' ? 9.058 ? 1245 ? f_dihedral_angle_d ? ? 
'X-RAY DIFFRACTION' ? 0.053 ? 190  ? f_chiral_restr     ? ? 
'X-RAY DIFFRACTION' ? 0.004 ? 212  ? f_plane_restr      ? ? 
# 
loop_
_refine_ls_shell.pdbx_refine_id 
_refine_ls_shell.d_res_high 
_refine_ls_shell.d_res_low 
_refine_ls_shell.number_reflns_all 
_refine_ls_shell.number_reflns_obs 
_refine_ls_shell.number_reflns_R_free 
_refine_ls_shell.number_reflns_R_work 
_refine_ls_shell.percent_reflns_obs 
_refine_ls_shell.percent_reflns_R_free 
_refine_ls_shell.R_factor_all 
_refine_ls_shell.R_factor_obs 
_refine_ls_shell.R_factor_R_free 
_refine_ls_shell.R_factor_R_free_error 
_refine_ls_shell.R_factor_R_work 
_refine_ls_shell.redundancy_reflns_all 
_refine_ls_shell.redundancy_reflns_obs 
_refine_ls_shell.wR_factor_all 
_refine_ls_shell.wR_factor_obs 
_refine_ls_shell.wR_factor_R_free 
_refine_ls_shell.wR_factor_R_work 
_refine_ls_shell.pdbx_total_number_of_bins_used 
_refine_ls_shell.pdbx_phase_error 
_refine_ls_shell.pdbx_fsc_work 
_refine_ls_shell.pdbx_fsc_free 
'X-RAY DIFFRACTION' 1.5800 1.6365  . . 139 2592 100.00 . . . 0.3283 . 0.3081 . . . . . . . . . . 
'X-RAY DIFFRACTION' 1.6365 1.7020  . . 142 2556 100.00 . . . 0.3454 . 0.2823 . . . . . . . . . . 
'X-RAY DIFFRACTION' 1.7020 1.7795  . . 142 2612 100.00 . . . 0.2975 . 0.2551 . . . . . . . . . . 
'X-RAY DIFFRACTION' 1.7795 1.8733  . . 144 2588 100.00 . . . 0.3013 . 0.2467 . . . . . . . . . . 
'X-RAY DIFFRACTION' 1.8733 1.9906  . . 142 2611 100.00 . . . 0.2480 . 0.2253 . . . . . . . . . . 
'X-RAY DIFFRACTION' 1.9906 2.1443  . . 144 2621 100.00 . . . 0.2188 . 0.2159 . . . . . . . . . . 
'X-RAY DIFFRACTION' 2.1443 2.3601  . . 142 2637 100.00 . . . 0.2550 . 0.2209 . . . . . . . . . . 
'X-RAY DIFFRACTION' 2.3601 2.7015  . . 144 2626 100.00 . . . 0.2484 . 0.2247 . . . . . . . . . . 
'X-RAY DIFFRACTION' 2.7015 3.4031  . . 146 2690 100.00 . . . 0.2308 . 0.2085 . . . . . . . . . . 
'X-RAY DIFFRACTION' 3.4031 35.5235 . . 153 2783 99.00  . . . 0.1749 . 0.1646 . . . . . . . . . . 
# 
_struct.entry_id                     6MPK 
_struct.title                        
;Crystal Structure of the 13-cis Retinal-Bound R111K:Y134F:T54V:R132Q:P39Y:R59Y:L121E:A32Y Mutant of Human Cellular Retinoic Acid Binding Protein II in the Dark at 1.58 Angstrom Resolution
;
_struct.pdbx_model_details           ? 
_struct.pdbx_formula_weight          ? 
_struct.pdbx_formula_weight_method   ? 
_struct.pdbx_model_type_details      ? 
_struct.pdbx_CASP_flag               N 
# 
_struct_keywords.entry_id        6MPK 
_struct_keywords.text            'iLBP, Rhodopsin mimic, LIPID BINDING PROTEIN' 
_struct_keywords.pdbx_keywords   'LIPID BINDING PROTEIN' 
# 
loop_
_struct_asym.id 
_struct_asym.pdbx_blank_PDB_chainid_flag 
_struct_asym.pdbx_modified 
_struct_asym.entity_id 
_struct_asym.details 
A N N 1 ? 
B N N 2 ? 
C N N 3 ? 
D N N 3 ? 
E N N 4 ? 
# 
_struct_ref.id                         1 
_struct_ref.db_name                    UNP 
_struct_ref.db_code                    RABP2_HUMAN 
_struct_ref.pdbx_db_accession          P29373 
_struct_ref.pdbx_db_isoform            ? 
_struct_ref.entity_id                  1 
_struct_ref.pdbx_seq_one_letter_code   
;PNFSGNWKIIRSENFEELLKVLGVNVMLRKIAVAAASKPAVEIKQEGDTFYIKTSTTVRTTEINFKVGEEFEEQTVDGRP
CKSLVKWESENKMVCEQKLLKGEGPKTSWTRELTNDGELILTMTADDVVCTRVYVRE
;
_struct_ref.pdbx_align_begin           2 
# 
_struct_ref_seq.align_id                      1 
_struct_ref_seq.ref_id                        1 
_struct_ref_seq.pdbx_PDB_id_code              6MPK 
_struct_ref_seq.pdbx_strand_id                A 
_struct_ref_seq.seq_align_beg                 1 
_struct_ref_seq.pdbx_seq_align_beg_ins_code   ? 
_struct_ref_seq.seq_align_end                 137 
_struct_ref_seq.pdbx_seq_align_end_ins_code   ? 
_struct_ref_seq.pdbx_db_accession             P29373 
_struct_ref_seq.db_align_beg                  2 
_struct_ref_seq.pdbx_db_align_beg_ins_code    ? 
_struct_ref_seq.db_align_end                  138 
_struct_ref_seq.pdbx_db_align_end_ins_code    ? 
_struct_ref_seq.pdbx_auth_seq_align_beg       1 
_struct_ref_seq.pdbx_auth_seq_align_end       137 
# 
loop_
_struct_ref_seq_dif.align_id 
_struct_ref_seq_dif.pdbx_pdb_id_code 
_struct_ref_seq_dif.mon_id 
_struct_ref_seq_dif.pdbx_pdb_strand_id 
_struct_ref_seq_dif.seq_num 
_struct_ref_seq_dif.pdbx_pdb_ins_code 
_struct_ref_seq_dif.pdbx_seq_db_name 
_struct_ref_seq_dif.pdbx_seq_db_accession_code 
_struct_ref_seq_dif.db_mon_id 
_struct_ref_seq_dif.pdbx_seq_db_seq_num 
_struct_ref_seq_dif.details 
_struct_ref_seq_dif.pdbx_auth_seq_num 
_struct_ref_seq_dif.pdbx_ordinal 
1 6MPK TYR A 32  ? UNP P29373 ALA 33  'engineered mutation' 32  1 
1 6MPK TYR A 39  ? UNP P29373 PRO 40  'engineered mutation' 39  2 
1 6MPK VAL A 54  ? UNP P29373 THR 55  'engineered mutation' 54  3 
1 6MPK TYR A 59  ? UNP P29373 ARG 60  'engineered mutation' 59  4 
1 6MPK LYS A 111 ? UNP P29373 ARG 112 'engineered mutation' 111 5 
1 6MPK GLU A 121 ? UNP P29373 LEU 122 'engineered mutation' 121 6 
1 6MPK GLN A 132 ? UNP P29373 ARG 133 'engineered mutation' 132 7 
1 6MPK PHE A 134 ? UNP P29373 TYR 135 'engineered mutation' 134 8 
# 
_pdbx_struct_assembly.id                   1 
_pdbx_struct_assembly.details              author_and_software_defined_assembly 
_pdbx_struct_assembly.method_details       PISA 
_pdbx_struct_assembly.oligomeric_details   monomeric 
_pdbx_struct_assembly.oligomeric_count     1 
# 
_pdbx_struct_assembly_gen.assembly_id       1 
_pdbx_struct_assembly_gen.oper_expression   1 
_pdbx_struct_assembly_gen.asym_id_list      A,B,C,D,E 
# 
_pdbx_struct_assembly_auth_evidence.id                     1 
_pdbx_struct_assembly_auth_evidence.assembly_id            1 
_pdbx_struct_assembly_auth_evidence.experimental_support   'gel filtration' 
_pdbx_struct_assembly_auth_evidence.details                ? 
# 
_pdbx_struct_oper_list.id                   1 
_pdbx_struct_oper_list.type                 'identity operation' 
_pdbx_struct_oper_list.name                 1_555 
_pdbx_struct_oper_list.symmetry_operation   x,y,z 
_pdbx_struct_oper_list.matrix[1][1]         1.0000000000 
_pdbx_struct_oper_list.matrix[1][2]         0.0000000000 
_pdbx_struct_oper_list.matrix[1][3]         0.0000000000 
_pdbx_struct_oper_list.vector[1]            0.0000000000 
_pdbx_struct_oper_list.matrix[2][1]         0.0000000000 
_pdbx_struct_oper_list.matrix[2][2]         1.0000000000 
_pdbx_struct_oper_list.matrix[2][3]         0.0000000000 
_pdbx_struct_oper_list.vector[2]            0.0000000000 
_pdbx_struct_oper_list.matrix[3][1]         0.0000000000 
_pdbx_struct_oper_list.matrix[3][2]         0.0000000000 
_pdbx_struct_oper_list.matrix[3][3]         1.0000000000 
_pdbx_struct_oper_list.vector[3]            0.0000000000 
# 
loop_
_struct_conf.conf_type_id 
_struct_conf.id 
_struct_conf.pdbx_PDB_helix_id 
_struct_conf.beg_label_comp_id 
_struct_conf.beg_label_asym_id 
_struct_conf.beg_label_seq_id 
_struct_conf.pdbx_beg_PDB_ins_code 
_struct_conf.end_label_comp_id 
_struct_conf.end_label_asym_id 
_struct_conf.end_label_seq_id 
_struct_conf.pdbx_end_PDB_ins_code 
_struct_conf.beg_auth_comp_id 
_struct_conf.beg_auth_asym_id 
_struct_conf.beg_auth_seq_id 
_struct_conf.end_auth_comp_id 
_struct_conf.end_auth_asym_id 
_struct_conf.end_auth_seq_id 
_struct_conf.pdbx_PDB_helix_class 
_struct_conf.details 
_struct_conf.pdbx_PDB_helix_length 
HELX_P HELX_P1 AA1 ASN A 14 ? LEU A 22 ? ASN A 14 LEU A 22 1 ? 9  
HELX_P HELX_P2 AA2 ASN A 25 ? SER A 37 ? ASN A 25 SER A 37 1 ? 13 
# 
_struct_conf_type.id          HELX_P 
_struct_conf_type.criteria    ? 
_struct_conf_type.reference   ? 
# 
_struct_conn.id                            covale1 
_struct_conn.conn_type_id                  covale 
_struct_conn.pdbx_leaving_atom_flag        one 
_struct_conn.pdbx_PDB_id                   ? 
_struct_conn.ptnr1_label_asym_id           A 
_struct_conn.ptnr1_label_comp_id           LYS 
_struct_conn.ptnr1_label_seq_id            111 
_struct_conn.ptnr1_label_atom_id           NZ 
_struct_conn.pdbx_ptnr1_label_alt_id       ? 
_struct_conn.pdbx_ptnr1_PDB_ins_code       ? 
_struct_conn.pdbx_ptnr1_standard_comp_id   ? 
_struct_conn.ptnr1_symmetry                1_555 
_struct_conn.ptnr2_label_asym_id           B 
_struct_conn.ptnr2_label_comp_id           RET 
_struct_conn.ptnr2_label_seq_id            . 
_struct_conn.ptnr2_label_atom_id           C15 
_struct_conn.pdbx_ptnr2_label_alt_id       ? 
_struct_conn.pdbx_ptnr2_PDB_ins_code       ? 
_struct_conn.ptnr1_auth_asym_id            A 
_struct_conn.ptnr1_auth_comp_id            LYS 
_struct_conn.ptnr1_auth_seq_id             111 
_struct_conn.ptnr2_auth_asym_id            A 
_struct_conn.ptnr2_auth_comp_id            RET 
_struct_conn.ptnr2_auth_seq_id             201 
_struct_conn.ptnr2_symmetry                1_555 
_struct_conn.pdbx_ptnr3_label_atom_id      ? 
_struct_conn.pdbx_ptnr3_label_seq_id       ? 
_struct_conn.pdbx_ptnr3_label_comp_id      ? 
_struct_conn.pdbx_ptnr3_label_asym_id      ? 
_struct_conn.pdbx_ptnr3_label_alt_id       ? 
_struct_conn.pdbx_ptnr3_PDB_ins_code       ? 
_struct_conn.details                       ? 
_struct_conn.pdbx_dist_value               1.264 
_struct_conn.pdbx_value_order              ? 
_struct_conn.pdbx_role                     ? 
# 
_struct_conn_type.id          covale 
_struct_conn_type.criteria    ? 
_struct_conn_type.reference   ? 
# 
_pdbx_modification_feature.ordinal                            1 
_pdbx_modification_feature.label_comp_id                      RET 
_pdbx_modification_feature.label_asym_id                      B 
_pdbx_modification_feature.label_seq_id                       . 
_pdbx_modification_feature.label_alt_id                       ? 
_pdbx_modification_feature.modified_residue_label_comp_id     LYS 
_pdbx_modification_feature.modified_residue_label_asym_id     A 
_pdbx_modification_feature.modified_residue_label_seq_id      111 
_pdbx_modification_feature.modified_residue_label_alt_id      ? 
_pdbx_modification_feature.auth_comp_id                       RET 
_pdbx_modification_feature.auth_asym_id                       A 
_pdbx_modification_feature.auth_seq_id                        201 
_pdbx_modification_feature.PDB_ins_code                       ? 
_pdbx_modification_feature.symmetry                           1_555 
_pdbx_modification_feature.modified_residue_auth_comp_id      LYS 
_pdbx_modification_feature.modified_residue_auth_asym_id      A 
_pdbx_modification_feature.modified_residue_auth_seq_id       111 
_pdbx_modification_feature.modified_residue_PDB_ins_code      ? 
_pdbx_modification_feature.modified_residue_symmetry          1_555 
_pdbx_modification_feature.comp_id_linking_atom               C15 
_pdbx_modification_feature.modified_residue_id_linking_atom   NZ 
_pdbx_modification_feature.modified_residue_id                LYS 
_pdbx_modification_feature.ref_pcm_id                         1 
_pdbx_modification_feature.ref_comp_id                        RET 
_pdbx_modification_feature.type                               Retinoylation 
_pdbx_modification_feature.category                           Lipid/lipid-like 
# 
_struct_sheet.id               AA1 
_struct_sheet.type             ? 
_struct_sheet.number_strands   10 
_struct_sheet.details          ? 
# 
loop_
_struct_sheet_order.sheet_id 
_struct_sheet_order.range_id_1 
_struct_sheet_order.range_id_2 
_struct_sheet_order.offset 
_struct_sheet_order.sense 
AA1 1 2  ? anti-parallel 
AA1 2 3  ? anti-parallel 
AA1 3 4  ? anti-parallel 
AA1 4 5  ? anti-parallel 
AA1 5 6  ? anti-parallel 
AA1 6 7  ? anti-parallel 
AA1 7 8  ? anti-parallel 
AA1 8 9  ? anti-parallel 
AA1 9 10 ? anti-parallel 
# 
loop_
_struct_sheet_range.sheet_id 
_struct_sheet_range.id 
_struct_sheet_range.beg_label_comp_id 
_struct_sheet_range.beg_label_asym_id 
_struct_sheet_range.beg_label_seq_id 
_struct_sheet_range.pdbx_beg_PDB_ins_code 
_struct_sheet_range.end_label_comp_id 
_struct_sheet_range.end_label_asym_id 
_struct_sheet_range.end_label_seq_id 
_struct_sheet_range.pdbx_end_PDB_ins_code 
_struct_sheet_range.beg_auth_comp_id 
_struct_sheet_range.beg_auth_asym_id 
_struct_sheet_range.beg_auth_seq_id 
_struct_sheet_range.end_auth_comp_id 
_struct_sheet_range.end_auth_asym_id 
_struct_sheet_range.end_auth_seq_id 
AA1 1  THR A 60  ? LYS A 66  ? THR A 60  LYS A 66  
AA1 2  THR A 49  ? SER A 55  ? THR A 49  SER A 55  
AA1 3  ALA A 40  ? GLU A 46  ? ALA A 40  GLU A 46  
AA1 4  GLY A 5   ? GLU A 13  ? GLY A 5   GLU A 13  
AA1 5  VAL A 128 ? ARG A 136 ? VAL A 128 ARG A 136 
AA1 6  GLU A 118 ? ALA A 125 ? GLU A 118 ALA A 125 
AA1 7  THR A 107 ? LEU A 113 ? THR A 107 LEU A 113 
AA1 8  LYS A 92  ? LEU A 99  ? LYS A 92  LEU A 99  
AA1 9  PRO A 80  ? TRP A 87  ? PRO A 80  TRP A 87  
AA1 10 PHE A 71  ? GLN A 74  ? PHE A 71  GLN A 74  
# 
loop_
_pdbx_struct_sheet_hbond.sheet_id 
_pdbx_struct_sheet_hbond.range_id_1 
_pdbx_struct_sheet_hbond.range_id_2 
_pdbx_struct_sheet_hbond.range_1_label_atom_id 
_pdbx_struct_sheet_hbond.range_1_label_comp_id 
_pdbx_struct_sheet_hbond.range_1_label_asym_id 
_pdbx_struct_sheet_hbond.range_1_label_seq_id 
_pdbx_struct_sheet_hbond.range_1_PDB_ins_code 
_pdbx_struct_sheet_hbond.range_1_auth_atom_id 
_pdbx_struct_sheet_hbond.range_1_auth_comp_id 
_pdbx_struct_sheet_hbond.range_1_auth_asym_id 
_pdbx_struct_sheet_hbond.range_1_auth_seq_id 
_pdbx_struct_sheet_hbond.range_2_label_atom_id 
_pdbx_struct_sheet_hbond.range_2_label_comp_id 
_pdbx_struct_sheet_hbond.range_2_label_asym_id 
_pdbx_struct_sheet_hbond.range_2_label_seq_id 
_pdbx_struct_sheet_hbond.range_2_PDB_ins_code 
_pdbx_struct_sheet_hbond.range_2_auth_atom_id 
_pdbx_struct_sheet_hbond.range_2_auth_comp_id 
_pdbx_struct_sheet_hbond.range_2_auth_asym_id 
_pdbx_struct_sheet_hbond.range_2_auth_seq_id 
AA1 1 2  O ILE A 63  ? O ILE A 63  N ILE A 52  ? N ILE A 52  
AA1 2 3  O LYS A 53  ? O LYS A 53  N GLU A 42  ? N GLU A 42  
AA1 3 4  O VAL A 41  ? O VAL A 41  N TRP A 7   ? N TRP A 7   
AA1 4 5  N LYS A 8   ? N LYS A 8   O VAL A 135 ? O VAL A 135 
AA1 5 6  O CYS A 130 ? O CYS A 130 N MET A 123 ? N MET A 123 
AA1 6 7  O ILE A 120 ? O ILE A 120 N GLU A 112 ? N GLU A 112 
AA1 7 8  O TRP A 109 ? O TRP A 109 N CYS A 95  ? N CYS A 95  
AA1 8 9  O LYS A 98  ? O LYS A 98  N LYS A 82  ? N LYS A 82  
AA1 9 10 O SER A 83  ? O SER A 83  N PHE A 71  ? N PHE A 71  
# 
loop_
_struct_site.id 
_struct_site.pdbx_evidence_code 
_struct_site.pdbx_auth_asym_id 
_struct_site.pdbx_auth_comp_id 
_struct_site.pdbx_auth_seq_id 
_struct_site.pdbx_auth_ins_code 
_struct_site.pdbx_num_residues 
_struct_site.details 
AC1 Software A RET 201 ? 10 'binding site for residue RET A 201' 
AC2 Software A GOL 202 ? 9  'binding site for residue GOL A 202' 
AC3 Software A GOL 203 ? 5  'binding site for residue GOL A 203' 
# 
loop_
_struct_site_gen.id 
_struct_site_gen.site_id 
_struct_site_gen.pdbx_num_res 
_struct_site_gen.label_comp_id 
_struct_site_gen.label_asym_id 
_struct_site_gen.label_seq_id 
_struct_site_gen.pdbx_auth_ins_code 
_struct_site_gen.auth_comp_id 
_struct_site_gen.auth_asym_id 
_struct_site_gen.auth_seq_id 
_struct_site_gen.label_atom_id 
_struct_site_gen.label_alt_id 
_struct_site_gen.symmetry 
_struct_site_gen.details 
1  AC1 10 MET A 27  ? MET A 27  . ? 4_465 ? 
2  AC1 10 TYR A 32  ? TYR A 32  . ? 1_555 ? 
3  AC1 10 ALA A 36  ? ALA A 36  . ? 1_555 ? 
4  AC1 10 TYR A 39  ? TYR A 39  . ? 1_555 ? 
5  AC1 10 ILE A 52  ? ILE A 52  . ? 1_555 ? 
6  AC1 10 VAL A 54  ? VAL A 54  . ? 1_555 ? 
7  AC1 10 THR A 56  ? THR A 56  . ? 1_555 ? 
8  AC1 10 GLU A 73  ? GLU A 73  . ? 1_555 ? 
9  AC1 10 LYS A 111 ? LYS A 111 . ? 1_555 ? 
10 AC1 10 GLU A 121 ? GLU A 121 . ? 1_555 ? 
11 AC2 9  PRO A 1   ? PRO A 1   . ? 2_565 ? 
12 AC2 9  ASN A 2   ? ASN A 2   . ? 2_565 ? 
13 AC2 9  GLU A 13  ? GLU A 13  . ? 1_555 ? 
14 AC2 9  ASN A 14  ? ASN A 14  . ? 1_555 ? 
15 AC2 9  GLU A 17  ? GLU A 17  . ? 1_555 ? 
16 AC2 9  GLN A 45  ? GLN A 45  . ? 2_565 ? 
17 AC2 9  GLY A 47  ? GLY A 47  . ? 2_565 ? 
18 AC2 9  HOH E .   ? HOH A 302 . ? 1_555 ? 
19 AC2 9  HOH E .   ? HOH A 316 . ? 1_555 ? 
20 AC3 5  TYR A 51  ? TYR A 51  . ? 1_555 ? 
21 AC3 5  ILE A 52  ? ILE A 52  . ? 1_555 ? 
22 AC3 5  LYS A 53  ? LYS A 53  . ? 1_555 ? 
23 AC3 5  GLU A 62  ? GLU A 62  . ? 1_555 ? 
24 AC3 5  ASN A 64  ? ASN A 64  . ? 1_555 ? 
# 
_pdbx_entry_details.entry_id                   6MPK 
_pdbx_entry_details.compound_details           ? 
_pdbx_entry_details.source_details             ? 
_pdbx_entry_details.nonpolymer_details         ? 
_pdbx_entry_details.sequence_details           ? 
_pdbx_entry_details.has_ligand_of_interest     ? 
_pdbx_entry_details.has_protein_modification   Y 
# 
_pdbx_validate_close_contact.id               1 
_pdbx_validate_close_contact.PDB_model_num    1 
_pdbx_validate_close_contact.auth_atom_id_1   OH 
_pdbx_validate_close_contact.auth_asym_id_1   A 
_pdbx_validate_close_contact.auth_comp_id_1   TYR 
_pdbx_validate_close_contact.auth_seq_id_1    39 
_pdbx_validate_close_contact.PDB_ins_code_1   ? 
_pdbx_validate_close_contact.label_alt_id_1   A 
_pdbx_validate_close_contact.auth_atom_id_2   O 
_pdbx_validate_close_contact.auth_asym_id_2   A 
_pdbx_validate_close_contact.auth_comp_id_2   HOH 
_pdbx_validate_close_contact.auth_seq_id_2    301 
_pdbx_validate_close_contact.PDB_ins_code_2   ? 
_pdbx_validate_close_contact.label_alt_id_2   ? 
_pdbx_validate_close_contact.dist             2.18 
# 
loop_
_pdbx_validate_torsion.id 
_pdbx_validate_torsion.PDB_model_num 
_pdbx_validate_torsion.auth_comp_id 
_pdbx_validate_torsion.auth_asym_id 
_pdbx_validate_torsion.auth_seq_id 
_pdbx_validate_torsion.PDB_ins_code 
_pdbx_validate_torsion.label_alt_id 
_pdbx_validate_torsion.phi 
_pdbx_validate_torsion.psi 
1 1 SER A 37  ? ? -69.74  2.20    
2 1 THR A 56  ? ? -115.84 -166.51 
3 1 THR A 56  ? ? -115.94 -166.15 
4 1 GLU A 73  ? ? -147.35 -151.04 
5 1 ASP A 126 ? ? 46.34   -112.36 
# 
loop_
_chem_comp_atom.comp_id 
_chem_comp_atom.atom_id 
_chem_comp_atom.type_symbol 
_chem_comp_atom.pdbx_aromatic_flag 
_chem_comp_atom.pdbx_stereo_config 
_chem_comp_atom.pdbx_ordinal 
ALA N    N N N 1   
ALA CA   C N S 2   
ALA C    C N N 3   
ALA O    O N N 4   
ALA CB   C N N 5   
ALA OXT  O N N 6   
ALA H    H N N 7   
ALA H2   H N N 8   
ALA HA   H N N 9   
ALA HB1  H N N 10  
ALA HB2  H N N 11  
ALA HB3  H N N 12  
ALA HXT  H N N 13  
ARG N    N N N 14  
ARG CA   C N S 15  
ARG C    C N N 16  
ARG O    O N N 17  
ARG CB   C N N 18  
ARG CG   C N N 19  
ARG CD   C N N 20  
ARG NE   N N N 21  
ARG CZ   C N N 22  
ARG NH1  N N N 23  
ARG NH2  N N N 24  
ARG OXT  O N N 25  
ARG H    H N N 26  
ARG H2   H N N 27  
ARG HA   H N N 28  
ARG HB2  H N N 29  
ARG HB3  H N N 30  
ARG HG2  H N N 31  
ARG HG3  H N N 32  
ARG HD2  H N N 33  
ARG HD3  H N N 34  
ARG HE   H N N 35  
ARG HH11 H N N 36  
ARG HH12 H N N 37  
ARG HH21 H N N 38  
ARG HH22 H N N 39  
ARG HXT  H N N 40  
ASN N    N N N 41  
ASN CA   C N S 42  
ASN C    C N N 43  
ASN O    O N N 44  
ASN CB   C N N 45  
ASN CG   C N N 46  
ASN OD1  O N N 47  
ASN ND2  N N N 48  
ASN OXT  O N N 49  
ASN H    H N N 50  
ASN H2   H N N 51  
ASN HA   H N N 52  
ASN HB2  H N N 53  
ASN HB3  H N N 54  
ASN HD21 H N N 55  
ASN HD22 H N N 56  
ASN HXT  H N N 57  
ASP N    N N N 58  
ASP CA   C N S 59  
ASP C    C N N 60  
ASP O    O N N 61  
ASP CB   C N N 62  
ASP CG   C N N 63  
ASP OD1  O N N 64  
ASP OD2  O N N 65  
ASP OXT  O N N 66  
ASP H    H N N 67  
ASP H2   H N N 68  
ASP HA   H N N 69  
ASP HB2  H N N 70  
ASP HB3  H N N 71  
ASP HD2  H N N 72  
ASP HXT  H N N 73  
CYS N    N N N 74  
CYS CA   C N R 75  
CYS C    C N N 76  
CYS O    O N N 77  
CYS CB   C N N 78  
CYS SG   S N N 79  
CYS OXT  O N N 80  
CYS H    H N N 81  
CYS H2   H N N 82  
CYS HA   H N N 83  
CYS HB2  H N N 84  
CYS HB3  H N N 85  
CYS HG   H N N 86  
CYS HXT  H N N 87  
GLN N    N N N 88  
GLN CA   C N S 89  
GLN C    C N N 90  
GLN O    O N N 91  
GLN CB   C N N 92  
GLN CG   C N N 93  
GLN CD   C N N 94  
GLN OE1  O N N 95  
GLN NE2  N N N 96  
GLN OXT  O N N 97  
GLN H    H N N 98  
GLN H2   H N N 99  
GLN HA   H N N 100 
GLN HB2  H N N 101 
GLN HB3  H N N 102 
GLN HG2  H N N 103 
GLN HG3  H N N 104 
GLN HE21 H N N 105 
GLN HE22 H N N 106 
GLN HXT  H N N 107 
GLU N    N N N 108 
GLU CA   C N S 109 
GLU C    C N N 110 
GLU O    O N N 111 
GLU CB   C N N 112 
GLU CG   C N N 113 
GLU CD   C N N 114 
GLU OE1  O N N 115 
GLU OE2  O N N 116 
GLU OXT  O N N 117 
GLU H    H N N 118 
GLU H2   H N N 119 
GLU HA   H N N 120 
GLU HB2  H N N 121 
GLU HB3  H N N 122 
GLU HG2  H N N 123 
GLU HG3  H N N 124 
GLU HE2  H N N 125 
GLU HXT  H N N 126 
GLY N    N N N 127 
GLY CA   C N N 128 
GLY C    C N N 129 
GLY O    O N N 130 
GLY OXT  O N N 131 
GLY H    H N N 132 
GLY H2   H N N 133 
GLY HA2  H N N 134 
GLY HA3  H N N 135 
GLY HXT  H N N 136 
GOL C1   C N N 137 
GOL O1   O N N 138 
GOL C2   C N N 139 
GOL O2   O N N 140 
GOL C3   C N N 141 
GOL O3   O N N 142 
GOL H11  H N N 143 
GOL H12  H N N 144 
GOL HO1  H N N 145 
GOL H2   H N N 146 
GOL HO2  H N N 147 
GOL H31  H N N 148 
GOL H32  H N N 149 
GOL HO3  H N N 150 
HOH O    O N N 151 
HOH H1   H N N 152 
HOH H2   H N N 153 
ILE N    N N N 154 
ILE CA   C N S 155 
ILE C    C N N 156 
ILE O    O N N 157 
ILE CB   C N S 158 
ILE CG1  C N N 159 
ILE CG2  C N N 160 
ILE CD1  C N N 161 
ILE OXT  O N N 162 
ILE H    H N N 163 
ILE H2   H N N 164 
ILE HA   H N N 165 
ILE HB   H N N 166 
ILE HG12 H N N 167 
ILE HG13 H N N 168 
ILE HG21 H N N 169 
ILE HG22 H N N 170 
ILE HG23 H N N 171 
ILE HD11 H N N 172 
ILE HD12 H N N 173 
ILE HD13 H N N 174 
ILE HXT  H N N 175 
LEU N    N N N 176 
LEU CA   C N S 177 
LEU C    C N N 178 
LEU O    O N N 179 
LEU CB   C N N 180 
LEU CG   C N N 181 
LEU CD1  C N N 182 
LEU CD2  C N N 183 
LEU OXT  O N N 184 
LEU H    H N N 185 
LEU H2   H N N 186 
LEU HA   H N N 187 
LEU HB2  H N N 188 
LEU HB3  H N N 189 
LEU HG   H N N 190 
LEU HD11 H N N 191 
LEU HD12 H N N 192 
LEU HD13 H N N 193 
LEU HD21 H N N 194 
LEU HD22 H N N 195 
LEU HD23 H N N 196 
LEU HXT  H N N 197 
LYS N    N N N 198 
LYS CA   C N S 199 
LYS C    C N N 200 
LYS O    O N N 201 
LYS CB   C N N 202 
LYS CG   C N N 203 
LYS CD   C N N 204 
LYS CE   C N N 205 
LYS NZ   N N N 206 
LYS OXT  O N N 207 
LYS H    H N N 208 
LYS H2   H N N 209 
LYS HA   H N N 210 
LYS HB2  H N N 211 
LYS HB3  H N N 212 
LYS HG2  H N N 213 
LYS HG3  H N N 214 
LYS HD2  H N N 215 
LYS HD3  H N N 216 
LYS HE2  H N N 217 
LYS HE3  H N N 218 
LYS HZ1  H N N 219 
LYS HZ2  H N N 220 
LYS HZ3  H N N 221 
LYS HXT  H N N 222 
MET N    N N N 223 
MET CA   C N S 224 
MET C    C N N 225 
MET O    O N N 226 
MET CB   C N N 227 
MET CG   C N N 228 
MET SD   S N N 229 
MET CE   C N N 230 
MET OXT  O N N 231 
MET H    H N N 232 
MET H2   H N N 233 
MET HA   H N N 234 
MET HB2  H N N 235 
MET HB3  H N N 236 
MET HG2  H N N 237 
MET HG3  H N N 238 
MET HE1  H N N 239 
MET HE2  H N N 240 
MET HE3  H N N 241 
MET HXT  H N N 242 
PHE N    N N N 243 
PHE CA   C N S 244 
PHE C    C N N 245 
PHE O    O N N 246 
PHE CB   C N N 247 
PHE CG   C Y N 248 
PHE CD1  C Y N 249 
PHE CD2  C Y N 250 
PHE CE1  C Y N 251 
PHE CE2  C Y N 252 
PHE CZ   C Y N 253 
PHE OXT  O N N 254 
PHE H    H N N 255 
PHE H2   H N N 256 
PHE HA   H N N 257 
PHE HB2  H N N 258 
PHE HB3  H N N 259 
PHE HD1  H N N 260 
PHE HD2  H N N 261 
PHE HE1  H N N 262 
PHE HE2  H N N 263 
PHE HZ   H N N 264 
PHE HXT  H N N 265 
PRO N    N N N 266 
PRO CA   C N S 267 
PRO C    C N N 268 
PRO O    O N N 269 
PRO CB   C N N 270 
PRO CG   C N N 271 
PRO CD   C N N 272 
PRO OXT  O N N 273 
PRO H    H N N 274 
PRO HA   H N N 275 
PRO HB2  H N N 276 
PRO HB3  H N N 277 
PRO HG2  H N N 278 
PRO HG3  H N N 279 
PRO HD2  H N N 280 
PRO HD3  H N N 281 
PRO HXT  H N N 282 
RET C1   C N N 283 
RET C2   C N N 284 
RET C3   C N N 285 
RET C4   C N N 286 
RET C5   C N N 287 
RET C6   C N N 288 
RET C7   C N N 289 
RET C8   C N N 290 
RET C9   C N N 291 
RET C10  C N N 292 
RET C11  C N N 293 
RET C12  C N N 294 
RET C13  C N N 295 
RET C14  C N N 296 
RET C15  C N N 297 
RET O1   O N N 298 
RET C16  C N N 299 
RET C17  C N N 300 
RET C18  C N N 301 
RET C19  C N N 302 
RET C20  C N N 303 
RET H21  H N N 304 
RET H22  H N N 305 
RET H31  H N N 306 
RET H32  H N N 307 
RET H41  H N N 308 
RET H42  H N N 309 
RET H7   H N N 310 
RET H8   H N N 311 
RET H10  H N N 312 
RET H11  H N N 313 
RET H12  H N N 314 
RET H14  H N N 315 
RET H15  H N N 316 
RET H161 H N N 317 
RET H162 H N N 318 
RET H163 H N N 319 
RET H171 H N N 320 
RET H172 H N N 321 
RET H173 H N N 322 
RET H181 H N N 323 
RET H182 H N N 324 
RET H183 H N N 325 
RET H191 H N N 326 
RET H192 H N N 327 
RET H193 H N N 328 
RET H201 H N N 329 
RET H202 H N N 330 
RET H203 H N N 331 
SER N    N N N 332 
SER CA   C N S 333 
SER C    C N N 334 
SER O    O N N 335 
SER CB   C N N 336 
SER OG   O N N 337 
SER OXT  O N N 338 
SER H    H N N 339 
SER H2   H N N 340 
SER HA   H N N 341 
SER HB2  H N N 342 
SER HB3  H N N 343 
SER HG   H N N 344 
SER HXT  H N N 345 
THR N    N N N 346 
THR CA   C N S 347 
THR C    C N N 348 
THR O    O N N 349 
THR CB   C N R 350 
THR OG1  O N N 351 
THR CG2  C N N 352 
THR OXT  O N N 353 
THR H    H N N 354 
THR H2   H N N 355 
THR HA   H N N 356 
THR HB   H N N 357 
THR HG1  H N N 358 
THR HG21 H N N 359 
THR HG22 H N N 360 
THR HG23 H N N 361 
THR HXT  H N N 362 
TRP N    N N N 363 
TRP CA   C N S 364 
TRP C    C N N 365 
TRP O    O N N 366 
TRP CB   C N N 367 
TRP CG   C Y N 368 
TRP CD1  C Y N 369 
TRP CD2  C Y N 370 
TRP NE1  N Y N 371 
TRP CE2  C Y N 372 
TRP CE3  C Y N 373 
TRP CZ2  C Y N 374 
TRP CZ3  C Y N 375 
TRP CH2  C Y N 376 
TRP OXT  O N N 377 
TRP H    H N N 378 
TRP H2   H N N 379 
TRP HA   H N N 380 
TRP HB2  H N N 381 
TRP HB3  H N N 382 
TRP HD1  H N N 383 
TRP HE1  H N N 384 
TRP HE3  H N N 385 
TRP HZ2  H N N 386 
TRP HZ3  H N N 387 
TRP HH2  H N N 388 
TRP HXT  H N N 389 
TYR N    N N N 390 
TYR CA   C N S 391 
TYR C    C N N 392 
TYR O    O N N 393 
TYR CB   C N N 394 
TYR CG   C Y N 395 
TYR CD1  C Y N 396 
TYR CD2  C Y N 397 
TYR CE1  C Y N 398 
TYR CE2  C Y N 399 
TYR CZ   C Y N 400 
TYR OH   O N N 401 
TYR OXT  O N N 402 
TYR H    H N N 403 
TYR H2   H N N 404 
TYR HA   H N N 405 
TYR HB2  H N N 406 
TYR HB3  H N N 407 
TYR HD1  H N N 408 
TYR HD2  H N N 409 
TYR HE1  H N N 410 
TYR HE2  H N N 411 
TYR HH   H N N 412 
TYR HXT  H N N 413 
VAL N    N N N 414 
VAL CA   C N S 415 
VAL C    C N N 416 
VAL O    O N N 417 
VAL CB   C N N 418 
VAL CG1  C N N 419 
VAL CG2  C N N 420 
VAL OXT  O N N 421 
VAL H    H N N 422 
VAL H2   H N N 423 
VAL HA   H N N 424 
VAL HB   H N N 425 
VAL HG11 H N N 426 
VAL HG12 H N N 427 
VAL HG13 H N N 428 
VAL HG21 H N N 429 
VAL HG22 H N N 430 
VAL HG23 H N N 431 
VAL HXT  H N N 432 
# 
loop_
_chem_comp_bond.comp_id 
_chem_comp_bond.atom_id_1 
_chem_comp_bond.atom_id_2 
_chem_comp_bond.value_order 
_chem_comp_bond.pdbx_aromatic_flag 
_chem_comp_bond.pdbx_stereo_config 
_chem_comp_bond.pdbx_ordinal 
ALA N   CA   sing N N 1   
ALA N   H    sing N N 2   
ALA N   H2   sing N N 3   
ALA CA  C    sing N N 4   
ALA CA  CB   sing N N 5   
ALA CA  HA   sing N N 6   
ALA C   O    doub N N 7   
ALA C   OXT  sing N N 8   
ALA CB  HB1  sing N N 9   
ALA CB  HB2  sing N N 10  
ALA CB  HB3  sing N N 11  
ALA OXT HXT  sing N N 12  
ARG N   CA   sing N N 13  
ARG N   H    sing N N 14  
ARG N   H2   sing N N 15  
ARG CA  C    sing N N 16  
ARG CA  CB   sing N N 17  
ARG CA  HA   sing N N 18  
ARG C   O    doub N N 19  
ARG C   OXT  sing N N 20  
ARG CB  CG   sing N N 21  
ARG CB  HB2  sing N N 22  
ARG CB  HB3  sing N N 23  
ARG CG  CD   sing N N 24  
ARG CG  HG2  sing N N 25  
ARG CG  HG3  sing N N 26  
ARG CD  NE   sing N N 27  
ARG CD  HD2  sing N N 28  
ARG CD  HD3  sing N N 29  
ARG NE  CZ   sing N N 30  
ARG NE  HE   sing N N 31  
ARG CZ  NH1  sing N N 32  
ARG CZ  NH2  doub N N 33  
ARG NH1 HH11 sing N N 34  
ARG NH1 HH12 sing N N 35  
ARG NH2 HH21 sing N N 36  
ARG NH2 HH22 sing N N 37  
ARG OXT HXT  sing N N 38  
ASN N   CA   sing N N 39  
ASN N   H    sing N N 40  
ASN N   H2   sing N N 41  
ASN CA  C    sing N N 42  
ASN CA  CB   sing N N 43  
ASN CA  HA   sing N N 44  
ASN C   O    doub N N 45  
ASN C   OXT  sing N N 46  
ASN CB  CG   sing N N 47  
ASN CB  HB2  sing N N 48  
ASN CB  HB3  sing N N 49  
ASN CG  OD1  doub N N 50  
ASN CG  ND2  sing N N 51  
ASN ND2 HD21 sing N N 52  
ASN ND2 HD22 sing N N 53  
ASN OXT HXT  sing N N 54  
ASP N   CA   sing N N 55  
ASP N   H    sing N N 56  
ASP N   H2   sing N N 57  
ASP CA  C    sing N N 58  
ASP CA  CB   sing N N 59  
ASP CA  HA   sing N N 60  
ASP C   O    doub N N 61  
ASP C   OXT  sing N N 62  
ASP CB  CG   sing N N 63  
ASP CB  HB2  sing N N 64  
ASP CB  HB3  sing N N 65  
ASP CG  OD1  doub N N 66  
ASP CG  OD2  sing N N 67  
ASP OD2 HD2  sing N N 68  
ASP OXT HXT  sing N N 69  
CYS N   CA   sing N N 70  
CYS N   H    sing N N 71  
CYS N   H2   sing N N 72  
CYS CA  C    sing N N 73  
CYS CA  CB   sing N N 74  
CYS CA  HA   sing N N 75  
CYS C   O    doub N N 76  
CYS C   OXT  sing N N 77  
CYS CB  SG   sing N N 78  
CYS CB  HB2  sing N N 79  
CYS CB  HB3  sing N N 80  
CYS SG  HG   sing N N 81  
CYS OXT HXT  sing N N 82  
GLN N   CA   sing N N 83  
GLN N   H    sing N N 84  
GLN N   H2   sing N N 85  
GLN CA  C    sing N N 86  
GLN CA  CB   sing N N 87  
GLN CA  HA   sing N N 88  
GLN C   O    doub N N 89  
GLN C   OXT  sing N N 90  
GLN CB  CG   sing N N 91  
GLN CB  HB2  sing N N 92  
GLN CB  HB3  sing N N 93  
GLN CG  CD   sing N N 94  
GLN CG  HG2  sing N N 95  
GLN CG  HG3  sing N N 96  
GLN CD  OE1  doub N N 97  
GLN CD  NE2  sing N N 98  
GLN NE2 HE21 sing N N 99  
GLN NE2 HE22 sing N N 100 
GLN OXT HXT  sing N N 101 
GLU N   CA   sing N N 102 
GLU N   H    sing N N 103 
GLU N   H2   sing N N 104 
GLU CA  C    sing N N 105 
GLU CA  CB   sing N N 106 
GLU CA  HA   sing N N 107 
GLU C   O    doub N N 108 
GLU C   OXT  sing N N 109 
GLU CB  CG   sing N N 110 
GLU CB  HB2  sing N N 111 
GLU CB  HB3  sing N N 112 
GLU CG  CD   sing N N 113 
GLU CG  HG2  sing N N 114 
GLU CG  HG3  sing N N 115 
GLU CD  OE1  doub N N 116 
GLU CD  OE2  sing N N 117 
GLU OE2 HE2  sing N N 118 
GLU OXT HXT  sing N N 119 
GLY N   CA   sing N N 120 
GLY N   H    sing N N 121 
GLY N   H2   sing N N 122 
GLY CA  C    sing N N 123 
GLY CA  HA2  sing N N 124 
GLY CA  HA3  sing N N 125 
GLY C   O    doub N N 126 
GLY C   OXT  sing N N 127 
GLY OXT HXT  sing N N 128 
GOL C1  O1   sing N N 129 
GOL C1  C2   sing N N 130 
GOL C1  H11  sing N N 131 
GOL C1  H12  sing N N 132 
GOL O1  HO1  sing N N 133 
GOL C2  O2   sing N N 134 
GOL C2  C3   sing N N 135 
GOL C2  H2   sing N N 136 
GOL O2  HO2  sing N N 137 
GOL C3  O3   sing N N 138 
GOL C3  H31  sing N N 139 
GOL C3  H32  sing N N 140 
GOL O3  HO3  sing N N 141 
HOH O   H1   sing N N 142 
HOH O   H2   sing N N 143 
ILE N   CA   sing N N 144 
ILE N   H    sing N N 145 
ILE N   H2   sing N N 146 
ILE CA  C    sing N N 147 
ILE CA  CB   sing N N 148 
ILE CA  HA   sing N N 149 
ILE C   O    doub N N 150 
ILE C   OXT  sing N N 151 
ILE CB  CG1  sing N N 152 
ILE CB  CG2  sing N N 153 
ILE CB  HB   sing N N 154 
ILE CG1 CD1  sing N N 155 
ILE CG1 HG12 sing N N 156 
ILE CG1 HG13 sing N N 157 
ILE CG2 HG21 sing N N 158 
ILE CG2 HG22 sing N N 159 
ILE CG2 HG23 sing N N 160 
ILE CD1 HD11 sing N N 161 
ILE CD1 HD12 sing N N 162 
ILE CD1 HD13 sing N N 163 
ILE OXT HXT  sing N N 164 
LEU N   CA   sing N N 165 
LEU N   H    sing N N 166 
LEU N   H2   sing N N 167 
LEU CA  C    sing N N 168 
LEU CA  CB   sing N N 169 
LEU CA  HA   sing N N 170 
LEU C   O    doub N N 171 
LEU C   OXT  sing N N 172 
LEU CB  CG   sing N N 173 
LEU CB  HB2  sing N N 174 
LEU CB  HB3  sing N N 175 
LEU CG  CD1  sing N N 176 
LEU CG  CD2  sing N N 177 
LEU CG  HG   sing N N 178 
LEU CD1 HD11 sing N N 179 
LEU CD1 HD12 sing N N 180 
LEU CD1 HD13 sing N N 181 
LEU CD2 HD21 sing N N 182 
LEU CD2 HD22 sing N N 183 
LEU CD2 HD23 sing N N 184 
LEU OXT HXT  sing N N 185 
LYS N   CA   sing N N 186 
LYS N   H    sing N N 187 
LYS N   H2   sing N N 188 
LYS CA  C    sing N N 189 
LYS CA  CB   sing N N 190 
LYS CA  HA   sing N N 191 
LYS C   O    doub N N 192 
LYS C   OXT  sing N N 193 
LYS CB  CG   sing N N 194 
LYS CB  HB2  sing N N 195 
LYS CB  HB3  sing N N 196 
LYS CG  CD   sing N N 197 
LYS CG  HG2  sing N N 198 
LYS CG  HG3  sing N N 199 
LYS CD  CE   sing N N 200 
LYS CD  HD2  sing N N 201 
LYS CD  HD3  sing N N 202 
LYS CE  NZ   sing N N 203 
LYS CE  HE2  sing N N 204 
LYS CE  HE3  sing N N 205 
LYS NZ  HZ1  sing N N 206 
LYS NZ  HZ2  sing N N 207 
LYS NZ  HZ3  sing N N 208 
LYS OXT HXT  sing N N 209 
MET N   CA   sing N N 210 
MET N   H    sing N N 211 
MET N   H2   sing N N 212 
MET CA  C    sing N N 213 
MET CA  CB   sing N N 214 
MET CA  HA   sing N N 215 
MET C   O    doub N N 216 
MET C   OXT  sing N N 217 
MET CB  CG   sing N N 218 
MET CB  HB2  sing N N 219 
MET CB  HB3  sing N N 220 
MET CG  SD   sing N N 221 
MET CG  HG2  sing N N 222 
MET CG  HG3  sing N N 223 
MET SD  CE   sing N N 224 
MET CE  HE1  sing N N 225 
MET CE  HE2  sing N N 226 
MET CE  HE3  sing N N 227 
MET OXT HXT  sing N N 228 
PHE N   CA   sing N N 229 
PHE N   H    sing N N 230 
PHE N   H2   sing N N 231 
PHE CA  C    sing N N 232 
PHE CA  CB   sing N N 233 
PHE CA  HA   sing N N 234 
PHE C   O    doub N N 235 
PHE C   OXT  sing N N 236 
PHE CB  CG   sing N N 237 
PHE CB  HB2  sing N N 238 
PHE CB  HB3  sing N N 239 
PHE CG  CD1  doub Y N 240 
PHE CG  CD2  sing Y N 241 
PHE CD1 CE1  sing Y N 242 
PHE CD1 HD1  sing N N 243 
PHE CD2 CE2  doub Y N 244 
PHE CD2 HD2  sing N N 245 
PHE CE1 CZ   doub Y N 246 
PHE CE1 HE1  sing N N 247 
PHE CE2 CZ   sing Y N 248 
PHE CE2 HE2  sing N N 249 
PHE CZ  HZ   sing N N 250 
PHE OXT HXT  sing N N 251 
PRO N   CA   sing N N 252 
PRO N   CD   sing N N 253 
PRO N   H    sing N N 254 
PRO CA  C    sing N N 255 
PRO CA  CB   sing N N 256 
PRO CA  HA   sing N N 257 
PRO C   O    doub N N 258 
PRO C   OXT  sing N N 259 
PRO CB  CG   sing N N 260 
PRO CB  HB2  sing N N 261 
PRO CB  HB3  sing N N 262 
PRO CG  CD   sing N N 263 
PRO CG  HG2  sing N N 264 
PRO CG  HG3  sing N N 265 
PRO CD  HD2  sing N N 266 
PRO CD  HD3  sing N N 267 
PRO OXT HXT  sing N N 268 
RET C1  C2   sing N N 269 
RET C1  C6   sing N N 270 
RET C1  C16  sing N N 271 
RET C1  C17  sing N N 272 
RET C2  C3   sing N N 273 
RET C2  H21  sing N N 274 
RET C2  H22  sing N N 275 
RET C3  C4   sing N N 276 
RET C3  H31  sing N N 277 
RET C3  H32  sing N N 278 
RET C4  C5   sing N N 279 
RET C4  H41  sing N N 280 
RET C4  H42  sing N N 281 
RET C5  C6   doub N N 282 
RET C5  C18  sing N N 283 
RET C6  C7   sing N N 284 
RET C7  C8   doub N E 285 
RET C7  H7   sing N N 286 
RET C8  C9   sing N N 287 
RET C8  H8   sing N N 288 
RET C9  C10  doub N E 289 
RET C9  C19  sing N N 290 
RET C10 C11  sing N N 291 
RET C10 H10  sing N N 292 
RET C11 C12  doub N E 293 
RET C11 H11  sing N N 294 
RET C12 C13  sing N N 295 
RET C12 H12  sing N N 296 
RET C13 C14  doub N E 297 
RET C13 C20  sing N N 298 
RET C14 C15  sing N N 299 
RET C14 H14  sing N N 300 
RET C15 O1   doub N N 301 
RET C15 H15  sing N N 302 
RET C16 H161 sing N N 303 
RET C16 H162 sing N N 304 
RET C16 H163 sing N N 305 
RET C17 H171 sing N N 306 
RET C17 H172 sing N N 307 
RET C17 H173 sing N N 308 
RET C18 H181 sing N N 309 
RET C18 H182 sing N N 310 
RET C18 H183 sing N N 311 
RET C19 H191 sing N N 312 
RET C19 H192 sing N N 313 
RET C19 H193 sing N N 314 
RET C20 H201 sing N N 315 
RET C20 H202 sing N N 316 
RET C20 H203 sing N N 317 
SER N   CA   sing N N 318 
SER N   H    sing N N 319 
SER N   H2   sing N N 320 
SER CA  C    sing N N 321 
SER CA  CB   sing N N 322 
SER CA  HA   sing N N 323 
SER C   O    doub N N 324 
SER C   OXT  sing N N 325 
SER CB  OG   sing N N 326 
SER CB  HB2  sing N N 327 
SER CB  HB3  sing N N 328 
SER OG  HG   sing N N 329 
SER OXT HXT  sing N N 330 
THR N   CA   sing N N 331 
THR N   H    sing N N 332 
THR N   H2   sing N N 333 
THR CA  C    sing N N 334 
THR CA  CB   sing N N 335 
THR CA  HA   sing N N 336 
THR C   O    doub N N 337 
THR C   OXT  sing N N 338 
THR CB  OG1  sing N N 339 
THR CB  CG2  sing N N 340 
THR CB  HB   sing N N 341 
THR OG1 HG1  sing N N 342 
THR CG2 HG21 sing N N 343 
THR CG2 HG22 sing N N 344 
THR CG2 HG23 sing N N 345 
THR OXT HXT  sing N N 346 
TRP N   CA   sing N N 347 
TRP N   H    sing N N 348 
TRP N   H2   sing N N 349 
TRP CA  C    sing N N 350 
TRP CA  CB   sing N N 351 
TRP CA  HA   sing N N 352 
TRP C   O    doub N N 353 
TRP C   OXT  sing N N 354 
TRP CB  CG   sing N N 355 
TRP CB  HB2  sing N N 356 
TRP CB  HB3  sing N N 357 
TRP CG  CD1  doub Y N 358 
TRP CG  CD2  sing Y N 359 
TRP CD1 NE1  sing Y N 360 
TRP CD1 HD1  sing N N 361 
TRP CD2 CE2  doub Y N 362 
TRP CD2 CE3  sing Y N 363 
TRP NE1 CE2  sing Y N 364 
TRP NE1 HE1  sing N N 365 
TRP CE2 CZ2  sing Y N 366 
TRP CE3 CZ3  doub Y N 367 
TRP CE3 HE3  sing N N 368 
TRP CZ2 CH2  doub Y N 369 
TRP CZ2 HZ2  sing N N 370 
TRP CZ3 CH2  sing Y N 371 
TRP CZ3 HZ3  sing N N 372 
TRP CH2 HH2  sing N N 373 
TRP OXT HXT  sing N N 374 
TYR N   CA   sing N N 375 
TYR N   H    sing N N 376 
TYR N   H2   sing N N 377 
TYR CA  C    sing N N 378 
TYR CA  CB   sing N N 379 
TYR CA  HA   sing N N 380 
TYR C   O    doub N N 381 
TYR C   OXT  sing N N 382 
TYR CB  CG   sing N N 383 
TYR CB  HB2  sing N N 384 
TYR CB  HB3  sing N N 385 
TYR CG  CD1  doub Y N 386 
TYR CG  CD2  sing Y N 387 
TYR CD1 CE1  sing Y N 388 
TYR CD1 HD1  sing N N 389 
TYR CD2 CE2  doub Y N 390 
TYR CD2 HD2  sing N N 391 
TYR CE1 CZ   doub Y N 392 
TYR CE1 HE1  sing N N 393 
TYR CE2 CZ   sing Y N 394 
TYR CE2 HE2  sing N N 395 
TYR CZ  OH   sing N N 396 
TYR OH  HH   sing N N 397 
TYR OXT HXT  sing N N 398 
VAL N   CA   sing N N 399 
VAL N   H    sing N N 400 
VAL N   H2   sing N N 401 
VAL CA  C    sing N N 402 
VAL CA  CB   sing N N 403 
VAL CA  HA   sing N N 404 
VAL C   O    doub N N 405 
VAL C   OXT  sing N N 406 
VAL CB  CG1  sing N N 407 
VAL CB  CG2  sing N N 408 
VAL CB  HB   sing N N 409 
VAL CG1 HG11 sing N N 410 
VAL CG1 HG12 sing N N 411 
VAL CG1 HG13 sing N N 412 
VAL CG2 HG21 sing N N 413 
VAL CG2 HG22 sing N N 414 
VAL CG2 HG23 sing N N 415 
VAL OXT HXT  sing N N 416 
# 
_pdbx_audit_support.funding_organization   'National Institutes of Health/National Human Genome Research Institute (NIH/NHGRI)' 
_pdbx_audit_support.country                'United States' 
_pdbx_audit_support.grant_number           ? 
_pdbx_audit_support.ordinal                1 
# 
_pdbx_initial_refinement_model.id               1 
_pdbx_initial_refinement_model.entity_id_list   ? 
_pdbx_initial_refinement_model.type             'experimental model' 
_pdbx_initial_refinement_model.source_name      PDB 
_pdbx_initial_refinement_model.accession_code   4YFP 
_pdbx_initial_refinement_model.details          ? 
# 
_atom_sites.entry_id                    6MPK 
_atom_sites.fract_transf_matrix[1][1]   0.00290262 
_atom_sites.fract_transf_matrix[1][2]   0.01939118 
_atom_sites.fract_transf_matrix[1][3]   -0.00130377 
_atom_sites.fract_transf_matrix[2][1]   0.01804439 
_atom_sites.fract_transf_matrix[2][2]   0.00703140 
_atom_sites.fract_transf_matrix[2][3]   -0.00333483 
_atom_sites.fract_transf_matrix[3][1]   -0.00167333 
_atom_sites.fract_transf_matrix[3][2]   -0.00041747 
_atom_sites.fract_transf_matrix[3][3]   -0.00993441 
_atom_sites.fract_transf_vector[1]      -0.284624 
_atom_sites.fract_transf_vector[2]      0.477166 
_atom_sites.fract_transf_vector[3]      -0.113026 
# 
loop_
_atom_type.symbol 
C 
N 
O 
S 
# 
loop_
_atom_site.group_PDB 
_atom_site.id 
_atom_site.type_symbol 
_atom_site.label_atom_id 
_atom_site.label_alt_id 
_atom_site.label_comp_id 
_atom_site.label_asym_id 
_atom_site.label_entity_id 
_atom_site.label_seq_id 
_atom_site.pdbx_PDB_ins_code 
_atom_site.Cartn_x 
_atom_site.Cartn_y 
_atom_site.Cartn_z 
_atom_site.occupancy 
_atom_site.B_iso_or_equiv 
_atom_site.pdbx_formal_charge 
_atom_site.auth_seq_id 
_atom_site.auth_comp_id 
_atom_site.auth_asym_id 
_atom_site.auth_atom_id 
_atom_site.pdbx_PDB_model_num 
ATOM   1    N N   . PRO A 1 1   ? -12.081 3.419   14.332  1.00 51.13  ? 1   PRO A N   1 
ATOM   2    C CA  . PRO A 1 1   ? -12.040 2.272   13.421  1.00 48.50  ? 1   PRO A CA  1 
ATOM   3    C C   . PRO A 1 1   ? -10.990 1.249   13.830  1.00 45.94  ? 1   PRO A C   1 
ATOM   4    O O   . PRO A 1 1   ? -9.997  1.604   14.469  1.00 45.41  ? 1   PRO A O   1 
ATOM   5    C CB  . PRO A 1 1   ? -11.666 2.913   12.090  1.00 50.24  ? 1   PRO A CB  1 
ATOM   6    C CG  . PRO A 1 1   ? -10.738 4.006   12.499  1.00 48.14  ? 1   PRO A CG  1 
ATOM   7    C CD  . PRO A 1 1   ? -11.286 4.546   13.810  1.00 50.74  ? 1   PRO A CD  1 
ATOM   8    N N   . ASN A 1 2   ? -11.212 -0.010  13.470  1.00 41.65  ? 2   ASN A N   1 
ATOM   9    C CA  . ASN A 1 2   ? -10.223 -1.066  13.661  1.00 36.78  ? 2   ASN A CA  1 
ATOM   10   C C   . ASN A 1 2   ? -9.877  -1.632  12.286  1.00 29.74  ? 2   ASN A C   1 
ATOM   11   O O   . ASN A 1 2   ? -10.691 -2.332  11.670  1.00 30.80  ? 2   ASN A O   1 
ATOM   12   C CB  . ASN A 1 2   ? -10.744 -2.151  14.604  1.00 43.27  ? 2   ASN A CB  1 
ATOM   13   C CG  . ASN A 1 2   ? -9.651  -3.098  15.057  1.00 42.88  ? 2   ASN A CG  1 
ATOM   14   O OD1 . ASN A 1 2   ? -8.566  -3.136  14.477  1.00 34.01  ? 2   ASN A OD1 1 
ATOM   15   N ND2 . ASN A 1 2   ? -9.928  -3.865  16.109  1.00 48.69  ? 2   ASN A ND2 1 
ATOM   16   N N   . PHE A 1 3   ? -8.673  -1.317  11.806  1.00 25.89  ? 3   PHE A N   1 
ATOM   17   C CA  . PHE A 1 3   ? -8.224  -1.810  10.505  1.00 25.32  ? 3   PHE A CA  1 
ATOM   18   C C   . PHE A 1 3   ? -7.770  -3.264  10.546  1.00 25.19  ? 3   PHE A C   1 
ATOM   19   O O   . PHE A 1 3   ? -7.482  -3.832  9.486   1.00 27.44  ? 3   PHE A O   1 
ATOM   20   C CB  . PHE A 1 3   ? -7.065  -0.958  9.977   1.00 24.00  ? 3   PHE A CB  1 
ATOM   21   C CG  . PHE A 1 3   ? -7.476  0.379   9.450   1.00 22.79  ? 3   PHE A CG  1 
ATOM   22   C CD1 . PHE A 1 3   ? -7.806  1.411   10.309  1.00 28.17  ? 3   PHE A CD1 1 
ATOM   23   C CD2 . PHE A 1 3   ? -7.494  0.621   8.078   1.00 22.74  ? 3   PHE A CD2 1 
ATOM   24   C CE1 . PHE A 1 3   ? -8.173  2.649   9.820   1.00 25.08  ? 3   PHE A CE1 1 
ATOM   25   C CE2 . PHE A 1 3   ? -7.861  1.856   7.589   1.00 25.71  ? 3   PHE A CE2 1 
ATOM   26   C CZ  . PHE A 1 3   ? -8.203  2.871   8.449   1.00 27.76  ? 3   PHE A CZ  1 
ATOM   27   N N   . SER A 1 4   ? -7.688  -3.871  11.734  1.00 25.30  ? 4   SER A N   1 
ATOM   28   C CA  . SER A 1 4   ? -7.220  -5.247  11.845  1.00 25.87  ? 4   SER A CA  1 
ATOM   29   C C   . SER A 1 4   ? -8.056  -6.175  10.974  1.00 26.94  ? 4   SER A C   1 
ATOM   30   O O   . SER A 1 4   ? -9.285  -6.071  10.920  1.00 30.11  ? 4   SER A O   1 
ATOM   31   C CB  . SER A 1 4   ? -7.280  -5.716  13.306  1.00 24.28  ? 4   SER A CB  1 
ATOM   32   O OG  . SER A 1 4   ? -6.471  -4.915  14.144  0.89 27.22  ? 4   SER A OG  1 
ATOM   33   N N   . GLY A 1 5   ? -7.382  -7.088  10.280  1.00 28.56  ? 5   GLY A N   1 
ATOM   34   C CA  . GLY A 1 5   ? -8.081  -8.023  9.423   1.00 29.87  ? 5   GLY A CA  1 
ATOM   35   C C   . GLY A 1 5   ? -7.150  -8.755  8.484   1.00 30.11  ? 5   GLY A C   1 
ATOM   36   O O   . GLY A 1 5   ? -5.998  -8.352  8.284   1.00 29.23  ? 5   GLY A O   1 
ATOM   37   N N   . ASN A 1 6   ? -7.628  -9.859  7.921   1.00 32.25  ? 6   ASN A N   1 
ATOM   38   C CA  . ASN A 1 6   ? -6.947  -10.523 6.816   1.00 32.99  ? 6   ASN A CA  1 
ATOM   39   C C   . ASN A 1 6   ? -7.689  -10.086 5.560   1.00 36.79  ? 6   ASN A C   1 
ATOM   40   O O   . ASN A 1 6   ? -8.781  -10.581 5.267   1.00 40.16  ? 6   ASN A O   1 
ATOM   41   C CB  . ASN A 1 6   ? -6.947  -12.040 6.984   1.00 33.53  ? 6   ASN A CB  1 
ATOM   42   C CG  . ASN A 1 6   ? -5.993  -12.506 8.064   1.00 42.70  ? 6   ASN A CG  1 
ATOM   43   O OD1 . ASN A 1 6   ? -4.782  -12.317 7.962   1.00 53.87  ? 6   ASN A OD1 1 
ATOM   44   N ND2 . ASN A 1 6   ? -6.534  -13.141 9.096   1.00 51.23  ? 6   ASN A ND2 1 
ATOM   45   N N   . TRP A 1 7   ? -7.109  -9.136  4.830   1.00 29.29  ? 7   TRP A N   1 
ATOM   46   C CA  . TRP A 1 7   ? -7.805  -8.478  3.735   1.00 26.16  ? 7   TRP A CA  1 
ATOM   47   C C   . TRP A 1 7   ? -7.441  -9.142  2.416   1.00 28.27  ? 7   TRP A C   1 
ATOM   48   O O   . TRP A 1 7   ? -6.262  -9.374  2.131   1.00 28.64  ? 7   TRP A O   1 
ATOM   49   C CB  . TRP A 1 7   ? -7.472  -6.984  3.700   1.00 25.82  ? 7   TRP A CB  1 
ATOM   50   C CG  . TRP A 1 7   ? -7.932  -6.243  4.951   1.00 25.36  ? 7   TRP A CG  1 
ATOM   51   C CD1 . TRP A 1 7   ? -7.191  -5.966  6.062   1.00 25.43  ? 7   TRP A CD1 1 
ATOM   52   C CD2 . TRP A 1 7   ? -9.235  -5.686  5.185   1.00 24.46  ? 7   TRP A CD2 1 
ATOM   53   N NE1 . TRP A 1 7   ? -7.957  -5.274  6.980   1.00 23.87  ? 7   TRP A NE1 1 
ATOM   54   C CE2 . TRP A 1 7   ? -9.213  -5.094  6.465   1.00 25.09  ? 7   TRP A CE2 1 
ATOM   55   C CE3 . TRP A 1 7   ? -10.420 -5.646  4.444   1.00 26.92  ? 7   TRP A CE3 1 
ATOM   56   C CZ2 . TRP A 1 7   ? -10.328 -4.449  7.007   1.00 27.01  ? 7   TRP A CZ2 1 
ATOM   57   C CZ3 . TRP A 1 7   ? -11.527 -5.004  4.984   1.00 26.03  ? 7   TRP A CZ3 1 
ATOM   58   C CH2 . TRP A 1 7   ? -11.475 -4.424  6.261   1.00 26.02  ? 7   TRP A CH2 1 
ATOM   59   N N   . LYS A 1 8   ? -8.460  -9.451  1.627   1.00 29.60  ? 8   LYS A N   1 
ATOM   60   C CA  . LYS A 1 8   ? -8.300  -10.060 0.312   1.00 29.60  ? 8   LYS A CA  1 
ATOM   61   C C   . LYS A 1 8   ? -8.798  -9.080  -0.736  1.00 24.15  ? 8   LYS A C   1 
ATOM   62   O O   . LYS A 1 8   ? -9.876  -8.493  -0.583  1.00 27.83  ? 8   LYS A O   1 
ATOM   63   C CB  . LYS A 1 8   ? -9.072  -11.378 0.213   1.00 36.49  ? 8   LYS A CB  1 
ATOM   64   N N   . ILE A 1 9   ? -8.025  -8.913  -1.803  1.00 31.16  ? 9   ILE A N   1 
ATOM   65   C CA  . ILE A 1 9   ? -8.332  -7.898  -2.805  1.00 28.28  ? 9   ILE A CA  1 
ATOM   66   C C   . ILE A 1 9   ? -9.505  -8.353  -3.665  1.00 28.61  ? 9   ILE A C   1 
ATOM   67   O O   . ILE A 1 9   ? -9.614  -9.532  -4.026  1.00 29.03  ? 9   ILE A O   1 
ATOM   68   C CB  . ILE A 1 9   ? -7.090  -7.586  -3.660  1.00 29.75  ? 9   ILE A CB  1 
ATOM   69   C CG1 . ILE A 1 9   ? -7.353  -6.377  -4.558  1.00 28.75  ? 9   ILE A CG1 1 
ATOM   70   C CG2 . ILE A 1 9   ? -6.657  -8.794  -4.474  1.00 33.99  ? 9   ILE A CG2 1 
ATOM   71   C CD1 . ILE A 1 9   ? -6.106  -5.649  -4.977  1.00 31.27  ? 9   ILE A CD1 1 
ATOM   72   N N   . ILE A 1 10  ? -10.421 -7.428  -3.945  1.00 25.52  ? 10  ILE A N   1 
ATOM   73   C CA  . ILE A 1 10  ? -11.541 -7.692  -4.844  1.00 30.58  ? 10  ILE A CA  1 
ATOM   74   C C   . ILE A 1 10  ? -11.552 -6.783  -6.063  1.00 31.32  ? 10  ILE A C   1 
ATOM   75   O O   . ILE A 1 10  ? -12.285 -7.077  -7.025  1.00 33.34  ? 10  ILE A O   1 
ATOM   76   C CB  . ILE A 1 10  ? -12.899 -7.601  -4.112  1.00 34.49  ? 10  ILE A CB  1 
ATOM   77   C CG1 . ILE A 1 10  ? -13.137 -6.187  -3.575  1.00 32.67  ? 10  ILE A CG1 1 
ATOM   78   C CG2 . ILE A 1 10  ? -12.984 -8.633  -2.983  1.00 30.80  ? 10  ILE A CG2 1 
ATOM   79   C CD1 . ILE A 1 10  ? -14.580 -5.903  -3.242  1.00 32.01  ? 10  ILE A CD1 1 
ATOM   80   N N   . ARG A 1 11  ? -10.766 -5.704  -6.075  1.00 26.07  ? 11  ARG A N   1 
ATOM   81   C CA  . ARG A 1 11  ? -10.749 -4.779  -7.204  1.00 27.30  ? 11  ARG A CA  1 
ATOM   82   C C   . ARG A 1 11  ? -9.430  -4.015  -7.208  1.00 30.02  ? 11  ARG A C   1 
ATOM   83   O O   . ARG A 1 11  ? -8.908  -3.654  -6.149  1.00 27.83  ? 11  ARG A O   1 
ATOM   84   C CB  . ARG A 1 11  ? -11.940 -3.810  -7.132  1.00 31.55  ? 11  ARG A CB  1 
ATOM   85   C CG  . ARG A 1 11  ? -12.115 -2.918  -8.338  1.00 38.19  ? 11  ARG A CG  1 
ATOM   86   C CD  . ARG A 1 11  ? -13.559 -2.458  -8.484  1.00 40.79  ? 11  ARG A CD  1 
ATOM   87   N NE  . ARG A 1 11  ? -14.037 -1.658  -7.365  1.00 55.44  ? 11  ARG A NE  1 
ATOM   88   C CZ  . ARG A 1 11  ? -14.873 -2.097  -6.426  1.00 48.38  ? 11  ARG A CZ  1 
ATOM   89   N NH1 . ARG A 1 11  ? -15.256 -1.282  -5.453  1.00 53.40  ? 11  ARG A NH1 1 
ATOM   90   N NH2 . ARG A 1 11  ? -15.328 -3.342  -6.459  1.00 53.13  ? 11  ARG A NH2 1 
ATOM   91   N N   . SER A 1 12  ? -8.899  -3.756  -8.400  1.00 25.21  ? 12  SER A N   1 
ATOM   92   C CA  . SER A 1 12  ? -7.659  -3.001  -8.525  1.00 24.62  ? 12  SER A CA  1 
ATOM   93   C C   . SER A 1 12  ? -7.731  -2.198  -9.810  1.00 29.65  ? 12  SER A C   1 
ATOM   94   O O   . SER A 1 12  ? -7.879  -2.783  -10.888 1.00 29.86  ? 12  SER A O   1 
ATOM   95   C CB  . SER A 1 12  ? -6.441  -3.925  -8.531  1.00 26.83  ? 12  SER A CB  1 
ATOM   96   O OG  . SER A 1 12  ? -5.256  -3.187  -8.799  1.00 28.95  ? 12  SER A OG  1 
ATOM   97   N N   . GLU A 1 13  ? -7.607  -0.879  -9.698  1.00 25.99  ? 13  GLU A N   1 
ATOM   98   C CA  . GLU A 1 13  ? -7.747  0.020   -10.836 1.00 24.05  ? 13  GLU A CA  1 
ATOM   99   C C   . GLU A 1 13  ? -6.541  0.940   -10.951 1.00 27.13  ? 13  GLU A C   1 
ATOM   100  O O   . GLU A 1 13  ? -6.045  1.466   -9.950  1.00 26.32  ? 13  GLU A O   1 
ATOM   101  C CB  . GLU A 1 13  ? -9.022  0.861   -10.714 1.00 26.41  ? 13  GLU A CB  1 
ATOM   102  C CG  . GLU A 1 13  ? -10.298 0.034   -10.704 1.00 27.84  ? 13  GLU A CG  1 
ATOM   103  C CD  . GLU A 1 13  ? -11.544 0.890   -10.629 1.00 43.75  ? 13  GLU A CD  1 
ATOM   104  O OE1 . GLU A 1 13  ? -12.019 1.139   -9.504  1.00 47.11  ? 13  GLU A OE1 1 
ATOM   105  O OE2 . GLU A 1 13  ? -12.043 1.313   -11.696 1.00 46.72  ? 13  GLU A OE2 1 
ATOM   106  N N   . ASN A 1 14  ? -6.088  1.152   -12.190 1.00 26.34  ? 14  ASN A N   1 
ATOM   107  C CA  . ASN A 1 14  ? -5.038  2.111   -12.514 1.00 24.60  ? 14  ASN A CA  1 
ATOM   108  C C   . ASN A 1 14  ? -3.651  1.690   -12.037 1.00 24.57  ? 14  ASN A C   1 
ATOM   109  O O   . ASN A 1 14  ? -2.732  2.515   -12.027 1.00 26.28  ? 14  ASN A O   1 
ATOM   110  C CB  . ASN A 1 14  ? -5.372  3.502   -11.973 1.00 28.95  ? 14  ASN A CB  1 
ATOM   111  C CG  . ASN A 1 14  ? -5.323  4.571   -13.028 1.00 41.00  ? 14  ASN A CG  1 
ATOM   112  O OD1 . ASN A 1 14  ? -5.446  4.298   -14.228 1.00 39.01  ? 14  ASN A OD1 1 
ATOM   113  N ND2 . ASN A 1 14  ? -5.140  5.812   -12.588 1.00 35.69  ? 14  ASN A ND2 1 
ATOM   114  N N   . PHE A 1 15  ? -3.455  0.415   -11.684 1.00 21.43  ? 15  PHE A N   1 
ATOM   115  C CA  . PHE A 1 15  ? -2.132  -0.039  -11.251 1.00 25.27  ? 15  PHE A CA  1 
ATOM   116  C C   . PHE A 1 15  ? -1.116  0.019   -12.388 1.00 29.30  ? 15  PHE A C   1 
ATOM   117  O O   . PHE A 1 15  ? 0.022   0.453   -12.185 1.00 27.06  ? 15  PHE A O   1 
ATOM   118  C CB  . PHE A 1 15  ? -2.210  -1.457  -10.674 1.00 27.07  ? 15  PHE A CB  1 
ATOM   119  C CG  . PHE A 1 15  ? -0.966  -1.889  -9.918  1.00 28.06  ? 15  PHE A CG  1 
ATOM   120  C CD1 . PHE A 1 15  ? -0.294  -1.003  -9.084  1.00 34.70  ? 15  PHE A CD1 1 
ATOM   121  C CD2 . PHE A 1 15  ? -0.501  -3.193  -10.007 1.00 30.53  ? 15  PHE A CD2 1 
ATOM   122  C CE1 . PHE A 1 15  ? 0.842   -1.404  -8.379  1.00 29.15  ? 15  PHE A CE1 1 
ATOM   123  C CE2 . PHE A 1 15  ? 0.634   -3.601  -9.308  1.00 34.28  ? 15  PHE A CE2 1 
ATOM   124  C CZ  . PHE A 1 15  ? 1.304   -2.699  -8.485  1.00 29.17  ? 15  PHE A CZ  1 
ATOM   125  N N   . GLU A 1 16  ? -1.500  -0.394  -13.603 1.00 25.57  ? 16  GLU A N   1 
ATOM   126  C CA  . GLU A 1 16  ? -0.524  -0.329  -14.681 1.00 25.37  ? 16  GLU A CA  1 
ATOM   127  C C   . GLU A 1 16  ? -0.102  1.110   -14.936 1.00 22.86  ? 16  GLU A C   1 
ATOM   128  O O   . GLU A 1 16  ? 1.085   1.395   -15.123 1.00 27.86  ? 16  GLU A O   1 
ATOM   129  C CB  . GLU A 1 16  ? -1.078  -0.963  -15.964 1.00 26.45  ? 16  GLU A CB  1 
ATOM   130  C CG  . GLU A 1 16  ? 0.051   -1.370  -16.901 1.00 31.11  ? 16  GLU A CG  1 
ATOM   131  C CD  . GLU A 1 16  ? -0.364  -1.443  -18.340 1.00 47.14  ? 16  GLU A CD  1 
ATOM   132  O OE1 . GLU A 1 16  ? -1.517  -1.846  -18.594 1.00 48.88  ? 16  GLU A OE1 1 
ATOM   133  O OE2 . GLU A 1 16  ? 0.482   -1.132  -19.211 1.00 43.23  ? 16  GLU A OE2 1 
ATOM   134  N N   . GLU A 1 17  ? -1.069  2.031   -14.947 1.00 24.48  ? 17  GLU A N   1 
ATOM   135  C CA  . GLU A 1 17  ? -0.765  3.440   -15.170 1.00 27.10  ? 17  GLU A CA  1 
ATOM   136  C C   . GLU A 1 17  ? 0.189   3.961   -14.104 1.00 30.34  ? 17  GLU A C   1 
ATOM   137  O O   . GLU A 1 17  ? 1.103   4.744   -14.391 1.00 27.30  ? 17  GLU A O   1 
ATOM   138  C CB  . GLU A 1 17  ? -2.067  4.246   -15.171 1.00 32.29  ? 17  GLU A CB  1 
ATOM   139  C CG  . GLU A 1 17  ? -2.998  4.033   -16.385 1.00 31.68  ? 17  GLU A CG  1 
ATOM   140  C CD  . GLU A 1 17  ? -3.684  2.663   -16.462 1.00 45.43  ? 17  GLU A CD  1 
ATOM   141  O OE1 . GLU A 1 17  ? -3.581  1.846   -15.518 1.00 30.33  ? 17  GLU A OE1 1 
ATOM   142  O OE2 . GLU A 1 17  ? -4.352  2.404   -17.492 1.00 47.98  ? 17  GLU A OE2 1 
ATOM   143  N N   . LEU A 1 18  ? 0.000   3.516   -12.862 1.00 26.23  ? 18  LEU A N   1 
ATOM   144  C CA  . LEU A 1 18  ? 0.898   3.918   -11.784 1.00 26.10  ? 18  LEU A CA  1 
ATOM   145  C C   . LEU A 1 18  ? 2.318   3.448   -12.060 1.00 24.54  ? 18  LEU A C   1 
ATOM   146  O O   . LEU A 1 18  ? 3.278   4.217   -11.940 1.00 27.45  ? 18  LEU A O   1 
ATOM   147  C CB  . LEU A 1 18  ? 0.389   3.342   -10.462 1.00 23.47  ? 18  LEU A CB  1 
ATOM   148  C CG  . LEU A 1 18  ? 1.205   3.668   -9.223  1.00 28.50  ? 18  LEU A CG  1 
ATOM   149  C CD1 . LEU A 1 18  ? 0.825   5.045   -8.744  1.00 30.20  ? 18  LEU A CD1 1 
ATOM   150  C CD2 . LEU A 1 18  ? 0.931   2.616   -8.143  1.00 28.84  ? 18  LEU A CD2 1 
ATOM   151  N N   . LEU A 1 19  ? 2.468   2.174   -12.444 1.00 22.19  ? 19  LEU A N   1 
ATOM   152  C CA  . LEU A 1 19  ? 3.793   1.619   -12.693 1.00 23.60  ? 19  LEU A CA  1 
ATOM   153  C C   . LEU A 1 19  ? 4.456   2.291   -13.881 1.00 26.14  ? 19  LEU A C   1 
ATOM   154  O O   . LEU A 1 19  ? 5.687   2.405   -13.921 1.00 27.25  ? 19  LEU A O   1 
ATOM   155  C CB  . LEU A 1 19  ? 3.698   0.117   -12.947 1.00 26.17  ? 19  LEU A CB  1 
ATOM   156  C CG  . LEU A 1 19  ? 3.176   -0.686  -11.762 1.00 28.93  ? 19  LEU A CG  1 
ATOM   157  C CD1 . LEU A 1 19  ? 2.916   -2.118  -12.198 1.00 27.97  ? 19  LEU A CD1 1 
ATOM   158  C CD2 . LEU A 1 19  ? 4.181   -0.619  -10.626 1.00 29.88  ? 19  LEU A CD2 1 
ATOM   159  N N   . LYS A 1 20  ? 3.653   2.715   -14.864 1.00 29.03  ? 20  LYS A N   1 
ATOM   160  C CA  . LYS A 1 20  ? 4.196   3.438   -16.010 1.00 29.15  ? 20  LYS A CA  1 
ATOM   161  C C   . LYS A 1 20  ? 4.837   4.753   -15.580 1.00 31.95  ? 20  LYS A C   1 
ATOM   162  O O   . LYS A 1 20  ? 5.941   5.084   -16.025 1.00 30.64  ? 20  LYS A O   1 
ATOM   163  C CB  . LYS A 1 20  ? 3.092   3.686   -17.034 1.00 27.21  ? 20  LYS A CB  1 
ATOM   164  C CG  . LYS A 1 20  ? 3.600   4.210   -18.366 0.96 36.03  ? 20  LYS A CG  1 
ATOM   165  C CD  . LYS A 1 20  ? 2.491   4.183   -19.402 1.00 30.98  ? 20  LYS A CD  1 
ATOM   166  C CE  . LYS A 1 20  ? 2.852   5.010   -20.635 0.91 49.10  ? 20  LYS A CE  1 
ATOM   167  N NZ  . LYS A 1 20  ? 2.197   6.348   -20.619 0.69 52.30  ? 20  LYS A NZ  1 
ATOM   168  N N   . VAL A 1 21  ? 4.171   5.501   -14.688 1.00 32.42  ? 21  VAL A N   1 
ATOM   169  C CA  . VAL A 1 21  ? 4.758   6.725   -14.140 1.00 32.21  ? 21  VAL A CA  1 
ATOM   170  C C   . VAL A 1 21  ? 6.097   6.426   -13.479 1.00 33.95  ? 21  VAL A C   1 
ATOM   171  O O   . VAL A 1 21  ? 7.042   7.221   -13.562 1.00 30.41  ? 21  VAL A O   1 
ATOM   172  C CB  . VAL A 1 21  ? 3.782   7.391   -13.151 1.00 32.89  ? 21  VAL A CB  1 
ATOM   173  C CG1 . VAL A 1 21  ? 4.469   8.531   -12.406 1.00 33.49  ? 21  VAL A CG1 1 
ATOM   174  C CG2 . VAL A 1 21  ? 2.574   7.910   -13.884 1.00 40.28  ? 21  VAL A CG2 1 
ATOM   175  N N   . LEU A 1 22  ? 6.201   5.280   -12.805 1.00 29.74  ? 22  LEU A N   1 
ATOM   176  C CA  . LEU A 1 22  ? 7.429   4.917   -12.120 1.00 31.96  ? 22  LEU A CA  1 
ATOM   177  C C   . LEU A 1 22  ? 8.495   4.355   -13.053 1.00 29.41  ? 22  LEU A C   1 
ATOM   178  O O   . LEU A 1 22  ? 9.590   4.023   -12.592 1.00 35.06  ? 22  LEU A O   1 
ATOM   179  C CB  . LEU A 1 22  ? 7.110   3.918   -10.999 1.00 31.50  ? 22  LEU A CB  1 
ATOM   180  C CG  . LEU A 1 22  ? 6.131   4.483   -9.965  1.00 37.97  ? 22  LEU A CG  1 
ATOM   181  C CD1 . LEU A 1 22  ? 5.707   3.400   -8.995  1.00 28.44  ? 22  LEU A CD1 1 
ATOM   182  C CD2 . LEU A 1 22  ? 6.748   5.661   -9.218  1.00 27.62  ? 22  LEU A CD2 1 
ATOM   183  N N   . GLY A 1 23  ? 8.211   4.239   -14.348 1.00 30.83  ? 23  GLY A N   1 
ATOM   184  C CA  . GLY A 1 23  ? 9.206   3.780   -15.294 1.00 35.12  ? 23  GLY A CA  1 
ATOM   185  C C   . GLY A 1 23  ? 9.363   2.282   -15.413 1.00 37.11  ? 23  GLY A C   1 
ATOM   186  O O   . GLY A 1 23  ? 10.379  1.822   -15.947 1.00 34.90  ? 23  GLY A O   1 
ATOM   187  N N   . VAL A 1 24  ? 8.400   1.499   -14.934 1.00 30.50  ? 24  VAL A N   1 
ATOM   188  C CA  . VAL A 1 24  ? 8.459   0.060   -15.133 1.00 29.20  ? 24  VAL A CA  1 
ATOM   189  C C   . VAL A 1 24  ? 8.113   -0.244  -16.588 1.00 30.23  ? 24  VAL A C   1 
ATOM   190  O O   . VAL A 1 24  ? 7.125   0.271   -17.122 1.00 28.36  ? 24  VAL A O   1 
ATOM   191  C CB  . VAL A 1 24  ? 7.509   -0.653  -14.160 1.00 27.74  ? 24  VAL A CB  1 
ATOM   192  C CG1 . VAL A 1 24  ? 7.661   -2.148  -14.279 1.00 32.04  ? 24  VAL A CG1 1 
ATOM   193  C CG2 . VAL A 1 24  ? 7.790   -0.208  -12.708 1.00 28.78  ? 24  VAL A CG2 1 
ATOM   194  N N   . ASN A 1 25  ? 8.936   -1.067  -17.239 1.00 32.04  ? 25  ASN A N   1 
ATOM   195  C CA  A ASN A 1 25  ? 8.724   -1.413  -18.639 0.59 30.98  ? 25  ASN A CA  1 
ATOM   196  C CA  B ASN A 1 25  ? 8.682   -1.349  -18.645 0.41 31.02  ? 25  ASN A CA  1 
ATOM   197  C C   . ASN A 1 25  ? 7.463   -2.256  -18.789 1.00 30.42  ? 25  ASN A C   1 
ATOM   198  O O   . ASN A 1 25  ? 7.067   -2.978  -17.867 1.00 28.80  ? 25  ASN A O   1 
ATOM   199  C CB  A ASN A 1 25  ? 9.934   -2.172  -19.194 0.59 35.18  ? 25  ASN A CB  1 
ATOM   200  C CB  B ASN A 1 25  ? 9.903   -1.988  -19.311 0.41 35.21  ? 25  ASN A CB  1 
ATOM   201  C CG  A ASN A 1 25  ? 11.137  -1.268  -19.434 0.59 38.73  ? 25  ASN A CG  1 
ATOM   202  C CG  B ASN A 1 25  ? 10.167  -3.382  -18.805 0.41 36.58  ? 25  ASN A CG  1 
ATOM   203  O OD1 A ASN A 1 25  ? 10.998  -0.060  -19.646 0.59 43.02  ? 25  ASN A OD1 1 
ATOM   204  O OD1 B ASN A 1 25  ? 9.675   -4.363  -19.359 0.41 40.58  ? 25  ASN A OD1 1 
ATOM   205  N ND2 A ASN A 1 25  ? 12.328  -1.853  -19.391 0.59 35.96  ? 25  ASN A ND2 1 
ATOM   206  N ND2 B ASN A 1 25  ? 10.904  -3.476  -17.713 0.41 40.30  ? 25  ASN A ND2 1 
ATOM   207  N N   . VAL A 1 26  ? 6.856   -2.196  -19.985 1.00 28.87  ? 26  VAL A N   1 
ATOM   208  C CA  . VAL A 1 26  ? 5.514   -2.752  -20.187 1.00 26.54  ? 26  VAL A CA  1 
ATOM   209  C C   . VAL A 1 26  ? 5.469   -4.243  -19.853 1.00 26.75  ? 26  VAL A C   1 
ATOM   210  O O   . VAL A 1 26  ? 4.521   -4.727  -19.225 1.00 26.75  ? 26  VAL A O   1 
ATOM   211  C CB  . VAL A 1 26  ? 5.021   -2.472  -21.623 1.00 30.19  ? 26  VAL A CB  1 
ATOM   212  C CG1 . VAL A 1 26  ? 5.995   -2.980  -22.663 1.00 37.55  ? 26  VAL A CG1 1 
ATOM   213  C CG2 . VAL A 1 26  ? 3.655   -3.100  -21.837 1.00 31.45  ? 26  VAL A CG2 1 
ATOM   214  N N   . MET A 1 27  ? 6.464   -5.002  -20.299 1.00 30.48  ? 27  MET A N   1 
ATOM   215  C CA  . MET A 1 27  ? 6.437   -6.441  -20.069 1.00 29.29  ? 27  MET A CA  1 
ATOM   216  C C   . MET A 1 27  ? 6.358   -6.745  -18.583 1.00 36.56  ? 27  MET A C   1 
ATOM   217  O O   . MET A 1 27  ? 5.573   -7.599  -18.136 1.00 36.94  ? 27  MET A O   1 
ATOM   218  C CB  . MET A 1 27  ? 7.691   -7.059  -20.682 1.00 45.70  ? 27  MET A CB  1 
ATOM   219  C CG  . MET A 1 27  ? 7.629   -8.533  -20.890 0.83 44.76  ? 27  MET A CG  1 
ATOM   220  S SD  . MET A 1 27  ? 8.870   -9.071  -22.082 0.71 35.84  ? 27  MET A SD  1 
ATOM   221  C CE  . MET A 1 27  ? 10.365  -8.392  -21.410 1.00 38.51  ? 27  MET A CE  1 
ATOM   222  N N   . LEU A 1 28  ? 7.135   -6.002  -17.802 1.00 35.77  ? 28  LEU A N   1 
ATOM   223  C CA  . LEU A 1 28  ? 7.201   -6.193  -16.365 1.00 39.29  ? 28  LEU A CA  1 
ATOM   224  C C   . LEU A 1 28  ? 5.967   -5.632  -15.663 1.00 29.27  ? 28  LEU A C   1 
ATOM   225  O O   . LEU A 1 28  ? 5.542   -6.166  -14.634 1.00 35.30  ? 28  LEU A O   1 
ATOM   226  C CB  . LEU A 1 28  ? 8.508   -5.581  -15.844 1.00 41.19  ? 28  LEU A CB  1 
ATOM   227  C CG  . LEU A 1 28  ? 9.810   -6.360  -16.105 1.00 58.30  ? 28  LEU A CG  1 
ATOM   228  C CD1 . LEU A 1 28  ? 9.722   -7.564  -15.209 1.00 66.67  ? 28  LEU A CD1 1 
ATOM   229  C CD2 . LEU A 1 28  ? 10.083  -6.821  -17.539 1.00 57.18  ? 28  LEU A CD2 1 
ATOM   230  N N   . ARG A 1 29  ? 5.364   -4.576  -16.211 1.00 29.41  ? 29  ARG A N   1 
ATOM   231  C CA  . ARG A 1 29  ? 4.110   -4.075  -15.652 1.00 28.56  ? 29  ARG A CA  1 
ATOM   232  C C   . ARG A 1 29  ? 3.014   -5.131  -15.696 1.00 33.95  ? 29  ARG A C   1 
ATOM   233  O O   . ARG A 1 29  ? 2.243   -5.278  -14.744 1.00 27.92  ? 29  ARG A O   1 
ATOM   234  C CB  . ARG A 1 29  ? 3.647   -2.826  -16.402 1.00 27.77  ? 29  ARG A CB  1 
ATOM   235  C CG  . ARG A 1 29  ? 4.639   -1.691  -16.369 1.00 28.87  ? 29  ARG A CG  1 
ATOM   236  C CD  . ARG A 1 29  ? 3.994   -0.353  -16.677 1.00 25.76  ? 29  ARG A CD  1 
ATOM   237  N NE  . ARG A 1 29  ? 3.356   -0.304  -17.991 1.00 29.02  ? 29  ARG A NE  1 
ATOM   238  C CZ  . ARG A 1 29  ? 3.907   0.239   -19.074 1.00 36.04  ? 29  ARG A CZ  1 
ATOM   239  N NH1 . ARG A 1 29  ? 5.137   0.741   -19.028 1.00 31.49  ? 29  ARG A NH1 1 
ATOM   240  N NH2 . ARG A 1 29  ? 3.233   0.256   -20.214 1.00 32.37  ? 29  ARG A NH2 1 
ATOM   241  N N   . LYS A 1 30  ? 2.903   -5.867  -16.805 1.00 28.39  ? 30  LYS A N   1 
ATOM   242  C CA  . LYS A 1 30  ? 1.770   -6.778  -16.906 1.00 26.49  ? 30  LYS A CA  1 
ATOM   243  C C   . LYS A 1 30  ? 1.862   -7.883  -15.860 1.00 31.22  ? 30  LYS A C   1 
ATOM   244  O O   . LYS A 1 30  ? 0.848   -8.268  -15.266 1.00 30.22  ? 30  LYS A O   1 
ATOM   245  C CB  . LYS A 1 30  ? 1.676   -7.348  -18.327 1.00 26.28  ? 30  LYS A CB  1 
ATOM   246  C CG  . LYS A 1 30  ? 1.486   -6.276  -19.409 1.00 28.15  ? 30  LYS A CG  1 
ATOM   247  C CD  . LYS A 1 30  ? 0.174   -5.503  -19.311 1.00 36.12  ? 30  LYS A CD  1 
ATOM   248  C CE  . LYS A 1 30  ? 0.064   -4.473  -20.439 1.00 32.42  ? 30  LYS A CE  1 
ATOM   249  N NZ  . LYS A 1 30  ? -1.239  -3.728  -20.468 1.00 34.35  ? 30  LYS A NZ  1 
ATOM   250  N N   . ILE A 1 31  ? 3.070   -8.377  -15.588 1.00 29.36  ? 31  ILE A N   1 
ATOM   251  C CA  . ILE A 1 31  ? 3.188   -9.430  -14.587 1.00 32.73  ? 31  ILE A CA  1 
ATOM   252  C C   . ILE A 1 31  ? 3.041   -8.876  -13.172 1.00 38.62  ? 31  ILE A C   1 
ATOM   253  O O   . ILE A 1 31  ? 2.534   -9.577  -12.291 1.00 34.53  ? 31  ILE A O   1 
ATOM   254  C CB  . ILE A 1 31  ? 4.500   -10.210 -14.780 1.00 34.69  ? 31  ILE A CB  1 
ATOM   255  C CG1 . ILE A 1 31  ? 5.722   -9.312  -14.619 1.00 40.18  ? 31  ILE A CG1 1 
ATOM   256  C CG2 . ILE A 1 31  ? 4.518   -10.866 -16.174 1.00 35.63  ? 31  ILE A CG2 1 
ATOM   257  C CD1 . ILE A 1 31  ? 6.970   -9.889  -15.288 1.00 44.74  ? 31  ILE A CD1 1 
ATOM   258  N N   . TYR A 1 32  ? 3.441   -7.622  -12.934 1.00 34.94  ? 32  TYR A N   1 
ATOM   259  C CA  . TYR A 1 32  ? 3.184   -6.998  -11.634 1.00 31.02  ? 32  TYR A CA  1 
ATOM   260  C C   . TYR A 1 32  ? 1.687   -6.828  -11.398 1.00 32.76  ? 32  TYR A C   1 
ATOM   261  O O   . TYR A 1 32  ? 1.184   -7.135  -10.311 1.00 31.45  ? 32  TYR A O   1 
ATOM   262  C CB  . TYR A 1 32  ? 3.902   -5.646  -11.557 1.00 25.90  ? 32  TYR A CB  1 
ATOM   263  C CG  . TYR A 1 32  ? 4.129   -5.077  -10.160 1.00 36.46  ? 32  TYR A CG  1 
ATOM   264  C CD1 . TYR A 1 32  ? 3.550   -5.649  -9.036  1.00 36.57  ? 32  TYR A CD1 1 
ATOM   265  C CD2 . TYR A 1 32  ? 4.917   -3.950  -9.982  1.00 42.24  ? 32  TYR A CD2 1 
ATOM   266  C CE1 . TYR A 1 32  ? 3.763   -5.114  -7.760  1.00 35.64  ? 32  TYR A CE1 1 
ATOM   267  C CE2 . TYR A 1 32  ? 5.143   -3.413  -8.720  1.00 43.34  ? 32  TYR A CE2 1 
ATOM   268  C CZ  . TYR A 1 32  ? 4.563   -3.995  -7.612  1.00 46.61  ? 32  TYR A CZ  1 
ATOM   269  O OH  . TYR A 1 32  ? 4.787   -3.451  -6.359  1.00 35.92  ? 32  TYR A OH  1 
ATOM   270  N N   . VAL A 1 33  ? 0.956   -6.343  -12.406 1.00 28.27  ? 33  VAL A N   1 
ATOM   271  C CA  . VAL A 1 33  ? -0.497  -6.244  -12.294 1.00 28.74  ? 33  VAL A CA  1 
ATOM   272  C C   . VAL A 1 33  ? -1.092  -7.612  -11.989 1.00 37.50  ? 33  VAL A C   1 
ATOM   273  O O   . VAL A 1 33  ? -2.018  -7.738  -11.176 1.00 37.98  ? 33  VAL A O   1 
ATOM   274  C CB  . VAL A 1 33  ? -1.098  -5.647  -13.581 1.00 36.20  ? 33  VAL A CB  1 
ATOM   275  C CG1 . VAL A 1 33  ? -2.616  -5.828  -13.592 1.00 32.15  ? 33  VAL A CG1 1 
ATOM   276  C CG2 . VAL A 1 33  ? -0.728  -4.179  -13.716 1.00 29.07  ? 33  VAL A CG2 1 
ATOM   277  N N   . ALA A 1 34  ? -0.564  -8.656  -12.633 1.00 33.59  ? 34  ALA A N   1 
ATOM   278  C CA  . ALA A 1 34  ? -1.063  -10.008 -12.406 1.00 37.27  ? 34  ALA A CA  1 
ATOM   279  C C   . ALA A 1 34  ? -0.841  -10.437 -10.963 1.00 41.21  ? 34  ALA A C   1 
ATOM   280  O O   . ALA A 1 34  ? -1.718  -11.055 -10.348 1.00 41.13  ? 34  ALA A O   1 
ATOM   281  C CB  . ALA A 1 34  ? -0.383  -10.989 -13.361 1.00 39.39  ? 34  ALA A CB  1 
ATOM   282  N N   . ALA A 1 35  ? 0.335   -10.131 -10.413 1.00 32.98  ? 35  ALA A N   1 
ATOM   283  C CA  . ALA A 1 35  ? 0.588   -10.440 -9.007  1.00 33.62  ? 35  ALA A CA  1 
ATOM   284  C C   . ALA A 1 35  ? -0.381  -9.700  -8.095  1.00 40.74  ? 35  ALA A C   1 
ATOM   285  O O   . ALA A 1 35  ? -0.792  -10.229 -7.054  1.00 37.05  ? 35  ALA A O   1 
ATOM   286  C CB  . ALA A 1 35  ? 2.037   -10.104 -8.643  1.00 27.07  ? 35  ALA A CB  1 
ATOM   287  N N   . ALA A 1 36  ? -0.765  -8.476  -8.469  1.00 32.90  ? 36  ALA A N   1 
ATOM   288  C CA  . ALA A 1 36  ? -1.600  -7.657  -7.597  1.00 43.47  ? 36  ALA A CA  1 
ATOM   289  C C   . ALA A 1 36  ? -3.042  -8.140  -7.568  1.00 58.20  ? 36  ALA A C   1 
ATOM   290  O O   . ALA A 1 36  ? -3.704  -8.051  -6.532  1.00 50.64  ? 36  ALA A O   1 
ATOM   291  C CB  . ALA A 1 36  ? -1.550  -6.195  -8.039  1.00 36.67  ? 36  ALA A CB  1 
ATOM   292  N N   . SER A 1 37  ? -3.549  -8.655  -8.679  1.00 77.88  ? 37  SER A N   1 
ATOM   293  C CA  . SER A 1 37  ? -4.951  -9.049  -8.690  1.00 86.98  ? 37  SER A CA  1 
ATOM   294  C C   . SER A 1 37  ? -5.234  -10.274 -7.827  1.00 74.85  ? 37  SER A C   1 
ATOM   295  O O   . SER A 1 37  ? -6.384  -10.725 -7.783  1.00 109.29 ? 37  SER A O   1 
ATOM   296  C CB  . SER A 1 37  ? -5.393  -9.292  -10.128 1.00 80.99  ? 37  SER A CB  1 
ATOM   297  O OG  . SER A 1 37  ? -5.014  -8.199  -10.949 1.00 65.03  ? 37  SER A OG  1 
ATOM   298  N N   . LYS A 1 38  ? -4.225  -10.812 -7.140  1.00 57.51  ? 38  LYS A N   1 
ATOM   299  C CA  . LYS A 1 38  ? -4.375  -11.899 -6.193  1.00 52.66  ? 38  LYS A CA  1 
ATOM   300  C C   . LYS A 1 38  ? -3.299  -11.729 -5.111  1.00 75.26  ? 38  LYS A C   1 
ATOM   301  O O   . LYS A 1 38  ? -2.356  -12.514 -4.986  1.00 64.87  ? 38  LYS A O   1 
ATOM   302  C CB  . LYS A 1 38  ? -4.280  -13.263 -6.880  1.00 63.74  ? 38  LYS A CB  1 
ATOM   303  N N   . TYR A 1 39  ? -3.434  -10.674 -4.303  1.00 40.64  ? 39  TYR A N   1 
ATOM   304  C CA  A TYR A 1 39  ? -2.479  -10.360 -3.251  0.23 36.46  ? 39  TYR A CA  1 
ATOM   305  C CA  B TYR A 1 39  ? -2.487  -10.408 -3.226  0.77 36.49  ? 39  TYR A CA  1 
ATOM   306  C C   . TYR A 1 39  ? -3.236  -9.986  -1.976  1.00 30.36  ? 39  TYR A C   1 
ATOM   307  O O   . TYR A 1 39  ? -4.407  -9.608  -2.018  1.00 28.11  ? 39  TYR A O   1 
ATOM   308  C CB  A TYR A 1 39  ? -1.509  -9.271  -3.756  0.23 33.64  ? 39  TYR A CB  1 
ATOM   309  C CB  B TYR A 1 39  ? -1.434  -9.364  -3.618  0.77 32.88  ? 39  TYR A CB  1 
ATOM   310  C CG  A TYR A 1 39  ? -1.521  -7.926  -3.072  0.23 33.54  ? 39  TYR A CG  1 
ATOM   311  C CG  B TYR A 1 39  ? -1.691  -7.905  -3.294  0.77 31.75  ? 39  TYR A CG  1 
ATOM   312  C CD1 A TYR A 1 39  ? -2.665  -7.137  -3.022  0.23 35.14  ? 39  TYR A CD1 1 
ATOM   313  C CD1 B TYR A 1 39  ? -1.003  -7.272  -2.262  0.77 34.53  ? 39  TYR A CD1 1 
ATOM   314  C CD2 A TYR A 1 39  ? -0.357  -7.413  -2.532  0.23 34.30  ? 39  TYR A CD2 1 
ATOM   315  C CD2 B TYR A 1 39  ? -2.560  -7.145  -4.053  0.77 36.93  ? 39  TYR A CD2 1 
ATOM   316  C CE1 A TYR A 1 39  ? -2.648  -5.900  -2.403  0.23 33.60  ? 39  TYR A CE1 1 
ATOM   317  C CE1 B TYR A 1 39  ? -1.200  -5.926  -1.983  0.77 36.49  ? 39  TYR A CE1 1 
ATOM   318  C CE2 A TYR A 1 39  ? -0.335  -6.182  -1.936  0.23 35.17  ? 39  TYR A CE2 1 
ATOM   319  C CE2 B TYR A 1 39  ? -2.763  -5.800  -3.785  0.77 34.77  ? 39  TYR A CE2 1 
ATOM   320  C CZ  A TYR A 1 39  ? -1.472  -5.433  -1.860  0.23 34.09  ? 39  TYR A CZ  1 
ATOM   321  C CZ  B TYR A 1 39  ? -2.081  -5.199  -2.752  0.77 30.50  ? 39  TYR A CZ  1 
ATOM   322  O OH  A TYR A 1 39  ? -1.410  -4.208  -1.239  0.23 36.26  ? 39  TYR A OH  1 
ATOM   323  O OH  B TYR A 1 39  ? -2.288  -3.861  -2.493  0.77 32.25  ? 39  TYR A OH  1 
ATOM   324  N N   . ALA A 1 40  ? -2.554  -10.101 -0.833  1.00 26.25  ? 40  ALA A N   1 
ATOM   325  C CA  . ALA A 1 40  ? -3.227  -10.019 0.455   1.00 28.13  ? 40  ALA A CA  1 
ATOM   326  C C   . ALA A 1 40  ? -2.535  -9.034  1.383   1.00 25.21  ? 40  ALA A C   1 
ATOM   327  O O   . ALA A 1 40  ? -1.320  -8.843  1.313   1.00 24.40  ? 40  ALA A O   1 
ATOM   328  C CB  . ALA A 1 40  ? -3.278  -11.397 1.132   1.00 29.64  ? 40  ALA A CB  1 
ATOM   329  N N   . VAL A 1 41  ? -3.335  -8.403  2.245   1.00 24.51  ? 41  VAL A N   1 
ATOM   330  C CA  . VAL A 1 41  ? -2.850  -7.441  3.230   1.00 25.43  ? 41  VAL A CA  1 
ATOM   331  C C   . VAL A 1 41  ? -3.391  -7.857  4.590   1.00 23.71  ? 41  VAL A C   1 
ATOM   332  O O   . VAL A 1 41  ? -4.612  -7.862  4.799   1.00 28.54  ? 41  VAL A O   1 
ATOM   333  C CB  . VAL A 1 41  ? -3.285  -6.001  2.896   1.00 26.33  ? 41  VAL A CB  1 
ATOM   334  C CG1 . VAL A 1 41  ? -2.865  -5.041  3.994   1.00 27.91  ? 41  VAL A CG1 1 
ATOM   335  C CG2 . VAL A 1 41  ? -2.727  -5.561  1.514   1.00 26.73  ? 41  VAL A CG2 1 
ATOM   336  N N   . GLU A 1 42  ? -2.497  -8.238  5.495   1.00 25.21  ? 42  GLU A N   1 
ATOM   337  C CA  A GLU A 1 42  ? -2.866  -8.548  6.868   0.57 25.54  ? 42  GLU A CA  1 
ATOM   338  C CA  B GLU A 1 42  ? -2.853  -8.554  6.871   0.43 25.63  ? 42  GLU A CA  1 
ATOM   339  C C   . GLU A 1 42  ? -2.480  -7.375  7.758   1.00 25.81  ? 42  GLU A C   1 
ATOM   340  O O   . GLU A 1 42  ? -1.331  -6.917  7.730   1.00 26.45  ? 42  GLU A O   1 
ATOM   341  C CB  A GLU A 1 42  ? -2.184  -9.821  7.368   0.57 30.62  ? 42  GLU A CB  1 
ATOM   342  C CB  B GLU A 1 42  ? -2.130  -9.814  7.351   0.43 30.59  ? 42  GLU A CB  1 
ATOM   343  C CG  A GLU A 1 42  ? -2.501  -10.113 8.830   0.57 27.25  ? 42  GLU A CG  1 
ATOM   344  C CG  B GLU A 1 42  ? -2.266  -10.994 6.417   0.43 31.40  ? 42  GLU A CG  1 
ATOM   345  C CD  A GLU A 1 42  ? -1.683  -11.256 9.409   0.57 39.75  ? 42  GLU A CD  1 
ATOM   346  C CD  B GLU A 1 42  ? -1.589  -12.249 6.941   0.43 39.58  ? 42  GLU A CD  1 
ATOM   347  O OE1 A GLU A 1 42  ? -0.877  -11.858 8.667   0.57 39.15  ? 42  GLU A OE1 1 
ATOM   348  O OE1 B GLU A 1 42  ? -1.488  -12.413 8.175   0.43 36.48  ? 42  GLU A OE1 1 
ATOM   349  O OE2 A GLU A 1 42  ? -1.850  -11.553 10.608  0.57 43.92  ? 42  GLU A OE2 1 
ATOM   350  O OE2 B GLU A 1 42  ? -1.161  -13.076 6.111   0.43 38.95  ? 42  GLU A OE2 1 
ATOM   351  N N   . ILE A 1 43  ? -3.438  -6.892  8.542   1.00 24.47  ? 43  ILE A N   1 
ATOM   352  C CA  . ILE A 1 43  ? -3.212  -5.748  9.420   1.00 23.27  ? 43  ILE A CA  1 
ATOM   353  C C   . ILE A 1 43  ? -3.548  -6.143  10.848  1.00 24.04  ? 43  ILE A C   1 
ATOM   354  O O   . ILE A 1 43  ? -4.597  -6.747  11.097  1.00 27.57  ? 43  ILE A O   1 
ATOM   355  C CB  . ILE A 1 43  ? -4.055  -4.531  9.002   1.00 23.11  ? 43  ILE A CB  1 
ATOM   356  C CG1 . ILE A 1 43  ? -3.779  -4.139  7.546   1.00 21.98  ? 43  ILE A CG1 1 
ATOM   357  C CG2 . ILE A 1 43  ? -3.791  -3.352  9.926   1.00 23.52  ? 43  ILE A CG2 1 
ATOM   358  C CD1 . ILE A 1 43  ? -4.680  -3.020  7.072   1.00 23.83  ? 43  ILE A CD1 1 
ATOM   359  N N   . LYS A 1 44  ? -2.663  -5.787  11.776  1.00 24.06  ? 44  LYS A N   1 
ATOM   360  C CA  . LYS A 1 44  ? -2.947  -5.788  13.207  1.00 25.92  ? 44  LYS A CA  1 
ATOM   361  C C   . LYS A 1 44  ? -2.774  -4.358  13.696  1.00 21.08  ? 44  LYS A C   1 
ATOM   362  O O   . LYS A 1 44  ? -1.674  -3.801  13.609  1.00 25.24  ? 44  LYS A O   1 
ATOM   363  C CB  . LYS A 1 44  ? -2.014  -6.740  13.957  1.00 29.97  ? 44  LYS A CB  1 
ATOM   364  C CD  . LYS A 1 44  ? -1.418  -6.804  16.394  0.77 44.98  ? 44  LYS A CD  1 
ATOM   365  C CE  . LYS A 1 44  ? -0.371  -7.905  16.427  0.64 46.45  ? 44  LYS A CE  1 
ATOM   366  N NZ  . LYS A 1 44  ? 0.645   -7.678  17.503  0.96 49.64  ? 44  LYS A NZ  1 
ATOM   367  N N   . GLN A 1 45  ? -3.861  -3.756  14.172  1.00 23.70  ? 45  GLN A N   1 
ATOM   368  C CA  . GLN A 1 45  ? -3.849  -2.391  14.673  1.00 21.29  ? 45  GLN A CA  1 
ATOM   369  C C   . GLN A 1 45  ? -4.013  -2.409  16.186  1.00 23.75  ? 45  GLN A C   1 
ATOM   370  O O   . GLN A 1 45  ? -4.975  -2.996  16.693  1.00 30.51  ? 45  GLN A O   1 
ATOM   371  C CB  . GLN A 1 45  ? -4.974  -1.560  14.079  1.00 25.57  ? 45  GLN A CB  1 
ATOM   372  C CG  . GLN A 1 45  ? -5.000  -0.154  14.663  1.00 26.46  ? 45  GLN A CG  1 
ATOM   373  C CD  . GLN A 1 45  ? -6.188  0.648   14.198  1.00 30.24  ? 45  GLN A CD  1 
ATOM   374  O OE1 . GLN A 1 45  ? -6.986  0.181   13.376  1.00 27.24  ? 45  GLN A OE1 1 
ATOM   375  N NE2 . GLN A 1 45  ? -6.317  1.868   14.713  1.00 26.83  ? 45  GLN A NE2 1 
ATOM   376  N N   . GLU A 1 46  ? -3.096  -1.746  16.885  1.00 22.17  ? 46  GLU A N   1 
ATOM   377  C CA  . GLU A 1 46  ? -3.172  -1.532  18.333  1.00 21.63  ? 46  GLU A CA  1 
ATOM   378  C C   . GLU A 1 46  ? -3.043  -0.027  18.550  1.00 18.13  ? 46  GLU A C   1 
ATOM   379  O O   . GLU A 1 46  ? -1.935  0.509   18.627  1.00 25.15  ? 46  GLU A O   1 
ATOM   380  C CB  . GLU A 1 46  ? -2.096  -2.329  19.067  1.00 27.64  ? 46  GLU A CB  1 
ATOM   381  C CG  . GLU A 1 46  ? -2.341  -3.826  19.016  1.00 35.27  ? 46  GLU A CG  1 
ATOM   382  C CD  . GLU A 1 46  ? -1.171  -4.642  19.543  0.81 37.86  ? 46  GLU A CD  1 
ATOM   383  O OE1 . GLU A 1 46  ? -1.332  -5.870  19.696  0.77 44.19  ? 46  GLU A OE1 1 
ATOM   384  O OE2 . GLU A 1 46  ? -0.099  -4.062  19.806  0.81 39.98  ? 46  GLU A OE2 1 
ATOM   385  N N   . GLY A 1 47  ? -4.185  0.652   18.636  1.00 23.61  ? 47  GLY A N   1 
ATOM   386  C CA  . GLY A 1 47  ? -4.181  2.094   18.782  1.00 24.55  ? 47  GLY A CA  1 
ATOM   387  C C   . GLY A 1 47  ? -3.602  2.748   17.551  1.00 23.14  ? 47  GLY A C   1 
ATOM   388  O O   . GLY A 1 47  ? -4.107  2.510   16.451  1.00 24.31  ? 47  GLY A O   1 
ATOM   389  N N   . ASP A 1 48  ? -2.536  3.529   17.711  1.00 24.57  ? 48  ASP A N   1 
ATOM   390  C CA  . ASP A 1 48  ? -1.847  4.156   16.589  1.00 22.65  ? 48  ASP A CA  1 
ATOM   391  C C   . ASP A 1 48  ? -0.665  3.327   16.085  1.00 22.85  ? 48  ASP A C   1 
ATOM   392  O O   . ASP A 1 48  ? 0.116   3.824   15.268  1.00 24.22  ? 48  ASP A O   1 
ATOM   393  C CB  . ASP A 1 48  ? -1.339  5.551   16.977  1.00 23.71  ? 48  ASP A CB  1 
ATOM   394  C CG  . ASP A 1 48  ? -2.333  6.660   16.675  1.00 27.03  ? 48  ASP A CG  1 
ATOM   395  O OD1 . ASP A 1 48  ? -3.453  6.373   16.192  1.00 26.61  ? 48  ASP A OD1 1 
ATOM   396  O OD2 . ASP A 1 48  ? -1.980  7.836   16.941  1.00 29.12  ? 48  ASP A OD2 1 
ATOM   397  N N   . THR A 1 49  ? -0.492  2.102   16.578  1.00 22.00  ? 49  THR A N   1 
ATOM   398  C CA  . THR A 1 49  ? 0.580   1.210   16.135  1.00 21.06  ? 49  THR A CA  1 
ATOM   399  C C   . THR A 1 49  ? 0.011   0.175   15.170  1.00 21.30  ? 49  THR A C   1 
ATOM   400  O O   . THR A 1 49  ? -1.007  -0.463  15.456  1.00 20.72  ? 49  THR A O   1 
ATOM   401  C CB  . THR A 1 49  ? 1.241   0.520   17.332  1.00 24.50  ? 49  THR A CB  1 
ATOM   402  O OG1 . THR A 1 49  ? 1.878   1.513   18.156  0.84 24.01  ? 49  THR A OG1 1 
ATOM   403  C CG2 . THR A 1 49  ? 2.291   -0.467  16.844  1.00 24.65  ? 49  THR A CG2 1 
ATOM   404  N N   . PHE A 1 50  ? 0.640   0.050   13.999  1.00 22.94  ? 50  PHE A N   1 
ATOM   405  C CA  . PHE A 1 50  ? 0.171   -0.844  12.952  1.00 23.29  ? 50  PHE A CA  1 
ATOM   406  C C   . PHE A 1 50  ? 1.248   -1.851  12.584  1.00 20.80  ? 50  PHE A C   1 
ATOM   407  O O   . PHE A 1 50  ? 2.423   -1.500  12.449  1.00 24.14  ? 50  PHE A O   1 
ATOM   408  C CB  . PHE A 1 50  ? -0.235  -0.058  11.698  1.00 19.69  ? 50  PHE A CB  1 
ATOM   409  C CG  . PHE A 1 50  ? -1.508  0.705   11.864  1.00 20.08  ? 50  PHE A CG  1 
ATOM   410  C CD1 . PHE A 1 50  ? -1.523  1.902   12.589  1.00 22.11  ? 50  PHE A CD1 1 
ATOM   411  C CD2 . PHE A 1 50  ? -2.695  0.225   11.331  1.00 23.21  ? 50  PHE A CD2 1 
ATOM   412  C CE1 . PHE A 1 50  ? -2.700  2.610   12.744  1.00 22.32  ? 50  PHE A CE1 1 
ATOM   413  C CE2 . PHE A 1 50  ? -3.881  0.923   11.483  1.00 24.12  ? 50  PHE A CE2 1 
ATOM   414  C CZ  . PHE A 1 50  ? -3.882  2.119   12.205  1.00 26.06  ? 50  PHE A CZ  1 
ATOM   415  N N   . TYR A 1 51  ? 0.829   -3.102  12.426  1.00 23.13  ? 51  TYR A N   1 
ATOM   416  C CA  . TYR A 1 51  ? 1.673   -4.167  11.893  1.00 24.94  ? 51  TYR A CA  1 
ATOM   417  C C   . TYR A 1 51  ? 1.016   -4.622  10.600  1.00 21.68  ? 51  TYR A C   1 
ATOM   418  O O   . TYR A 1 51  ? -0.113  -5.125  10.631  1.00 25.66  ? 51  TYR A O   1 
ATOM   419  C CB  . TYR A 1 51  ? 1.795   -5.325  12.879  1.00 26.34  ? 51  TYR A CB  1 
ATOM   420  C CG  . TYR A 1 51  ? 2.282   -4.907  14.253  1.00 36.64  ? 51  TYR A CG  1 
ATOM   421  C CD1 . TYR A 1 51  ? 1.386   -4.535  15.249  1.00 37.44  ? 51  TYR A CD1 1 
ATOM   422  C CD2 . TYR A 1 51  ? 3.637   -4.880  14.549  1.00 34.80  ? 51  TYR A CD2 1 
ATOM   423  C CE1 . TYR A 1 51  ? 1.831   -4.151  16.510  1.00 33.60  ? 51  TYR A CE1 1 
ATOM   424  C CE2 . TYR A 1 51  ? 4.092   -4.497  15.813  1.00 34.94  ? 51  TYR A CE2 1 
ATOM   425  C CZ  . TYR A 1 51  ? 3.180   -4.133  16.778  1.00 32.57  ? 51  TYR A CZ  1 
ATOM   426  O OH  . TYR A 1 51  ? 3.623   -3.754  18.039  1.00 37.00  ? 51  TYR A OH  1 
ATOM   427  N N   . ILE A 1 52  ? 1.697   -4.421  9.472   1.00 22.76  ? 52  ILE A N   1 
ATOM   428  C CA  A ILE A 1 52  ? 1.165   -4.774  8.161   0.25 24.00  ? 52  ILE A CA  1 
ATOM   429  C CA  B ILE A 1 52  ? 1.173   -4.757  8.146   0.75 23.96  ? 52  ILE A CA  1 
ATOM   430  C C   . ILE A 1 52  ? 2.032   -5.867  7.561   1.00 24.59  ? 52  ILE A C   1 
ATOM   431  O O   . ILE A 1 52  ? 3.264   -5.765  7.561   1.00 27.38  ? 52  ILE A O   1 
ATOM   432  C CB  A ILE A 1 52  ? 1.102   -3.550  7.235   0.25 26.10  ? 52  ILE A CB  1 
ATOM   433  C CB  B ILE A 1 52  ? 1.165   -3.544  7.194   0.75 26.23  ? 52  ILE A CB  1 
ATOM   434  C CG1 A ILE A 1 52  ? 0.077   -2.557  7.770   0.25 24.95  ? 52  ILE A CG1 1 
ATOM   435  C CG1 B ILE A 1 52  ? 0.763   -2.250  7.912   0.75 26.34  ? 52  ILE A CG1 1 
ATOM   436  C CG2 A ILE A 1 52  ? 0.749   -3.967  5.812   0.25 24.24  ? 52  ILE A CG2 1 
ATOM   437  C CG2 B ILE A 1 52  ? 0.259   -3.818  5.975   0.75 25.38  ? 52  ILE A CG2 1 
ATOM   438  C CD1 A ILE A 1 52  ? 0.255   -1.197  7.228   0.25 21.24  ? 52  ILE A CD1 1 
ATOM   439  C CD1 B ILE A 1 52  ? -0.716  -2.109  8.158   0.75 25.78  ? 52  ILE A CD1 1 
ATOM   440  N N   . LYS A 1 53  ? 1.385   -6.917  7.052   1.00 24.40  ? 53  LYS A N   1 
ATOM   441  C CA  . LYS A 1 53  ? 2.057   -7.987  6.320   1.00 23.05  ? 53  LYS A CA  1 
ATOM   442  C C   . LYS A 1 53  ? 1.386   -8.090  4.955   1.00 22.33  ? 53  LYS A C   1 
ATOM   443  O O   . LYS A 1 53  ? 0.209   -8.456  4.867   1.00 25.41  ? 53  LYS A O   1 
ATOM   444  C CB  . LYS A 1 53  ? 1.975   -9.316  7.062   1.00 27.99  ? 53  LYS A CB  1 
ATOM   445  C CG  . LYS A 1 53  ? 2.627   -10.494 6.332   1.00 31.68  ? 53  LYS A CG  1 
ATOM   446  C CD  . LYS A 1 53  ? 2.665   -11.692 7.281   1.00 41.58  ? 53  LYS A CD  1 
ATOM   447  C CE  . LYS A 1 53  ? 2.802   -13.007 6.551   1.00 53.84  ? 53  LYS A CE  1 
ATOM   448  N NZ  . LYS A 1 53  ? 2.821   -14.140 7.525   1.00 52.51  ? 53  LYS A NZ  1 
ATOM   449  N N   . VAL A 1 54  ? 2.122   -7.758  3.909   1.00 20.58  ? 54  VAL A N   1 
ATOM   450  C CA  A VAL A 1 54  ? 1.641   -7.763  2.528   0.62 20.52  ? 54  VAL A CA  1 
ATOM   451  C CA  B VAL A 1 54  ? 1.585   -7.816  2.558   0.38 20.59  ? 54  VAL A CA  1 
ATOM   452  C C   . VAL A 1 54  ? 2.287   -8.940  1.812   1.00 25.87  ? 54  VAL A C   1 
ATOM   453  O O   . VAL A 1 54  ? 3.501   -9.145  1.943   1.00 25.50  ? 54  VAL A O   1 
ATOM   454  C CB  A VAL A 1 54  ? 2.003   -6.441  1.834   0.62 22.05  ? 54  VAL A CB  1 
ATOM   455  C CB  B VAL A 1 54  ? 1.709   -6.456  1.840   0.38 23.14  ? 54  VAL A CB  1 
ATOM   456  C CG1 A VAL A 1 54  ? 1.788   -6.540  0.339   0.62 23.75  ? 54  VAL A CG1 1 
ATOM   457  C CG1 B VAL A 1 54  ? 1.320   -5.323  2.789   0.38 26.13  ? 54  VAL A CG1 1 
ATOM   458  C CG2 A VAL A 1 54  ? 1.213   -5.282  2.432   0.62 27.20  ? 54  VAL A CG2 1 
ATOM   459  C CG2 B VAL A 1 54  ? 3.090   -6.231  1.308   0.38 24.75  ? 54  VAL A CG2 1 
ATOM   460  N N   . SER A 1 55  ? 1.502   -9.702  1.038   1.00 24.04  ? 55  SER A N   1 
ATOM   461  C CA  A SER A 1 55  ? 2.072   -10.881 0.408   0.53 24.87  ? 55  SER A CA  1 
ATOM   462  C CA  B SER A 1 55  ? 2.024   -10.923 0.439   0.47 24.85  ? 55  SER A CA  1 
ATOM   463  C C   . SER A 1 55  ? 1.431   -11.165 -0.940  1.00 26.22  ? 55  SER A C   1 
ATOM   464  O O   . SER A 1 55  ? 0.262   -10.861 -1.185  1.00 28.02  ? 55  SER A O   1 
ATOM   465  C CB  A SER A 1 55  ? 1.925   -12.117 1.285   0.53 22.89  ? 55  SER A CB  1 
ATOM   466  C CB  B SER A 1 55  ? 1.728   -12.152 1.304   0.47 22.92  ? 55  SER A CB  1 
ATOM   467  O OG  A SER A 1 55  ? 0.565   -12.460 1.441   0.53 25.34  ? 55  SER A OG  1 
ATOM   468  O OG  B SER A 1 55  ? 2.165   -11.981 2.645   0.47 23.41  ? 55  SER A OG  1 
ATOM   469  N N   . THR A 1 56  ? 2.238   -11.753 -1.807  1.00 23.41  ? 56  THR A N   1 
ATOM   470  C CA  A THR A 1 56  ? 1.782   -12.407 -3.024  0.68 25.55  ? 56  THR A CA  1 
ATOM   471  C CA  B THR A 1 56  ? 1.777   -12.421 -3.017  0.32 25.71  ? 56  THR A CA  1 
ATOM   472  C C   . THR A 1 56  ? 2.122   -13.895 -2.890  1.00 28.01  ? 56  THR A C   1 
ATOM   473  O O   . THR A 1 56  ? 2.478   -14.373 -1.812  1.00 26.51  ? 56  THR A O   1 
ATOM   474  C CB  A THR A 1 56  ? 2.419   -11.741 -4.246  0.68 29.75  ? 56  THR A CB  1 
ATOM   475  C CB  B THR A 1 56  ? 2.395   -11.825 -4.278  0.32 29.71  ? 56  THR A CB  1 
ATOM   476  O OG1 A THR A 1 56  ? 1.799   -12.219 -5.450  0.68 27.63  ? 56  THR A OG1 1 
ATOM   477  O OG1 B THR A 1 56  ? 3.797   -11.599 -4.087  0.32 30.31  ? 56  THR A OG1 1 
ATOM   478  C CG2 A THR A 1 56  ? 3.928   -12.010 -4.279  0.68 28.22  ? 56  THR A CG2 1 
ATOM   479  C CG2 B THR A 1 56  ? 1.721   -10.548 -4.600  0.32 31.07  ? 56  THR A CG2 1 
ATOM   480  N N   . THR A 1 57  ? 2.041   -14.621 -4.005  1.00 28.38  ? 57  THR A N   1 
ATOM   481  C CA  A THR A 1 57  ? 2.290   -16.058 -3.953  0.55 28.31  ? 57  THR A CA  1 
ATOM   482  C CA  B THR A 1 57  ? 2.290   -16.058 -3.947  0.45 28.31  ? 57  THR A CA  1 
ATOM   483  C C   . THR A 1 57  ? 3.708   -16.367 -3.478  1.00 25.10  ? 57  THR A C   1 
ATOM   484  O O   . THR A 1 57  ? 3.926   -17.340 -2.745  1.00 27.35  ? 57  THR A O   1 
ATOM   485  C CB  A THR A 1 57  ? 2.043   -16.685 -5.327  0.55 26.33  ? 57  THR A CB  1 
ATOM   486  C CB  B THR A 1 57  ? 2.036   -16.693 -5.315  0.45 26.35  ? 57  THR A CB  1 
ATOM   487  O OG1 A THR A 1 57  ? 0.798   -16.206 -5.859  0.55 33.27  ? 57  THR A OG1 1 
ATOM   488  O OG1 B THR A 1 57  ? 2.783   -15.987 -6.314  0.45 29.50  ? 57  THR A OG1 1 
ATOM   489  C CG2 A THR A 1 57  ? 1.997   -18.193 -5.221  0.55 26.66  ? 57  THR A CG2 1 
ATOM   490  C CG2 B THR A 1 57  ? 0.553   -16.631 -5.651  0.45 32.59  ? 57  THR A CG2 1 
ATOM   491  N N   . VAL A 1 58  ? 4.686   -15.556 -3.880  1.00 22.59  ? 58  VAL A N   1 
ATOM   492  C CA  . VAL A 1 58  ? 6.088   -15.898 -3.681  1.00 22.69  ? 58  VAL A CA  1 
ATOM   493  C C   . VAL A 1 58  ? 6.841   -14.883 -2.834  1.00 23.93  ? 58  VAL A C   1 
ATOM   494  O O   . VAL A 1 58  ? 8.049   -15.037 -2.636  1.00 22.11  ? 58  VAL A O   1 
ATOM   495  C CB  . VAL A 1 58  ? 6.813   -16.108 -5.026  1.00 26.36  ? 58  VAL A CB  1 
ATOM   496  C CG1 . VAL A 1 58  ? 6.061   -17.137 -5.872  1.00 24.07  ? 58  VAL A CG1 1 
ATOM   497  C CG2 . VAL A 1 58  ? 6.947   -14.783 -5.782  1.00 26.28  ? 58  VAL A CG2 1 
ATOM   498  N N   . TYR A 1 59  ? 6.169   -13.857 -2.325  1.00 22.24  ? 59  TYR A N   1 
ATOM   499  C CA  . TYR A 1 59  ? 6.873   -12.774 -1.658  1.00 22.35  ? 59  TYR A CA  1 
ATOM   500  C C   . TYR A 1 59  ? 5.994   -12.214 -0.556  1.00 21.21  ? 59  TYR A C   1 
ATOM   501  O O   . TYR A 1 59  ? 4.776   -12.097 -0.713  1.00 22.11  ? 59  TYR A O   1 
ATOM   502  C CB  . TYR A 1 59  ? 7.260   -11.677 -2.662  1.00 24.63  ? 59  TYR A CB  1 
ATOM   503  C CG  . TYR A 1 59  ? 7.953   -10.492 -2.042  1.00 23.26  ? 59  TYR A CG  1 
ATOM   504  C CD1 . TYR A 1 59  ? 9.321   -10.507 -1.796  1.00 26.36  ? 59  TYR A CD1 1 
ATOM   505  C CD2 . TYR A 1 59  ? 7.233   -9.354  -1.697  1.00 28.70  ? 59  TYR A CD2 1 
ATOM   506  C CE1 . TYR A 1 59  ? 9.962   -9.411  -1.202  1.00 26.90  ? 59  TYR A CE1 1 
ATOM   507  C CE2 . TYR A 1 59  ? 7.861   -8.253  -1.119  1.00 29.66  ? 59  TYR A CE2 1 
ATOM   508  C CZ  . TYR A 1 59  ? 9.222   -8.287  -0.878  1.00 30.09  ? 59  TYR A CZ  1 
ATOM   509  O OH  . TYR A 1 59  ? 9.839   -7.194  -0.297  1.00 32.04  ? 59  TYR A OH  1 
ATOM   510  N N   . THR A 1 60  ? 6.617   -11.906 0.578   1.00 21.40  ? 60  THR A N   1 
ATOM   511  C CA  . THR A 1 60  ? 5.896   -11.323 1.698   1.00 21.52  ? 60  THR A CA  1 
ATOM   512  C C   . THR A 1 60  ? 6.797   -10.299 2.372   1.00 23.90  ? 60  THR A C   1 
ATOM   513  O O   . THR A 1 60  ? 8.020   -10.466 2.418   1.00 24.25  ? 60  THR A O   1 
ATOM   514  C CB  . THR A 1 60  ? 5.437   -12.404 2.701   1.00 23.63  ? 60  THR A CB  1 
ATOM   515  O OG1 . THR A 1 60  ? 4.722   -11.795 3.789   1.00 26.31  ? 60  THR A OG1 1 
ATOM   516  C CG2 . THR A 1 60  ? 6.626   -13.192 3.244   1.00 23.45  ? 60  THR A CG2 1 
ATOM   517  N N   . THR A 1 61  ? 6.202   -9.216  2.866   1.00 25.59  ? 61  THR A N   1 
ATOM   518  C CA  . THR A 1 61  ? 7.012   -8.207  3.530   1.00 27.16  ? 61  THR A CA  1 
ATOM   519  C C   . THR A 1 61  ? 6.196   -7.591  4.658   1.00 23.15  ? 61  THR A C   1 
ATOM   520  O O   . THR A 1 61  ? 4.978   -7.442  4.549   1.00 24.57  ? 61  THR A O   1 
ATOM   521  C CB  . THR A 1 61  ? 7.515   -7.143  2.539   1.00 32.30  ? 61  THR A CB  1 
ATOM   522  O OG1 . THR A 1 61  ? 8.353   -6.204  3.224   1.00 38.37  ? 61  THR A OG1 1 
ATOM   523  C CG2 . THR A 1 61  ? 6.373   -6.397  1.895   1.00 31.80  ? 61  THR A CG2 1 
ATOM   524  N N   . GLU A 1 62  ? 6.873   -7.275  5.757   1.00 23.43  ? 62  GLU A N   1 
ATOM   525  C CA  . GLU A 1 62  ? 6.237   -6.730  6.950   1.00 27.40  ? 62  GLU A CA  1 
ATOM   526  C C   . GLU A 1 62  ? 6.576   -5.251  7.065   1.00 26.49  ? 62  GLU A C   1 
ATOM   527  O O   . GLU A 1 62  ? 7.731   -4.861  6.878   1.00 25.42  ? 62  GLU A O   1 
ATOM   528  C CB  . GLU A 1 62  ? 6.692   -7.476  8.206   1.00 27.52  ? 62  GLU A CB  1 
ATOM   529  C CG  . GLU A 1 62  ? 6.101   -8.877  8.317   1.00 40.99  ? 62  GLU A CG  1 
ATOM   530  C CD  . GLU A 1 62  ? 6.871   -9.783  9.268   1.00 64.81  ? 62  GLU A CD  1 
ATOM   531  O OE1 . GLU A 1 62  ? 8.049   -9.490  9.574   1.00 63.06  ? 62  GLU A OE1 1 
ATOM   532  O OE2 . GLU A 1 62  ? 6.290   -10.797 9.708   1.00 62.57  ? 62  GLU A OE2 1 
ATOM   533  N N   . ILE A 1 63  ? 5.564   -4.424  7.329   1.00 24.10  ? 63  ILE A N   1 
ATOM   534  C CA  . ILE A 1 63  ? 5.771   -2.996  7.532   1.00 23.69  ? 63  ILE A CA  1 
ATOM   535  C C   . ILE A 1 63  ? 5.156   -2.643  8.872   1.00 25.28  ? 63  ILE A C   1 
ATOM   536  O O   . ILE A 1 63  ? 3.951   -2.846  9.073   1.00 26.33  ? 63  ILE A O   1 
ATOM   537  C CB  . ILE A 1 63  ? 5.143   -2.144  6.420   1.00 26.16  ? 63  ILE A CB  1 
ATOM   538  C CG1 . ILE A 1 63  ? 5.687   -2.551  5.042   1.00 26.62  ? 63  ILE A CG1 1 
ATOM   539  C CG2 . ILE A 1 63  ? 5.419   -0.669  6.687   1.00 29.98  ? 63  ILE A CG2 1 
ATOM   540  C CD1 . ILE A 1 63  ? 4.730   -3.427  4.240   1.00 28.95  ? 63  ILE A CD1 1 
ATOM   541  N N   . ASN A 1 64  ? 5.972   -2.123  9.783   1.00 24.59  ? 64  ASN A N   1 
ATOM   542  C CA  . ASN A 1 64  ? 5.527   -1.786  11.128  1.00 22.49  ? 64  ASN A CA  1 
ATOM   543  C C   . ASN A 1 64  ? 5.715   -0.291  11.339  1.00 23.29  ? 64  ASN A C   1 
ATOM   544  O O   . ASN A 1 64  ? 6.792   0.250   11.065  1.00 26.01  ? 64  ASN A O   1 
ATOM   545  C CB  . ASN A 1 64  ? 6.302   -2.581  12.176  1.00 30.25  ? 64  ASN A CB  1 
ATOM   546  C CG  . ASN A 1 64  ? 6.130   -4.075  11.995  1.00 37.65  ? 64  ASN A CG  1 
ATOM   547  O OD1 . ASN A 1 64  ? 5.083   -4.537  11.533  1.00 37.27  ? 64  ASN A OD1 1 
ATOM   548  N ND2 . ASN A 1 64  ? 7.156   -4.837  12.340  1.00 36.54  ? 64  ASN A ND2 1 
ATOM   549  N N   . PHE A 1 65  ? 4.660   0.383   11.782  1.00 23.98  ? 65  PHE A N   1 
ATOM   550  C CA  . PHE A 1 65  ? 4.794   1.815   11.976  1.00 21.36  ? 65  PHE A CA  1 
ATOM   551  C C   . PHE A 1 65  ? 3.870   2.272   13.093  1.00 22.70  ? 65  PHE A C   1 
ATOM   552  O O   . PHE A 1 65  ? 2.922   1.585   13.491  1.00 22.94  ? 65  PHE A O   1 
ATOM   553  C CB  . PHE A 1 65  ? 4.497   2.593   10.673  1.00 22.57  ? 65  PHE A CB  1 
ATOM   554  C CG  . PHE A 1 65  ? 3.078   2.487   10.192  1.00 22.77  ? 65  PHE A CG  1 
ATOM   555  C CD1 . PHE A 1 65  ? 2.088   3.332   10.686  1.00 23.95  ? 65  PHE A CD1 1 
ATOM   556  C CD2 . PHE A 1 65  ? 2.743   1.584   9.181   1.00 25.11  ? 65  PHE A CD2 1 
ATOM   557  C CE1 . PHE A 1 65  ? 0.786   3.241   10.229  1.00 21.81  ? 65  PHE A CE1 1 
ATOM   558  C CE2 . PHE A 1 65  ? 1.439   1.506   8.706   1.00 25.23  ? 65  PHE A CE2 1 
ATOM   559  C CZ  . PHE A 1 65  ? 0.457   2.323   9.231   1.00 22.50  ? 65  PHE A CZ  1 
ATOM   560  N N   . LYS A 1 66  ? 4.184   3.450   13.598  1.00 24.77  ? 66  LYS A N   1 
ATOM   561  C CA  A LYS A 1 66  ? 3.313   4.186   14.498  0.41 21.82  ? 66  LYS A CA  1 
ATOM   562  C CA  B LYS A 1 66  ? 3.320   4.188   14.502  0.42 21.83  ? 66  LYS A CA  1 
ATOM   563  C CA  C LYS A 1 66  ? 3.315   4.187   14.500  0.17 21.89  ? 66  LYS A CA  1 
ATOM   564  C C   . LYS A 1 66  ? 2.931   5.498   13.831  1.00 20.14  ? 66  LYS A C   1 
ATOM   565  O O   . LYS A 1 66  ? 3.779   6.172   13.244  1.00 21.80  ? 66  LYS A O   1 
ATOM   566  C CB  A LYS A 1 66  ? 3.995   4.459   15.845  0.41 23.93  ? 66  LYS A CB  1 
ATOM   567  C CB  B LYS A 1 66  ? 4.031   4.455   15.835  0.42 23.93  ? 66  LYS A CB  1 
ATOM   568  C CB  C LYS A 1 66  ? 4.002   4.458   15.844  0.17 23.97  ? 66  LYS A CB  1 
ATOM   569  C CG  A LYS A 1 66  ? 4.457   3.209   16.567  0.41 23.58  ? 66  LYS A CG  1 
ATOM   570  C CG  B LYS A 1 66  ? 3.162   5.082   16.900  0.42 27.39  ? 66  LYS A CG  1 
ATOM   571  C CG  C LYS A 1 66  ? 4.351   3.204   16.625  0.17 23.75  ? 66  LYS A CG  1 
ATOM   572  C CD  A LYS A 1 66  ? 4.985   3.546   17.950  0.41 26.59  ? 66  LYS A CD  1 
ATOM   573  C CD  B LYS A 1 66  ? 3.904   5.119   18.228  0.42 25.38  ? 66  LYS A CD  1 
ATOM   574  C CD  C LYS A 1 66  ? 5.123   3.538   17.892  0.17 26.55  ? 66  LYS A CD  1 
ATOM   575  C CE  A LYS A 1 66  ? 5.569   2.324   18.621  0.41 27.71  ? 66  LYS A CE  1 
ATOM   576  C CE  B LYS A 1 66  ? 3.386   6.239   19.105  0.42 29.99  ? 66  LYS A CE  1 
ATOM   577  C CE  C LYS A 1 66  ? 5.477   2.282   18.670  0.17 27.67  ? 66  LYS A CE  1 
ATOM   578  N NZ  A LYS A 1 66  ? 6.033   2.659   19.991  0.41 22.14  ? 66  LYS A NZ  1 
ATOM   579  N NZ  B LYS A 1 66  ? 1.966   6.518   18.784  0.42 30.54  ? 66  LYS A NZ  1 
ATOM   580  N NZ  C LYS A 1 66  ? 4.273   1.601   19.227  0.17 28.01  ? 66  LYS A NZ  1 
ATOM   581  N N   . VAL A 1 67  ? 1.645   5.841   13.906  1.00 20.89  ? 67  VAL A N   1 
ATOM   582  C CA  . VAL A 1 67  ? 1.194   7.097   13.314  1.00 21.29  ? 67  VAL A CA  1 
ATOM   583  C C   . VAL A 1 67  ? 2.020   8.235   13.896  1.00 19.87  ? 67  VAL A C   1 
ATOM   584  O O   . VAL A 1 67  ? 2.225   8.319   15.122  1.00 20.94  ? 67  VAL A O   1 
ATOM   585  C CB  . VAL A 1 67  ? -0.314  7.294   13.549  1.00 21.47  ? 67  VAL A CB  1 
ATOM   586  C CG1 . VAL A 1 67  ? -0.798  8.654   12.992  1.00 23.53  ? 67  VAL A CG1 1 
ATOM   587  C CG2 . VAL A 1 67  ? -1.121  6.157   12.918  1.00 21.66  ? 67  VAL A CG2 1 
ATOM   588  N N   . GLY A 1 68  ? 2.548   9.080   13.016  1.00 22.72  ? 68  GLY A N   1 
ATOM   589  C CA  . GLY A 1 68  ? 3.312   10.243  13.415  1.00 22.35  ? 68  GLY A CA  1 
ATOM   590  C C   . GLY A 1 68  ? 4.788   10.010  13.658  1.00 26.44  ? 68  GLY A C   1 
ATOM   591  O O   . GLY A 1 68  ? 5.495   10.967  14.009  1.00 27.80  ? 68  GLY A O   1 
ATOM   592  N N   . GLU A 1 69  ? 5.284   8.784   13.488  1.00 24.28  ? 69  GLU A N   1 
ATOM   593  C CA  . GLU A 1 69  ? 6.703   8.479   13.663  1.00 25.92  ? 69  GLU A CA  1 
ATOM   594  C C   . GLU A 1 69  ? 7.281   7.976   12.351  1.00 27.00  ? 69  GLU A C   1 
ATOM   595  O O   . GLU A 1 69  ? 6.732   7.055   11.739  1.00 26.16  ? 69  GLU A O   1 
ATOM   596  C CB  . GLU A 1 69  ? 6.925   7.439   14.760  1.00 24.66  ? 69  GLU A CB  1 
ATOM   597  C CG  . GLU A 1 69  ? 6.522   7.937   16.146  1.00 32.30  ? 69  GLU A CG  1 
ATOM   598  C CD  . GLU A 1 69  ? 6.947   7.008   17.260  0.59 30.99  ? 69  GLU A CD  1 
ATOM   599  O OE1 . GLU A 1 69  ? 7.679   6.028   16.989  0.73 32.76  ? 69  GLU A OE1 1 
ATOM   600  O OE2 . GLU A 1 69  ? 6.548   7.268   18.416  0.69 36.07  ? 69  GLU A OE2 1 
ATOM   601  N N   . GLU A 1 70  ? 8.383   8.582   11.925  1.00 25.74  ? 70  GLU A N   1 
ATOM   602  C CA  . GLU A 1 70  ? 8.999   8.202   10.659  1.00 27.37  ? 70  GLU A CA  1 
ATOM   603  C C   . GLU A 1 70  ? 9.488   6.757   10.709  1.00 25.73  ? 70  GLU A C   1 
ATOM   604  O O   . GLU A 1 70  ? 9.995   6.290   11.731  1.00 29.10  ? 70  GLU A O   1 
ATOM   605  C CB  . GLU A 1 70  ? 10.157  9.151   10.340  1.00 30.96  ? 70  GLU A CB  1 
ATOM   606  C CG  . GLU A 1 70  ? 11.037  8.719   9.184   0.93 38.59  ? 70  GLU A CG  1 
ATOM   607  C CD  . GLU A 1 70  ? 12.133  9.723   8.894   0.68 41.03  ? 70  GLU A CD  1 
ATOM   608  O OE1 . GLU A 1 70  ? 11.807  10.901  8.630   0.80 49.16  ? 70  GLU A OE1 1 
ATOM   609  O OE2 . GLU A 1 70  ? 13.319  9.335   8.949   0.73 50.42  ? 70  GLU A OE2 1 
ATOM   610  N N   . PHE A 1 71  ? 9.346   6.048   9.584   1.00 25.73  ? 71  PHE A N   1 
ATOM   611  C CA  . PHE A 1 71  ? 9.846   4.686   9.458   1.00 25.15  ? 71  PHE A CA  1 
ATOM   612  C C   . PHE A 1 71  ? 10.417  4.497   8.058   1.00 28.75  ? 71  PHE A C   1 
ATOM   613  O O   . PHE A 1 71  ? 10.317  5.374   7.199   1.00 28.34  ? 71  PHE A O   1 
ATOM   614  C CB  . PHE A 1 71  ? 8.754   3.647   9.749   1.00 25.11  ? 71  PHE A CB  1 
ATOM   615  C CG  . PHE A 1 71  ? 7.561   3.721   8.823   1.00 23.37  ? 71  PHE A CG  1 
ATOM   616  C CD1 . PHE A 1 71  ? 6.605   4.719   8.967   1.00 23.95  ? 71  PHE A CD1 1 
ATOM   617  C CD2 . PHE A 1 71  ? 7.384   2.777   7.823   1.00 26.55  ? 71  PHE A CD2 1 
ATOM   618  C CE1 . PHE A 1 71  ? 5.508   4.787   8.141   1.00 26.90  ? 71  PHE A CE1 1 
ATOM   619  C CE2 . PHE A 1 71  ? 6.287   2.841   6.980   1.00 25.66  ? 71  PHE A CE2 1 
ATOM   620  C CZ  . PHE A 1 71  ? 5.341   3.841   7.144   1.00 27.47  ? 71  PHE A CZ  1 
ATOM   621  N N   . GLU A 1 72  ? 11.027  3.335   7.838   1.00 30.19  ? 72  GLU A N   1 
ATOM   622  C CA  . GLU A 1 72  ? 11.588  2.960   6.543   1.00 31.78  ? 72  GLU A CA  1 
ATOM   623  C C   . GLU A 1 72  ? 10.786  1.824   5.927   1.00 27.34  ? 72  GLU A C   1 
ATOM   624  O O   . GLU A 1 72  ? 10.464  0.845   6.605   1.00 31.86  ? 72  GLU A O   1 
ATOM   625  C CB  . GLU A 1 72  ? 13.052  2.526   6.680   1.00 33.50  ? 72  GLU A CB  1 
ATOM   626  C CG  . GLU A 1 72  ? 13.743  2.351   5.348   0.60 34.54  ? 72  GLU A CG  1 
ATOM   627  C CD  . GLU A 1 72  ? 15.246  2.224   5.476   0.24 39.36  ? 72  GLU A CD  1 
ATOM   628  O OE1 . GLU A 1 72  ? 15.853  1.535   4.624   1.00 46.47  ? 72  GLU A OE1 1 
ATOM   629  O OE2 . GLU A 1 72  ? 15.817  2.798   6.421   0.82 42.40  ? 72  GLU A OE2 1 
ATOM   630  N N   . GLU A 1 73  ? 10.479  1.954   4.632   1.00 27.50  ? 73  GLU A N   1 
ATOM   631  C CA  . GLU A 1 73  ? 9.822   0.891   3.881   1.00 26.66  ? 73  GLU A CA  1 
ATOM   632  C C   . GLU A 1 73  ? 10.324  0.957   2.447   1.00 29.79  ? 73  GLU A C   1 
ATOM   633  O O   . GLU A 1 73  ? 11.452  1.399   2.209   1.00 32.41  ? 73  GLU A O   1 
ATOM   634  C CB  . GLU A 1 73  ? 8.294   1.018   3.942   1.00 28.91  ? 73  GLU A CB  1 
ATOM   635  C CG  . GLU A 1 73  ? 7.753   2.384   3.539   1.00 27.99  ? 73  GLU A CG  1 
ATOM   636  C CD  . GLU A 1 73  ? 6.270   2.364   3.209   1.00 28.91  ? 73  GLU A CD  1 
ATOM   637  O OE1 . GLU A 1 73  ? 5.723   1.265   2.946   1.00 32.50  ? 73  GLU A OE1 1 
ATOM   638  O OE2 . GLU A 1 73  ? 5.651   3.449   3.182   1.00 26.68  ? 73  GLU A OE2 1 
ATOM   639  N N   . GLN A 1 74  ? 9.504   0.536   1.488   1.00 28.71  ? 74  GLN A N   1 
ATOM   640  C CA  . GLN A 1 74  ? 9.876   0.652   0.087   1.00 29.61  ? 74  GLN A CA  1 
ATOM   641  C C   . GLN A 1 74  ? 8.688   1.138   -0.725  1.00 33.07  ? 74  GLN A C   1 
ATOM   642  O O   . GLN A 1 74  ? 7.526   0.902   -0.371  1.00 29.47  ? 74  GLN A O   1 
ATOM   643  C CB  . GLN A 1 74  ? 10.388  -0.675  -0.479  1.00 36.33  ? 74  GLN A CB  1 
ATOM   644  C CG  . GLN A 1 74  ? 9.378   -1.781  -0.462  1.00 35.29  ? 74  GLN A CG  1 
ATOM   645  O OE1 . GLN A 1 74  ? 10.936  -3.258  -1.513  0.90 49.71  ? 74  GLN A OE1 1 
ATOM   646  N NE2 . GLN A 1 74  ? 9.555   -4.139  0.013   1.00 28.93  ? 74  GLN A NE2 1 
ATOM   647  N N   . THR A 1 75  ? 8.999   1.831   -1.819  1.00 28.88  ? 75  THR A N   1 
ATOM   648  C CA  . THR A 1 75  ? 7.992   2.274   -2.763  1.00 29.17  ? 75  THR A CA  1 
ATOM   649  C C   . THR A 1 75  ? 7.478   1.083   -3.568  1.00 32.02  ? 75  THR A C   1 
ATOM   650  O O   . THR A 1 75  ? 8.035   -0.015  -3.520  1.00 29.90  ? 75  THR A O   1 
ATOM   651  C CB  . THR A 1 75  ? 8.566   3.326   -3.704  1.00 33.83  ? 75  THR A CB  1 
ATOM   652  O OG1 . THR A 1 75  ? 9.615   2.731   -4.480  1.00 34.01  ? 75  THR A OG1 1 
ATOM   653  C CG2 . THR A 1 75  ? 9.140   4.492   -2.909  1.00 29.87  ? 75  THR A CG2 1 
ATOM   654  N N   . VAL A 1 76  ? 6.392   1.317   -4.302  1.00 29.21  ? 76  VAL A N   1 
ATOM   655  C CA  A VAL A 1 76  ? 5.822   0.219   -5.071  0.29 29.89  ? 76  VAL A CA  1 
ATOM   656  C CA  B VAL A 1 76  ? 5.781   0.277   -5.136  0.71 29.76  ? 76  VAL A CA  1 
ATOM   657  C C   . VAL A 1 76  ? 6.797   -0.288  -6.120  1.00 36.87  ? 76  VAL A C   1 
ATOM   658  O O   . VAL A 1 76  ? 6.825   -1.495  -6.404  1.00 32.61  ? 76  VAL A O   1 
ATOM   659  C CB  A VAL A 1 76  ? 4.479   0.626   -5.691  0.29 34.49  ? 76  VAL A CB  1 
ATOM   660  C CB  B VAL A 1 76  ? 4.554   0.847   -5.875  0.71 35.16  ? 76  VAL A CB  1 
ATOM   661  C CG1 A VAL A 1 76  ? 3.398   0.305   -4.719  0.29 35.23  ? 76  VAL A CG1 1 
ATOM   662  C CG1 B VAL A 1 76  ? 3.943   -0.204  -6.793  0.71 37.31  ? 76  VAL A CG1 1 
ATOM   663  C CG2 A VAL A 1 76  ? 4.467   2.097   -6.020  0.29 32.55  ? 76  VAL A CG2 1 
ATOM   664  C CG2 B VAL A 1 76  ? 3.524   1.377   -4.895  0.71 32.98  ? 76  VAL A CG2 1 
ATOM   665  N N   . ASP A 1 77  ? 7.625   0.583   -6.691  1.00 33.74  ? 77  ASP A N   1 
ATOM   666  C CA  . ASP A 1 77  ? 8.626   0.080   -7.619  1.00 39.39  ? 77  ASP A CA  1 
ATOM   667  C C   . ASP A 1 77  ? 9.883   -0.395  -6.911  1.00 39.22  ? 77  ASP A C   1 
ATOM   668  O O   . ASP A 1 77  ? 10.914  -0.585  -7.562  1.00 45.68  ? 77  ASP A O   1 
ATOM   669  C CB  . ASP A 1 77  ? 8.949   1.126   -8.700  1.00 31.84  ? 77  ASP A CB  1 
ATOM   670  C CG  . ASP A 1 77  ? 9.422   2.453   -8.132  0.77 38.83  ? 77  ASP A CG  1 
ATOM   671  O OD1 . ASP A 1 77  ? 9.045   2.798   -6.995  0.84 34.28  ? 77  ASP A OD1 1 
ATOM   672  O OD2 . ASP A 1 77  ? 10.167  3.160   -8.849  1.00 36.50  ? 77  ASP A OD2 1 
ATOM   673  N N   . GLY A 1 78  ? 9.815   -0.591  -5.592  1.00 33.82  ? 78  GLY A N   1 
ATOM   674  C CA  . GLY A 1 78  ? 10.825  -1.315  -4.849  1.00 34.17  ? 78  GLY A CA  1 
ATOM   675  C C   . GLY A 1 78  ? 11.995  -0.510  -4.333  1.00 37.51  ? 78  GLY A C   1 
ATOM   676  O O   . GLY A 1 78  ? 13.008  -1.107  -3.949  1.00 38.63  ? 78  GLY A O   1 
ATOM   677  N N   . ARG A 1 79  ? 11.891  0.819   -4.299  1.00 33.88  ? 79  ARG A N   1 
ATOM   678  C CA  . ARG A 1 79  ? 13.009  1.618   -3.816  1.00 31.46  ? 79  ARG A CA  1 
ATOM   679  C C   . ARG A 1 79  ? 12.820  1.977   -2.349  1.00 36.79  ? 79  ARG A C   1 
ATOM   680  O O   . ARG A 1 79  ? 11.717  2.361   -1.943  1.00 32.94  ? 79  ARG A O   1 
ATOM   681  C CB  . ARG A 1 79  ? 13.140  2.904   -4.628  1.00 36.13  ? 79  ARG A CB  1 
ATOM   682  C CG  . ARG A 1 79  ? 13.030  2.702   -6.127  1.00 35.01  ? 79  ARG A CG  1 
ATOM   683  C CD  . ARG A 1 79  ? 12.917  4.038   -6.831  1.00 33.29  ? 79  ARG A CD  1 
ATOM   684  N NE  . ARG A 1 79  ? 14.104  4.860   -6.619  0.74 35.49  ? 79  ARG A NE  1 
ATOM   685  C CZ  . ARG A 1 79  ? 14.349  5.991   -7.272  1.00 35.98  ? 79  ARG A CZ  1 
ATOM   686  N NH1 . ARG A 1 79  ? 15.459  6.675   -7.017  1.00 40.76  ? 79  ARG A NH1 1 
ATOM   687  N NH2 . ARG A 1 79  ? 13.490  6.434   -8.181  0.88 35.35  ? 79  ARG A NH2 1 
ATOM   688  N N   . PRO A 1 80  ? 13.882  1.868   -1.555  1.00 35.34  ? 80  PRO A N   1 
ATOM   689  C CA  . PRO A 1 80  ? 13.795  2.244   -0.135  1.00 34.19  ? 80  PRO A CA  1 
ATOM   690  C C   . PRO A 1 80  ? 13.365  3.695   0.055   1.00 34.65  ? 80  PRO A C   1 
ATOM   691  O O   . PRO A 1 80  ? 13.779  4.592   -0.682  1.00 30.52  ? 80  PRO A O   1 
ATOM   692  C CB  . PRO A 1 80  ? 15.220  2.015   0.376   1.00 37.75  ? 80  PRO A CB  1 
ATOM   693  C CG  . PRO A 1 80  ? 15.803  0.997   -0.566  1.00 38.55  ? 80  PRO A CG  1 
ATOM   694  C CD  . PRO A 1 80  ? 15.195  1.294   -1.905  1.00 40.68  ? 80  PRO A CD  1 
ATOM   695  N N   . CYS A 1 81  ? 12.526  3.923   1.067   1.00 33.20  ? 81  CYS A N   1 
ATOM   696  C CA  . CYS A 1 81  ? 12.051  5.272   1.333   1.00 29.84  ? 81  CYS A CA  1 
ATOM   697  C C   . CYS A 1 81  ? 11.818  5.454   2.824   1.00 25.72  ? 81  CYS A C   1 
ATOM   698  O O   . CYS A 1 81  ? 11.639  4.488   3.572   1.00 29.28  ? 81  CYS A O   1 
ATOM   699  C CB  . CYS A 1 81  ? 10.764  5.598   0.568   1.00 33.41  ? 81  CYS A CB  1 
ATOM   700  S SG  . CYS A 1 81  ? 9.327   4.568   0.993   1.00 28.81  ? 81  CYS A SG  1 
ATOM   701  N N   . LYS A 1 82  ? 11.827  6.717   3.236   1.00 29.29  ? 82  LYS A N   1 
ATOM   702  C CA  . LYS A 1 82  ? 11.394  7.124   4.566   1.00 32.79  ? 82  LYS A CA  1 
ATOM   703  C C   . LYS A 1 82  ? 9.936   7.558   4.480   1.00 30.00  ? 82  LYS A C   1 
ATOM   704  O O   . LYS A 1 82  ? 9.549   8.284   3.558   1.00 31.55  ? 82  LYS A O   1 
ATOM   705  C CB  . LYS A 1 82  ? 12.252  8.273   5.102   1.00 34.40  ? 82  LYS A CB  1 
ATOM   706  C CG  . LYS A 1 82  ? 13.595  7.839   5.654   0.73 41.34  ? 82  LYS A CG  1 
ATOM   707  C CD  . LYS A 1 82  ? 13.462  6.606   6.529   0.59 40.47  ? 82  LYS A CD  1 
ATOM   708  N NZ  . LYS A 1 82  ? 15.759  7.357   7.084   1.00 55.22  ? 82  LYS A NZ  1 
ATOM   709  N N   . SER A 1 83  ? 9.131   7.106   5.436   1.00 25.05  ? 83  SER A N   1 
ATOM   710  C CA  . SER A 1 83  ? 7.688   7.266   5.364   1.00 24.50  ? 83  SER A CA  1 
ATOM   711  C C   . SER A 1 83  ? 7.164   7.878   6.654   1.00 23.71  ? 83  SER A C   1 
ATOM   712  O O   . SER A 1 83  ? 7.790   7.768   7.707   1.00 24.28  ? 83  SER A O   1 
ATOM   713  C CB  . SER A 1 83  ? 7.009   5.921   5.122   1.00 24.75  ? 83  SER A CB  1 
ATOM   714  O OG  . SER A 1 83  ? 7.214   5.496   3.783   1.00 25.38  ? 83  SER A OG  1 
ATOM   715  N N   . LEU A 1 84  ? 6.003   8.529   6.553   1.00 24.20  ? 84  LEU A N   1 
ATOM   716  C CA  . LEU A 1 84  ? 5.345   9.140   7.709   1.00 23.99  ? 84  LEU A CA  1 
ATOM   717  C C   . LEU A 1 84  ? 3.841   9.071   7.500   1.00 22.25  ? 84  LEU A C   1 
ATOM   718  O O   . LEU A 1 84  ? 3.328   9.619   6.513   1.00 22.16  ? 84  LEU A O   1 
ATOM   719  C CB  . LEU A 1 84  ? 5.785   10.593  7.890   1.00 24.92  ? 84  LEU A CB  1 
ATOM   720  C CG  . LEU A 1 84  ? 5.183   11.302  9.111   1.00 22.54  ? 84  LEU A CG  1 
ATOM   721  C CD1 . LEU A 1 84  ? 5.528   10.585  10.417  1.00 27.15  ? 84  LEU A CD1 1 
ATOM   722  C CD2 . LEU A 1 84  ? 5.672   12.735  9.148   1.00 29.08  ? 84  LEU A CD2 1 
ATOM   723  N N   . VAL A 1 85  ? 3.145   8.409   8.423   1.00 21.09  ? 85  VAL A N   1 
ATOM   724  C CA  . VAL A 1 85  ? 1.701   8.201   8.336   1.00 20.07  ? 85  VAL A CA  1 
ATOM   725  C C   . VAL A 1 85  ? 0.989   9.174   9.262   1.00 25.30  ? 85  VAL A C   1 
ATOM   726  O O   . VAL A 1 85  ? 1.378   9.350   10.426  1.00 22.40  ? 85  VAL A O   1 
ATOM   727  C CB  . VAL A 1 85  ? 1.320   6.749   8.681   1.00 22.62  ? 85  VAL A CB  1 
ATOM   728  C CG1 . VAL A 1 85  ? -0.204  6.579   8.697   1.00 21.21  ? 85  VAL A CG1 1 
ATOM   729  C CG2 . VAL A 1 85  ? 1.964   5.785   7.675   1.00 22.08  ? 85  VAL A CG2 1 
ATOM   730  N N   . LYS A 1 86  ? -0.084  9.782   8.756   1.00 22.06  ? 86  LYS A N   1 
ATOM   731  C CA  . LYS A 1 86  ? -0.938  10.653  9.556   1.00 20.46  ? 86  LYS A CA  1 
ATOM   732  C C   . LYS A 1 86  ? -2.398  10.329  9.273   1.00 21.94  ? 86  LYS A C   1 
ATOM   733  O O   . LYS A 1 86  ? -2.743  9.859   8.189   1.00 21.26  ? 86  LYS A O   1 
ATOM   734  C CB  . LYS A 1 86  ? -0.676  12.131  9.238   1.00 21.83  ? 86  LYS A CB  1 
ATOM   735  C CG  . LYS A 1 86  ? 0.746   12.584  9.538   1.00 24.43  ? 86  LYS A CG  1 
ATOM   736  C CD  . LYS A 1 86  ? 0.928   14.100  9.373   1.00 23.71  ? 86  LYS A CD  1 
ATOM   737  C CE  . LYS A 1 86  ? 2.405   14.439  9.493   1.00 30.68  ? 86  LYS A CE  1 
ATOM   738  N NZ  . LYS A 1 86  ? 2.686   15.906  9.500   1.00 34.32  ? 86  LYS A NZ  1 
ATOM   739  N N   . TRP A 1 87  ? -3.255  10.572  10.260  1.00 21.03  ? 87  TRP A N   1 
ATOM   740  C CA  . TRP A 1 87  ? -4.693  10.478  10.048  1.00 18.95  ? 87  TRP A CA  1 
ATOM   741  C C   . TRP A 1 87  ? -5.173  11.689  9.264   1.00 21.42  ? 87  TRP A C   1 
ATOM   742  O O   . TRP A 1 87  ? -4.714  12.810  9.505   1.00 23.26  ? 87  TRP A O   1 
ATOM   743  C CB  . TRP A 1 87  ? -5.432  10.434  11.384  1.00 21.15  ? 87  TRP A CB  1 
ATOM   744  C CG  . TRP A 1 87  ? -5.177  9.206   12.193  1.00 19.95  ? 87  TRP A CG  1 
ATOM   745  C CD1 . TRP A 1 87  ? -4.455  9.125   13.363  1.00 21.96  ? 87  TRP A CD1 1 
ATOM   746  C CD2 . TRP A 1 87  ? -5.687  7.891   11.942  1.00 22.09  ? 87  TRP A CD2 1 
ATOM   747  N NE1 . TRP A 1 87  ? -4.474  7.830   13.836  1.00 22.43  ? 87  TRP A NE1 1 
ATOM   748  C CE2 . TRP A 1 87  ? -5.222  7.054   12.985  1.00 23.71  ? 87  TRP A CE2 1 
ATOM   749  C CE3 . TRP A 1 87  ? -6.488  7.338   10.929  1.00 22.37  ? 87  TRP A CE3 1 
ATOM   750  C CZ2 . TRP A 1 87  ? -5.524  5.692   13.046  1.00 21.45  ? 87  TRP A CZ2 1 
ATOM   751  C CZ3 . TRP A 1 87  ? -6.797  5.974   10.992  1.00 25.41  ? 87  TRP A CZ3 1 
ATOM   752  C CH2 . TRP A 1 87  ? -6.310  5.167   12.052  1.00 26.35  ? 87  TRP A CH2 1 
ATOM   753  N N   . GLU A 1 88  ? -6.091  11.451  8.322   1.00 23.97  ? 88  GLU A N   1 
ATOM   754  C CA  . GLU A 1 88  ? -6.828  12.506  7.629   1.00 26.07  ? 88  GLU A CA  1 
ATOM   755  C C   . GLU A 1 88  ? -8.221  12.703  8.189   1.00 26.48  ? 88  GLU A C   1 
ATOM   756  O O   . GLU A 1 88  ? -8.817  13.765  7.981   1.00 34.92  ? 88  GLU A O   1 
ATOM   757  C CB  . GLU A 1 88  ? -7.000  12.188  6.135   1.00 29.04  ? 88  GLU A CB  1 
ATOM   758  C CG  . GLU A 1 88  ? -5.757  12.061  5.340   1.00 29.06  ? 88  GLU A CG  1 
ATOM   759  C CD  . GLU A 1 88  ? -6.068  12.049  3.855   1.00 33.28  ? 88  GLU A CD  1 
ATOM   760  O OE1 . GLU A 1 88  ? -5.127  12.132  3.046   1.00 41.59  ? 88  GLU A OE1 1 
ATOM   761  O OE2 . GLU A 1 88  ? -7.268  11.978  3.512   1.00 38.37  ? 88  GLU A OE2 1 
ATOM   762  N N   . SER A 1 89  ? -8.757  11.686  8.834   1.00 27.38  ? 89  SER A N   1 
ATOM   763  C CA  . SER A 1 89  ? -10.131 11.638  9.303   1.00 30.81  ? 89  SER A CA  1 
ATOM   764  C C   . SER A 1 89  ? -10.225 10.443  10.236  1.00 29.34  ? 89  SER A C   1 
ATOM   765  O O   . SER A 1 89  ? -9.226  9.774   10.528  1.00 27.28  ? 89  SER A O   1 
ATOM   766  C CB  . SER A 1 89  ? -11.107 11.529  8.130   1.00 33.01  ? 89  SER A CB  1 
ATOM   767  O OG  . SER A 1 89  ? -11.005 10.240  7.542   1.00 34.39  ? 89  SER A OG  1 
ATOM   768  N N   . GLU A 1 90  ? -11.439 10.176  10.709  1.00 31.94  ? 90  GLU A N   1 
ATOM   769  C CA  . GLU A 1 90  ? -11.630 9.053   11.615  1.00 29.10  ? 90  GLU A CA  1 
ATOM   770  C C   . GLU A 1 90  ? -11.175 7.738   10.997  1.00 30.21  ? 90  GLU A C   1 
ATOM   771  O O   . GLU A 1 90  ? -10.540 6.917   11.665  1.00 33.34  ? 90  GLU A O   1 
ATOM   772  C CB  . GLU A 1 90  ? -13.101 8.955   12.016  1.00 37.78  ? 90  GLU A CB  1 
ATOM   773  C CG  . GLU A 1 90  ? -13.379 7.810   12.969  1.00 44.16  ? 90  GLU A CG  1 
ATOM   774  C CD  . GLU A 1 90  ? -14.846 7.684   13.325  1.00 50.08  ? 90  GLU A CD  1 
ATOM   775  O OE1 . GLU A 1 90  ? -15.665 8.432   12.751  1.00 56.38  ? 90  GLU A OE1 1 
ATOM   776  O OE2 . GLU A 1 90  ? -15.177 6.825   14.168  1.00 41.88  ? 90  GLU A OE2 1 
ATOM   777  N N   . ASN A 1 91  ? -11.470 7.522   9.715   1.00 27.00  ? 91  ASN A N   1 
ATOM   778  C CA  A ASN A 1 91  ? -11.327 6.212   9.091   0.70 30.35  ? 91  ASN A CA  1 
ATOM   779  C CA  B ASN A 1 91  ? -11.278 6.195   9.135   0.30 30.29  ? 91  ASN A CA  1 
ATOM   780  C C   . ASN A 1 91  ? -10.303 6.189   7.964   1.00 25.18  ? 91  ASN A C   1 
ATOM   781  O O   . ASN A 1 91  ? -10.256 5.210   7.222   1.00 25.33  ? 91  ASN A O   1 
ATOM   782  C CB  A ASN A 1 91  ? -12.680 5.743   8.547   0.70 29.34  ? 91  ASN A CB  1 
ATOM   783  C CB  B ASN A 1 91  ? -12.619 5.591   8.705   0.30 30.28  ? 91  ASN A CB  1 
ATOM   784  C CG  A ASN A 1 91  ? -13.742 5.657   9.627   0.70 33.34  ? 91  ASN A CG  1 
ATOM   785  C CG  B ASN A 1 91  ? -13.407 6.498   7.782   0.30 33.30  ? 91  ASN A CG  1 
ATOM   786  O OD1 A ASN A 1 91  ? -13.564 4.970   10.626  0.70 37.32  ? 91  ASN A OD1 1 
ATOM   787  O OD1 B ASN A 1 91  ? -12.842 7.257   6.997   0.30 38.89  ? 91  ASN A OD1 1 
ATOM   788  N ND2 A ASN A 1 91  ? -14.848 6.362   9.431   0.70 38.57  ? 91  ASN A ND2 1 
ATOM   789  N ND2 B ASN A 1 91  ? -14.733 6.416   7.868   0.30 38.02  ? 91  ASN A ND2 1 
ATOM   790  N N   . LYS A 1 92  ? -9.502  7.235   7.803   1.00 22.15  ? 92  LYS A N   1 
ATOM   791  C CA  . LYS A 1 92  ? -8.554  7.252   6.696   1.00 22.78  ? 92  LYS A CA  1 
ATOM   792  C C   . LYS A 1 92  ? -7.201  7.802   7.138   1.00 24.21  ? 92  LYS A C   1 
ATOM   793  O O   . LYS A 1 92  ? -7.126  8.802   7.862   1.00 23.81  ? 92  LYS A O   1 
ATOM   794  C CB  . LYS A 1 92  ? -9.106  8.069   5.517   1.00 22.72  ? 92  LYS A CB  1 
ATOM   795  C CG  . LYS A 1 92  ? -8.191  8.093   4.299   1.00 23.50  ? 92  LYS A CG  1 
ATOM   796  C CD  . LYS A 1 92  ? -8.910  8.694   3.089   1.00 25.38  ? 92  LYS A CD  1 
ATOM   797  C CE  . LYS A 1 92  ? -7.945  8.900   1.949   1.00 24.54  ? 92  LYS A CE  1 
ATOM   798  N NZ  . LYS A 1 92  ? -8.702  9.088   0.661   1.00 29.04  ? 92  LYS A NZ  1 
ATOM   799  N N   . MET A 1 93  ? -6.132  7.137   6.689   1.00 18.16  ? 93  MET A N   1 
ATOM   800  C CA  . MET A 1 93  ? -4.761  7.573   6.915   1.00 17.37  ? 93  MET A CA  1 
ATOM   801  C C   . MET A 1 93  ? -4.045  7.783   5.587   1.00 22.78  ? 93  MET A C   1 
ATOM   802  O O   . MET A 1 93  ? -4.422  7.217   4.554   1.00 22.28  ? 93  MET A O   1 
ATOM   803  C CB  . MET A 1 93  ? -3.975  6.560   7.757   1.00 21.01  ? 93  MET A CB  1 
ATOM   804  C CG  . MET A 1 93  ? -3.673  5.263   7.024   0.89 21.55  ? 93  MET A CG  1 
ATOM   805  S SD  . MET A 1 93  ? -3.024  3.962   8.096   0.71 20.09  ? 93  MET A SD  1 
ATOM   806  C CE  . MET A 1 93  ? -4.565  3.462   8.844   1.00 25.10  ? 93  MET A CE  1 
ATOM   807  N N   . VAL A 1 94  ? -2.990  8.598   5.635   1.00 20.71  ? 94  VAL A N   1 
ATOM   808  C CA  . VAL A 1 94  ? -2.194  8.932   4.455   1.00 18.41  ? 94  VAL A CA  1 
ATOM   809  C C   . VAL A 1 94  ? -0.722  8.841   4.822   1.00 21.57  ? 94  VAL A C   1 
ATOM   810  O O   . VAL A 1 94  ? -0.304  9.263   5.913   1.00 22.78  ? 94  VAL A O   1 
ATOM   811  C CB  . VAL A 1 94  ? -2.537  10.332  3.903   1.00 21.76  ? 94  VAL A CB  1 
ATOM   812  C CG1 . VAL A 1 94  ? -2.337  11.402  4.978   1.00 27.73  ? 94  VAL A CG1 1 
ATOM   813  C CG2 . VAL A 1 94  ? -1.705  10.634  2.654   1.00 22.09  ? 94  VAL A CG2 1 
ATOM   814  N N   . CYS A 1 95  ? 0.062   8.279   3.919   1.00 20.54  ? 95  CYS A N   1 
ATOM   815  C CA  . CYS A 1 95  ? 1.492   8.120   4.114   1.00 21.32  ? 95  CYS A CA  1 
ATOM   816  C C   . CYS A 1 95  ? 2.231   8.876   3.023   1.00 22.84  ? 95  CYS A C   1 
ATOM   817  O O   . CYS A 1 95  ? 1.983   8.652   1.827   1.00 24.65  ? 95  CYS A O   1 
ATOM   818  C CB  . CYS A 1 95  ? 1.880   6.649   4.084   1.00 22.79  ? 95  CYS A CB  1 
ATOM   819  S SG  . CYS A 1 95  ? 3.640   6.383   4.360   1.00 25.87  ? 95  CYS A SG  1 
ATOM   820  N N   . GLU A 1 96  ? 3.122   9.777   3.425   1.00 24.37  ? 96  GLU A N   1 
ATOM   821  C CA  . GLU A 1 96  ? 4.024   10.453  2.499   1.00 24.43  ? 96  GLU A CA  1 
ATOM   822  C C   . GLU A 1 96  ? 5.390   9.781   2.545   1.00 22.87  ? 96  GLU A C   1 
ATOM   823  O O   . GLU A 1 96  ? 5.861   9.386   3.613   1.00 24.94  ? 96  GLU A O   1 
ATOM   824  C CB  . GLU A 1 96  ? 4.161   11.941  2.837   1.00 27.96  ? 96  GLU A CB  1 
ATOM   825  C CG  . GLU A 1 96  ? 2.844   12.713  2.788   1.00 27.55  ? 96  GLU A CG  1 
ATOM   826  C CD  . GLU A 1 96  ? 2.222   12.727  1.396   0.50 26.74  ? 96  GLU A CD  1 
ATOM   827  O OE1 . GLU A 1 96  ? 2.976   12.800  0.404   0.65 35.27  ? 96  GLU A OE1 1 
ATOM   828  O OE2 . GLU A 1 96  ? 0.979   12.664  1.297   0.54 30.03  ? 96  GLU A OE2 1 
ATOM   829  N N   . GLN A 1 97  ? 6.023   9.653   1.376   1.00 26.73  ? 97  GLN A N   1 
ATOM   830  C CA  . GLN A 1 97  ? 7.274   8.922   1.219   1.00 25.86  ? 97  GLN A CA  1 
ATOM   831  C C   . GLN A 1 97  ? 8.349   9.843   0.664   1.00 30.37  ? 97  GLN A C   1 
ATOM   832  O O   . GLN A 1 97  ? 8.066   10.684  -0.196  1.00 34.14  ? 97  GLN A O   1 
ATOM   833  C CB  . GLN A 1 97  ? 7.100   7.721   0.276   1.00 28.74  ? 97  GLN A CB  1 
ATOM   834  C CG  . GLN A 1 97  ? 6.108   6.702   0.805   1.00 30.51  ? 97  GLN A CG  1 
ATOM   835  C CD  . GLN A 1 97  ? 5.872   5.553   -0.140  1.00 27.31  ? 97  GLN A CD  1 
ATOM   836  O OE1 . GLN A 1 97  ? 5.881   5.720   -1.363  1.00 28.83  ? 97  GLN A OE1 1 
ATOM   837  N NE2 . GLN A 1 97  ? 5.632   4.368   0.422   1.00 27.75  ? 97  GLN A NE2 1 
ATOM   838  N N   . LYS A 1 98  ? 9.584   9.655   1.138   1.00 28.85  ? 98  LYS A N   1 
ATOM   839  C CA  . LYS A 1 98  ? 10.750  10.344  0.588   1.00 32.18  ? 98  LYS A CA  1 
ATOM   840  C C   . LYS A 1 98  ? 11.826  9.320   0.260   1.00 26.60  ? 98  LYS A C   1 
ATOM   841  O O   . LYS A 1 98  ? 12.218  8.529   1.124   1.00 36.07  ? 98  LYS A O   1 
ATOM   842  C CB  . LYS A 1 98  ? 11.292  11.399  1.564   1.00 37.31  ? 98  LYS A CB  1 
ATOM   843  C CG  . LYS A 1 98  ? 10.429  12.654  1.658   1.00 56.65  ? 98  LYS A CG  1 
ATOM   844  C CD  . LYS A 1 98  ? 10.999  13.657  2.654   1.00 69.48  ? 98  LYS A CD  1 
ATOM   845  C CE  . LYS A 1 98  ? 9.939   14.144  3.632   1.00 77.32  ? 98  LYS A CE  1 
ATOM   846  N NZ  . LYS A 1 98  ? 9.768   13.213  4.786   1.00 73.89  ? 98  LYS A NZ  1 
ATOM   847  N N   . LEU A 1 99  ? 12.294  9.324   -0.994  1.00 30.11  ? 99  LEU A N   1 
ATOM   848  C CA  . LEU A 1 99  ? 13.324  8.376   -1.397  1.00 34.39  ? 99  LEU A CA  1 
ATOM   849  C C   . LEU A 1 99  ? 14.580  8.526   -0.541  1.00 35.69  ? 99  LEU A C   1 
ATOM   850  O O   . LEU A 1 99  ? 15.004  9.638   -0.216  1.00 41.08  ? 99  LEU A O   1 
ATOM   851  C CB  . LEU A 1 99  ? 13.675  8.576   -2.872  1.00 32.78  ? 99  LEU A CB  1 
ATOM   852  C CG  . LEU A 1 99  ? 12.614  8.137   -3.874  1.00 32.89  ? 99  LEU A CG  1 
ATOM   853  C CD1 . LEU A 1 99  ? 12.980  8.660   -5.248  1.00 35.28  ? 99  LEU A CD1 1 
ATOM   854  C CD2 . LEU A 1 99  ? 12.477  6.619   -3.885  1.00 37.29  ? 99  LEU A CD2 1 
ATOM   855  N N   . LEU A 1 100 ? 15.180  7.389   -0.176  1.00 35.29  ? 100 LEU A N   1 
ATOM   856  C CA  . LEU A 1 100 ? 16.448  7.429   0.549   1.00 40.03  ? 100 LEU A CA  1 
ATOM   857  C C   . LEU A 1 100 ? 17.610  7.766   -0.375  1.00 52.21  ? 100 LEU A C   1 
ATOM   858  O O   . LEU A 1 100 ? 18.577  8.408   0.053   1.00 50.76  ? 100 LEU A O   1 
ATOM   859  C CB  . LEU A 1 100 ? 16.713  6.093   1.246   1.00 40.85  ? 100 LEU A CB  1 
ATOM   860  C CG  . LEU A 1 100 ? 15.870  5.752   2.477   1.00 43.33  ? 100 LEU A CG  1 
ATOM   861  C CD1 . LEU A 1 100 ? 16.288  4.410   3.046   1.00 44.39  ? 100 LEU A CD1 1 
ATOM   862  C CD2 . LEU A 1 100 ? 15.998  6.835   3.521   1.00 44.24  ? 100 LEU A CD2 1 
ATOM   863  N N   . LYS A 1 101 ? 17.540  7.337   -1.635  1.00 39.87  ? 101 LYS A N   1 
ATOM   864  C CA  . LYS A 1 101 ? 18.581  7.596   -2.618  0.60 47.97  ? 101 LYS A CA  1 
ATOM   865  C C   . LYS A 1 101 ? 17.937  7.960   -3.944  1.00 49.43  ? 101 LYS A C   1 
ATOM   866  O O   . LYS A 1 101 ? 16.953  7.338   -4.355  1.00 46.22  ? 101 LYS A O   1 
ATOM   867  C CB  . LYS A 1 101 ? 19.500  6.378   -2.816  1.00 46.01  ? 101 LYS A CB  1 
ATOM   868  C CG  . LYS A 1 101 ? 20.398  6.063   -1.635  1.00 54.93  ? 101 LYS A CG  1 
ATOM   869  C CD  . LYS A 1 101 ? 20.354  4.581   -1.276  1.00 70.41  ? 101 LYS A CD  1 
ATOM   870  C CE  . LYS A 1 101 ? 18.940  4.125   -0.922  1.00 63.69  ? 101 LYS A CE  1 
ATOM   871  N NZ  . LYS A 1 101 ? 18.941  3.085   0.152   1.00 66.58  ? 101 LYS A NZ  1 
ATOM   872  N N   . GLY A 1 102 ? 18.497  8.962   -4.610  1.00 47.71  ? 102 GLY A N   1 
ATOM   873  C CA  . GLY A 1 102 ? 18.059  9.305   -5.946  1.00 51.02  ? 102 GLY A CA  1 
ATOM   874  C C   . GLY A 1 102 ? 16.804  10.159  -5.958  1.00 47.97  ? 102 GLY A C   1 
ATOM   875  O O   . GLY A 1 102 ? 16.380  10.730  -4.946  1.00 51.62  ? 102 GLY A O   1 
ATOM   876  N N   . GLU A 1 103 ? 16.199  10.237  -7.140  1.00 48.67  ? 103 GLU A N   1 
ATOM   877  C CA  . GLU A 1 103 ? 14.995  11.021  -7.350  1.00 43.13  ? 103 GLU A CA  1 
ATOM   878  C C   . GLU A 1 103 ? 13.960  10.176  -8.079  1.00 41.27  ? 103 GLU A C   1 
ATOM   879  O O   . GLU A 1 103 ? 14.237  9.064   -8.537  1.00 41.60  ? 103 GLU A O   1 
ATOM   880  C CB  . GLU A 1 103 ? 15.299  12.310  -8.126  1.00 58.41  ? 103 GLU A CB  1 
ATOM   881  C CG  . GLU A 1 103 ? 15.944  13.391  -7.269  1.00 70.72  ? 103 GLU A CG  1 
ATOM   882  C CD  . GLU A 1 103 ? 16.863  14.300  -8.061  1.00 90.31  ? 103 GLU A CD  1 
ATOM   883  O OE1 . GLU A 1 103 ? 17.368  15.286  -7.479  1.00 95.26  ? 103 GLU A OE1 1 
ATOM   884  O OE2 . GLU A 1 103 ? 17.082  14.031  -9.262  1.00 82.52  ? 103 GLU A OE2 1 
ATOM   885  N N   . GLY A 1 104 ? 12.750  10.715  -8.165  1.00 38.65  ? 104 GLY A N   1 
ATOM   886  C CA  . GLY A 1 104 ? 11.646  10.010  -8.767  1.00 34.97  ? 104 GLY A CA  1 
ATOM   887  C C   . GLY A 1 104 ? 10.335  10.732  -8.556  1.00 39.10  ? 104 GLY A C   1 
ATOM   888  O O   . GLY A 1 104 ? 10.269  11.780  -7.900  1.00 35.21  ? 104 GLY A O   1 
ATOM   889  N N   . PRO A 1 105 ? 9.263   10.193  -9.134  1.00 33.34  ? 105 PRO A N   1 
ATOM   890  C CA  . PRO A 1 105 ? 7.933   10.751  -8.878  1.00 29.08  ? 105 PRO A CA  1 
ATOM   891  C C   . PRO A 1 105 ? 7.630   10.782  -7.391  1.00 31.02  ? 105 PRO A C   1 
ATOM   892  O O   . PRO A 1 105 ? 8.169   9.999   -6.609  1.00 34.87  ? 105 PRO A O   1 
ATOM   893  C CB  . PRO A 1 105 ? 6.997   9.792   -9.620  1.00 35.53  ? 105 PRO A CB  1 
ATOM   894  C CG  . PRO A 1 105 ? 7.856   9.234   -10.722 1.00 34.96  ? 105 PRO A CG  1 
ATOM   895  C CD  . PRO A 1 105 ? 9.235   9.124   -10.150 1.00 34.78  ? 105 PRO A CD  1 
ATOM   896  N N   . LYS A 1 106 ? 6.779   11.725  -7.009  1.00 29.64  ? 106 LYS A N   1 
ATOM   897  C CA  . LYS A 1 106 ? 6.336   11.838  -5.627  1.00 29.98  ? 106 LYS A CA  1 
ATOM   898  C C   . LYS A 1 106 ? 5.307   10.752  -5.344  1.00 30.34  ? 106 LYS A C   1 
ATOM   899  O O   . LYS A 1 106 ? 4.301   10.650  -6.052  1.00 31.52  ? 106 LYS A O   1 
ATOM   900  C CB  . LYS A 1 106 ? 5.734   13.219  -5.380  1.00 31.67  ? 106 LYS A CB  1 
ATOM   901  C CG  . LYS A 1 106 ? 5.561   13.563  -3.912  1.00 39.39  ? 106 LYS A CG  1 
ATOM   902  C CD  . LYS A 1 106 ? 4.495   14.634  -3.726  0.90 40.52  ? 106 LYS A CD  1 
ATOM   903  C CE  . LYS A 1 106 ? 3.985   14.671  -2.298  0.99 46.64  ? 106 LYS A CE  1 
ATOM   904  N NZ  . LYS A 1 106 ? 2.864   13.710  -2.054  0.47 44.59  ? 106 LYS A NZ  1 
ATOM   905  N N   . THR A 1 107 ? 5.548   9.945   -4.307  1.00 27.26  ? 107 THR A N   1 
ATOM   906  C CA  . THR A 1 107 ? 4.709   8.781   -4.055  1.00 25.12  ? 107 THR A CA  1 
ATOM   907  C C   . THR A 1 107 ? 4.120   8.832   -2.657  1.00 28.64  ? 107 THR A C   1 
ATOM   908  O O   . THR A 1 107 ? 4.705   9.404   -1.737  1.00 27.16  ? 107 THR A O   1 
ATOM   909  C CB  . THR A 1 107 ? 5.475   7.457   -4.217  1.00 26.24  ? 107 THR A CB  1 
ATOM   910  O OG1 . THR A 1 107 ? 6.589   7.423   -3.319  1.00 28.05  ? 107 THR A OG1 1 
ATOM   911  C CG2 . THR A 1 107 ? 5.963   7.287   -5.668  1.00 26.62  ? 107 THR A CG2 1 
ATOM   912  N N   . SER A 1 108 ? 2.963   8.199   -2.516  1.00 24.31  ? 108 SER A N   1 
ATOM   913  C CA  . SER A 1 108 ? 2.243   8.169   -1.250  1.00 22.36  ? 108 SER A CA  1 
ATOM   914  C C   . SER A 1 108 ? 1.277   6.994   -1.290  1.00 23.98  ? 108 SER A C   1 
ATOM   915  O O   . SER A 1 108 ? 1.086   6.358   -2.330  1.00 22.12  ? 108 SER A O   1 
ATOM   916  C CB  . SER A 1 108 ? 1.516   9.501   -1.007  1.00 24.89  ? 108 SER A CB  1 
ATOM   917  O OG  . SER A 1 108 ? 0.670   9.847   -2.095  1.00 28.83  ? 108 SER A OG  1 
ATOM   918  N N   . TRP A 1 109 ? 0.697   6.678   -0.134  1.00 22.30  ? 109 TRP A N   1 
ATOM   919  C CA  . TRP A 1 109 ? -0.403  5.729   -0.112  1.00 20.22  ? 109 TRP A CA  1 
ATOM   920  C C   . TRP A 1 109 ? -1.419  6.143   0.942   1.00 20.81  ? 109 TRP A C   1 
ATOM   921  O O   . TRP A 1 109 ? -1.141  6.986   1.794   1.00 21.90  ? 109 TRP A O   1 
ATOM   922  C CB  . TRP A 1 109 ? 0.086   4.288   0.108   1.00 21.39  ? 109 TRP A CB  1 
ATOM   923  C CG  . TRP A 1 109 ? 0.973   4.017   1.314   1.00 20.18  ? 109 TRP A CG  1 
ATOM   924  C CD1 . TRP A 1 109 ? 2.330   3.849   1.309   1.00 20.88  ? 109 TRP A CD1 1 
ATOM   925  C CD2 . TRP A 1 109 ? 0.549   3.814   2.674   1.00 20.40  ? 109 TRP A CD2 1 
ATOM   926  N NE1 . TRP A 1 109 ? 2.777   3.567   2.592   1.00 22.19  ? 109 TRP A NE1 1 
ATOM   927  C CE2 . TRP A 1 109 ? 1.697   3.530   3.433   1.00 21.66  ? 109 TRP A CE2 1 
ATOM   928  C CE3 . TRP A 1 109 ? -0.696  3.843   3.320   1.00 21.43  ? 109 TRP A CE3 1 
ATOM   929  C CZ2 . TRP A 1 109 ? 1.651   3.315   4.817   1.00 20.54  ? 109 TRP A CZ2 1 
ATOM   930  C CZ3 . TRP A 1 109 ? -0.738  3.611   4.705   1.00 19.60  ? 109 TRP A CZ3 1 
ATOM   931  C CH2 . TRP A 1 109 ? 0.423   3.337   5.421   1.00 22.90  ? 109 TRP A CH2 1 
ATOM   932  N N   . THR A 1 110 ? -2.626  5.583   0.840   1.00 20.18  ? 110 THR A N   1 
ATOM   933  C CA  . THR A 1 110 ? -3.660  5.805   1.850   1.00 21.78  ? 110 THR A CA  1 
ATOM   934  C C   . THR A 1 110 ? -4.325  4.479   2.183   1.00 24.26  ? 110 THR A C   1 
ATOM   935  O O   . THR A 1 110 ? -4.270  3.523   1.402   1.00 22.23  ? 110 THR A O   1 
ATOM   936  C CB  . THR A 1 110 ? -4.748  6.791   1.390   1.00 23.28  ? 110 THR A CB  1 
ATOM   937  O OG1 . THR A 1 110 ? -5.477  6.222   0.288   1.00 21.71  ? 110 THR A OG1 1 
ATOM   938  C CG2 . THR A 1 110 ? -4.143  8.121   0.944   1.00 24.68  ? 110 THR A CG2 1 
ATOM   939  N N   . LYS A 1 111 ? -4.952  4.425   3.363   1.00 18.43  ? 111 LYS A N   1 
ATOM   940  C CA  . LYS A 1 111 ? -5.843  3.333   3.723   1.00 20.94  ? 111 LYS A CA  1 
ATOM   941  C C   . LYS A 1 111 ? -7.104  3.924   4.327   1.00 22.22  ? 111 LYS A C   1 
ATOM   942  O O   . LYS A 1 111 ? -7.027  4.867   5.122   1.00 22.66  ? 111 LYS A O   1 
ATOM   943  C CB  . LYS A 1 111 ? -5.223  2.366   4.743   1.00 22.17  ? 111 LYS A CB  1 
ATOM   944  C CG  . LYS A 1 111 ? -4.040  1.568   4.265   1.00 22.82  ? 111 LYS A CG  1 
ATOM   945  C CD  . LYS A 1 111 ? -3.518  0.687   5.400   1.00 22.93  ? 111 LYS A CD  1 
ATOM   946  C CE  . LYS A 1 111 ? -2.079  0.313   5.162   1.00 24.84  ? 111 LYS A CE  1 
ATOM   947  N NZ  . LYS A 1 111 ? -2.008  -0.488  3.903   1.00 30.29  ? 111 LYS A NZ  1 
ATOM   948  N N   . GLU A 1 112 ? -8.257  3.363   3.959   1.00 24.51  ? 112 GLU A N   1 
ATOM   949  C CA  . GLU A 1 112 ? -9.546  3.845   4.443   1.00 23.82  ? 112 GLU A CA  1 
ATOM   950  C C   . GLU A 1 112 ? -10.462 2.669   4.751   1.00 29.31  ? 112 GLU A C   1 
ATOM   951  O O   . GLU A 1 112 ? -10.585 1.747   3.944   1.00 24.72  ? 112 GLU A O   1 
ATOM   952  C CB  . GLU A 1 112 ? -10.226 4.780   3.425   1.00 26.51  ? 112 GLU A CB  1 
ATOM   953  C CG  . GLU A 1 112 ? -11.598 5.279   3.904   1.00 27.82  ? 112 GLU A CG  1 
ATOM   954  C CD  . GLU A 1 112 ? -12.293 6.207   2.917   1.00 43.70  ? 112 GLU A CD  1 
ATOM   955  O OE1 . GLU A 1 112 ? -11.792 6.375   1.785   1.00 37.45  ? 112 GLU A OE1 1 
ATOM   956  O OE2 . GLU A 1 112 ? -13.352 6.765   3.275   1.00 48.96  ? 112 GLU A OE2 1 
ATOM   957  N N   . LEU A 1 113 ? -11.095 2.701   5.925   1.00 24.40  ? 113 LEU A N   1 
ATOM   958  C CA  . LEU A 1 113 ? -12.119 1.733   6.309   1.00 25.75  ? 113 LEU A CA  1 
ATOM   959  C C   . LEU A 1 113 ? -13.491 2.321   6.006   1.00 35.39  ? 113 LEU A C   1 
ATOM   960  O O   . LEU A 1 113 ? -13.841 3.384   6.532   1.00 37.77  ? 113 LEU A O   1 
ATOM   961  C CB  . LEU A 1 113 ? -12.011 1.399   7.798   1.00 27.15  ? 113 LEU A CB  1 
ATOM   962  C CG  . LEU A 1 113 ? -11.215 0.206   8.295   1.00 36.53  ? 113 LEU A CG  1 
ATOM   963  C CD1 . LEU A 1 113 ? -11.454 0.081   9.800   1.00 36.77  ? 113 LEU A CD1 1 
ATOM   964  C CD2 . LEU A 1 113 ? -11.626 -1.065  7.589   1.00 38.62  ? 113 LEU A CD2 1 
ATOM   965  N N   . THR A 1 114 ? -14.271 1.635   5.173   1.00 30.63  ? 114 THR A N   1 
ATOM   966  C CA  . THR A 1 114 ? -15.603 2.119   4.843   1.00 36.52  ? 114 THR A CA  1 
ATOM   967  C C   . THR A 1 114 ? -16.627 1.629   5.861   1.00 37.27  ? 114 THR A C   1 
ATOM   968  O O   . THR A 1 114 ? -16.373 0.714   6.648   1.00 41.80  ? 114 THR A O   1 
ATOM   969  C CB  . THR A 1 114 ? -16.028 1.660   3.445   1.00 38.14  ? 114 THR A CB  1 
ATOM   970  O OG1 . THR A 1 114 ? -16.367 0.270   3.486   1.00 36.79  ? 114 THR A OG1 1 
ATOM   971  C CG2 . THR A 1 114 ? -14.906 1.867   2.458   1.00 37.16  ? 114 THR A CG2 1 
ATOM   972  N N   . ASN A 1 115 ? -17.805 2.254   5.822   1.00 46.07  ? 115 ASN A N   1 
ATOM   973  C CA  . ASN A 1 115 ? -18.909 1.836   6.679   1.00 50.75  ? 115 ASN A CA  1 
ATOM   974  C C   . ASN A 1 115 ? -19.456 0.466   6.298   1.00 52.58  ? 115 ASN A C   1 
ATOM   975  O O   . ASN A 1 115 ? -20.079 -0.196  7.136   1.00 62.99  ? 115 ASN A O   1 
ATOM   976  C CB  . ASN A 1 115 ? -20.032 2.875   6.627   0.92 54.52  ? 115 ASN A CB  1 
ATOM   977  C CG  . ASN A 1 115 ? -20.942 2.689   5.426   0.51 52.12  ? 115 ASN A CG  1 
ATOM   978  O OD1 . ASN A 1 115 ? -20.481 2.640   4.284   0.58 59.05  ? 115 ASN A OD1 1 
ATOM   979  N ND2 . ASN A 1 115 ? -22.240 2.583   5.679   0.58 55.69  ? 115 ASN A ND2 1 
ATOM   980  N N   . ASP A 1 116 ? -19.234 0.023   5.063   1.00 51.89  ? 116 ASP A N   1 
ATOM   981  C CA  . ASP A 1 116 ? -19.787 -1.226  4.563   1.00 55.46  ? 116 ASP A CA  1 
ATOM   982  C C   . ASP A 1 116 ? -18.812 -2.393  4.657   1.00 47.43  ? 116 ASP A C   1 
ATOM   983  O O   . ASP A 1 116 ? -19.033 -3.418  4.007   1.00 55.76  ? 116 ASP A O   1 
ATOM   984  C CB  . ASP A 1 116 ? -20.250 -1.054  3.116   1.00 54.97  ? 116 ASP A CB  1 
ATOM   985  C CG  . ASP A 1 116 ? -21.560 -0.300  3.013   1.00 69.47  ? 116 ASP A CG  1 
ATOM   986  O OD1 . ASP A 1 116 ? -21.844 0.252   1.928   1.00 67.18  ? 116 ASP A OD1 1 
ATOM   987  O OD2 . ASP A 1 116 ? -22.299 -0.255  4.019   1.00 74.12  ? 116 ASP A OD2 1 
ATOM   988  N N   . GLY A 1 117 ? -17.737 -2.258  5.430   1.00 44.82  ? 117 GLY A N   1 
ATOM   989  C CA  . GLY A 1 117 ? -16.829 -3.363  5.672   1.00 46.23  ? 117 GLY A CA  1 
ATOM   990  C C   . GLY A 1 117 ? -15.669 -3.502  4.709   1.00 44.73  ? 117 GLY A C   1 
ATOM   991  O O   . GLY A 1 117 ? -14.986 -4.532  4.739   1.00 45.90  ? 117 GLY A O   1 
ATOM   992  N N   . GLU A 1 118 ? -15.413 -2.511  3.862   1.00 34.36  ? 118 GLU A N   1 
ATOM   993  C CA  . GLU A 1 118 ? -14.334 -2.611  2.891   1.00 29.74  ? 118 GLU A CA  1 
ATOM   994  C C   . GLU A 1 118 ? -13.109 -1.834  3.358   1.00 33.23  ? 118 GLU A C   1 
ATOM   995  O O   . GLU A 1 118 ? -13.208 -0.871  4.122   1.00 30.46  ? 118 GLU A O   1 
ATOM   996  C CB  . GLU A 1 118 ? -14.771 -2.090  1.518   1.00 30.44  ? 118 GLU A CB  1 
ATOM   997  C CG  . GLU A 1 118 ? -15.592 -3.095  0.713   1.00 35.71  ? 118 GLU A CG  1 
ATOM   998  C CD  . GLU A 1 118 ? -16.198 -2.501  -0.554  1.00 42.00  ? 118 GLU A CD  1 
ATOM   999  O OE1 . GLU A 1 118 ? -16.135 -1.266  -0.754  1.00 41.05  ? 118 GLU A OE1 1 
ATOM   1000 O OE2 . GLU A 1 118 ? -16.744 -3.277  -1.357  1.00 44.21  ? 118 GLU A OE2 1 
ATOM   1001 N N   . LEU A 1 119 ? -11.946 -2.274  2.895   1.00 27.59  ? 119 LEU A N   1 
ATOM   1002 C CA  . LEU A 1 119 ? -10.709 -1.510  2.980   1.00 24.67  ? 119 LEU A CA  1 
ATOM   1003 C C   . LEU A 1 119 ? -10.407 -0.950  1.595   1.00 24.77  ? 119 LEU A C   1 
ATOM   1004 O O   . LEU A 1 119 ? -10.298 -1.714  0.631   1.00 26.96  ? 119 LEU A O   1 
ATOM   1005 C CB  . LEU A 1 119 ? -9.559  -2.389  3.453   1.00 23.31  ? 119 LEU A CB  1 
ATOM   1006 C CG  . LEU A 1 119 ? -8.183  -1.738  3.418   1.00 25.21  ? 119 LEU A CG  1 
ATOM   1007 C CD1 . LEU A 1 119 ? -8.107  -0.625  4.462   1.00 29.05  ? 119 LEU A CD1 1 
ATOM   1008 C CD2 . LEU A 1 119 ? -7.129  -2.790  3.651   1.00 23.76  ? 119 LEU A CD2 1 
ATOM   1009 N N   . ILE A 1 120 ? -10.279 0.369   1.499   1.00 23.32  ? 120 ILE A N   1 
ATOM   1010 C CA  . ILE A 1 120 ? -9.876  1.026   0.257   1.00 24.22  ? 120 ILE A CA  1 
ATOM   1011 C C   . ILE A 1 120 ? -8.443  1.497   0.439   1.00 25.63  ? 120 ILE A C   1 
ATOM   1012 O O   . ILE A 1 120 ? -8.141  2.251   1.377   1.00 24.14  ? 120 ILE A O   1 
ATOM   1013 C CB  . ILE A 1 120 ? -10.793 2.204   -0.105  1.00 24.96  ? 120 ILE A CB  1 
ATOM   1014 C CG1 . ILE A 1 120 ? -12.247 1.749   -0.222  1.00 30.05  ? 120 ILE A CG1 1 
ATOM   1015 C CG2 . ILE A 1 120 ? -10.345 2.834   -1.426  1.00 27.60  ? 120 ILE A CG2 1 
ATOM   1016 C CD1 . ILE A 1 120 ? -13.203 2.892   -0.429  1.00 41.41  ? 120 ILE A CD1 1 
ATOM   1017 N N   . GLU A 1 121 ? -7.551  1.042   -0.431  1.00 24.68  ? 121 GLU A N   1 
ATOM   1018 C CA  . GLU A 1 121 ? -6.192  1.550   -0.432  1.00 20.10  ? 121 GLU A CA  1 
ATOM   1019 C C   . GLU A 1 121 ? -5.991  2.373   -1.685  1.00 25.20  ? 121 GLU A C   1 
ATOM   1020 O O   . GLU A 1 121 ? -6.580  2.082   -2.730  1.00 25.48  ? 121 GLU A O   1 
ATOM   1021 C CB  . GLU A 1 121 ? -5.160  0.430   -0.385  1.00 20.45  ? 121 GLU A CB  1 
ATOM   1022 C CG  . GLU A 1 121 ? -5.290  -0.429  0.872   1.00 24.96  ? 121 GLU A CG  1 
ATOM   1023 C CD  . GLU A 1 121 ? -4.099  -1.341  1.065   1.00 35.88  ? 121 GLU A CD  1 
ATOM   1024 O OE1 . GLU A 1 121 ? -3.435  -1.685  0.052   1.00 33.70  ? 121 GLU A OE1 1 
ATOM   1025 O OE2 . GLU A 1 121 ? -3.825  -1.700  2.226   1.00 34.09  ? 121 GLU A OE2 1 
ATOM   1026 N N   . THR A 1 122 ? -5.166  3.405   -1.592  1.00 19.71  ? 122 THR A N   1 
ATOM   1027 C CA  . THR A 1 122 ? -4.696  4.045   -2.811  1.00 24.50  ? 122 THR A CA  1 
ATOM   1028 C C   . THR A 1 122 ? -3.181  4.163   -2.773  1.00 24.73  ? 122 THR A C   1 
ATOM   1029 O O   . THR A 1 122 ? -2.559  4.208   -1.708  1.00 22.31  ? 122 THR A O   1 
ATOM   1030 C CB  . THR A 1 122 ? -5.311  5.444   -3.088  1.00 23.51  ? 122 THR A CB  1 
ATOM   1031 O OG1 . THR A 1 122 ? -4.750  6.424   -2.207  1.00 23.46  ? 122 THR A OG1 1 
ATOM   1032 C CG2 . THR A 1 122 ? -6.836  5.446   -2.996  1.00 22.17  ? 122 THR A CG2 1 
ATOM   1033 N N   . MET A 1 123 ? -2.594  4.175   -3.963  1.00 21.98  ? 123 MET A N   1 
ATOM   1034 C CA  A MET A 1 123 ? -1.180  4.457   -4.142  0.68 22.88  ? 123 MET A CA  1 
ATOM   1035 C CA  B MET A 1 123 ? -1.182  4.467   -4.135  0.32 22.96  ? 123 MET A CA  1 
ATOM   1036 C C   . MET A 1 123 ? -1.065  5.513   -5.227  1.00 24.72  ? 123 MET A C   1 
ATOM   1037 O O   . MET A 1 123 ? -1.749  5.431   -6.250  1.00 27.40  ? 123 MET A O   1 
ATOM   1038 C CB  A MET A 1 123 ? -0.383  3.204   -4.528  0.68 25.54  ? 123 MET A CB  1 
ATOM   1039 C CB  B MET A 1 123 ? -0.371  3.222   -4.501  0.32 25.58  ? 123 MET A CB  1 
ATOM   1040 C CG  A MET A 1 123 ? -0.510  2.068   -3.531  0.68 28.70  ? 123 MET A CG  1 
ATOM   1041 C CG  B MET A 1 123 ? -0.412  2.146   -3.437  0.32 28.64  ? 123 MET A CG  1 
ATOM   1042 S SD  A MET A 1 123 ? 0.192   0.518   -4.136  0.68 33.08  ? 123 MET A SD  1 
ATOM   1043 S SD  B MET A 1 123 ? -1.601  0.862   -3.854  0.32 39.75  ? 123 MET A SD  1 
ATOM   1044 C CE  A MET A 1 123 ? -1.058  0.010   -5.308  0.68 33.42  ? 123 MET A CE  1 
ATOM   1045 C CE  B MET A 1 123 ? -0.761  0.086   -5.233  0.32 32.97  ? 123 MET A CE  1 
ATOM   1046 N N   . THR A 1 124 ? -0.219  6.503   -4.996  1.00 23.04  ? 124 THR A N   1 
ATOM   1047 C CA  . THR A 1 124 ? -0.129  7.644   -5.895  1.00 24.86  ? 124 THR A CA  1 
ATOM   1048 C C   . THR A 1 124 ? 1.312   7.842   -6.338  1.00 24.35  ? 124 THR A C   1 
ATOM   1049 O O   . THR A 1 124 ? 2.236   7.694   -5.543  1.00 25.20  ? 124 THR A O   1 
ATOM   1050 C CB  . THR A 1 124 ? -0.668  8.905   -5.188  0.83 25.61  ? 124 THR A CB  1 
ATOM   1051 O OG1 . THR A 1 124 ? -2.037  8.687   -4.812  0.85 25.59  ? 124 THR A OG1 1 
ATOM   1052 C CG2 . THR A 1 124 ? -0.582  10.131  -6.090  0.92 27.42  ? 124 THR A CG2 1 
ATOM   1053 N N   . ALA A 1 125 ? 1.497   8.140   -7.627  1.00 24.91  ? 125 ALA A N   1 
ATOM   1054 C CA  . ALA A 1 125 ? 2.780   8.585   -8.157  1.00 28.91  ? 125 ALA A CA  1 
ATOM   1055 C C   . ALA A 1 125 ? 2.505   9.815   -9.007  1.00 32.45  ? 125 ALA A C   1 
ATOM   1056 O O   . ALA A 1 125 ? 1.801   9.719   -10.016 1.00 31.01  ? 125 ALA A O   1 
ATOM   1057 C CB  . ALA A 1 125 ? 3.469   7.491   -8.980  1.00 32.58  ? 125 ALA A CB  1 
ATOM   1058 N N   . ASP A 1 126 ? 3.041   10.962  -8.588  1.00 32.91  ? 126 ASP A N   1 
ATOM   1059 C CA  . ASP A 1 126 ? 2.685   12.252  -9.172  1.00 34.44  ? 126 ASP A CA  1 
ATOM   1060 C C   . ASP A 1 126 ? 1.177   12.399  -9.323  1.00 34.12  ? 126 ASP A C   1 
ATOM   1061 O O   . ASP A 1 126 ? 0.455   12.469  -8.322  1.00 35.82  ? 126 ASP A O   1 
ATOM   1062 C CB  . ASP A 1 126 ? 3.391   12.446  -10.514 1.00 34.43  ? 126 ASP A CB  1 
ATOM   1063 C CG  . ASP A 1 126 ? 4.889   12.628  -10.356 1.00 38.12  ? 126 ASP A CG  1 
ATOM   1064 O OD1 . ASP A 1 126 ? 5.331   13.042  -9.257  1.00 42.90  ? 126 ASP A OD1 1 
ATOM   1065 O OD2 . ASP A 1 126 ? 5.628   12.354  -11.324 1.00 45.02  ? 126 ASP A OD2 1 
ATOM   1066 N N   . ASP A 1 127 ? 0.681   12.431  -10.558 1.00 36.51  ? 127 ASP A N   1 
ATOM   1067 C CA  . ASP A 1 127 ? -0.732  12.704  -10.781 1.00 33.06  ? 127 ASP A CA  1 
ATOM   1068 C C   . ASP A 1 127 ? -1.589  11.447  -10.876 1.00 36.36  ? 127 ASP A C   1 
ATOM   1069 O O   . ASP A 1 127 ? -2.819  11.564  -10.923 1.00 41.56  ? 127 ASP A O   1 
ATOM   1070 C CB  . ASP A 1 127 ? -0.923  13.549  -12.056 1.00 38.78  ? 127 ASP A CB  1 
ATOM   1071 C CG  . ASP A 1 127 ? -0.242  12.948  -13.276 0.34 35.06  ? 127 ASP A CG  1 
ATOM   1072 O OD1 . ASP A 1 127 ? -0.778  13.124  -14.392 0.36 42.39  ? 127 ASP A OD1 1 
ATOM   1073 O OD2 . ASP A 1 127 ? 0.829   12.321  -13.133 0.63 44.55  ? 127 ASP A OD2 1 
ATOM   1074 N N   . VAL A 1 128 ? -0.988  10.256  -10.887 1.00 29.48  ? 128 VAL A N   1 
ATOM   1075 C CA  . VAL A 1 128 ? -1.709  9.015   -11.141 1.00 23.80  ? 128 VAL A CA  1 
ATOM   1076 C C   . VAL A 1 128 ? -2.011  8.329   -9.813  1.00 26.47  ? 128 VAL A C   1 
ATOM   1077 O O   . VAL A 1 128 ? -1.118  8.173   -8.974  1.00 27.84  ? 128 VAL A O   1 
ATOM   1078 C CB  . VAL A 1 128 ? -0.907  8.094   -12.073 1.00 30.64  ? 128 VAL A CB  1 
ATOM   1079 C CG1 . VAL A 1 128 ? -1.583  6.735   -12.202 1.00 29.92  ? 128 VAL A CG1 1 
ATOM   1080 C CG2 . VAL A 1 128 ? -0.771  8.752   -13.446 1.00 30.04  ? 128 VAL A CG2 1 
ATOM   1081 N N   . VAL A 1 129 ? -3.265  7.910   -9.637  1.00 25.59  ? 129 VAL A N   1 
ATOM   1082 C CA  . VAL A 1 129 ? -3.734  7.261   -8.413  1.00 26.55  ? 129 VAL A CA  1 
ATOM   1083 C C   . VAL A 1 129 ? -4.231  5.864   -8.754  1.00 27.78  ? 129 VAL A C   1 
ATOM   1084 O O   . VAL A 1 129 ? -5.119  5.705   -9.603  1.00 30.31  ? 129 VAL A O   1 
ATOM   1085 C CB  . VAL A 1 129 ? -4.858  8.068   -7.742  1.00 25.23  ? 129 VAL A CB  1 
ATOM   1086 C CG1 . VAL A 1 129 ? -5.326  7.361   -6.439  1.00 23.53  ? 129 VAL A CG1 1 
ATOM   1087 C CG2 . VAL A 1 129 ? -4.390  9.485   -7.452  1.00 29.17  ? 129 VAL A CG2 1 
ATOM   1088 N N   . CYS A 1 130 ? -3.672  4.861   -8.082  1.00 24.25  ? 130 CYS A N   1 
ATOM   1089 C CA  . CYS A 1 130 ? -4.180  3.499   -8.133  1.00 23.11  ? 130 CYS A CA  1 
ATOM   1090 C C   . CYS A 1 130 ? -5.093  3.282   -6.933  1.00 24.95  ? 130 CYS A C   1 
ATOM   1091 O O   . CYS A 1 130 ? -4.774  3.712   -5.820  1.00 25.88  ? 130 CYS A O   1 
ATOM   1092 C CB  . CYS A 1 130 ? -3.021  2.497   -8.115  1.00 21.35  ? 130 CYS A CB  1 
ATOM   1093 S SG  . CYS A 1 130 ? -3.466  0.774   -7.866  1.00 26.57  ? 130 CYS A SG  1 
ATOM   1094 N N   . THR A 1 131 ? -6.238  2.638   -7.160  1.00 25.55  ? 131 THR A N   1 
ATOM   1095 C CA  . THR A 1 131 ? -7.190  2.351   -6.093  1.00 24.84  ? 131 THR A CA  1 
ATOM   1096 C C   . THR A 1 131 ? -7.434  0.854   -6.021  1.00 27.84  ? 131 THR A C   1 
ATOM   1097 O O   . THR A 1 131 ? -7.749  0.216   -7.033  1.00 26.47  ? 131 THR A O   1 
ATOM   1098 C CB  . THR A 1 131 ? -8.510  3.094   -6.300  1.00 22.55  ? 131 THR A CB  1 
ATOM   1099 O OG1 . THR A 1 131 ? -8.257  4.498   -6.402  0.84 25.09  ? 131 THR A OG1 1 
ATOM   1100 C CG2 . THR A 1 131 ? -9.487  2.827   -5.150  1.00 26.89  ? 131 THR A CG2 1 
ATOM   1101 N N   . GLN A 1 132 ? -7.301  0.302   -4.825  1.00 24.10  ? 132 GLN A N   1 
ATOM   1102 C CA  . GLN A 1 132 ? -7.530  -1.110  -4.597  1.00 24.24  ? 132 GLN A CA  1 
ATOM   1103 C C   . GLN A 1 132 ? -8.541  -1.266  -3.478  1.00 33.01  ? 132 GLN A C   1 
ATOM   1104 O O   . GLN A 1 132 ? -8.549  -0.481  -2.524  1.00 29.51  ? 132 GLN A O   1 
ATOM   1105 C CB  . GLN A 1 132 ? -6.236  -1.823  -4.276  1.00 26.03  ? 132 GLN A CB  1 
ATOM   1106 C CG  . GLN A 1 132 ? -5.217  -1.663  -5.399  1.00 28.65  ? 132 GLN A CG  1 
ATOM   1107 C CD  . GLN A 1 132 ? -4.007  -2.538  -5.223  1.00 32.58  ? 132 GLN A CD  1 
ATOM   1108 O OE1 . GLN A 1 132 ? -3.414  -2.580  -4.144  1.00 35.80  ? 132 GLN A OE1 1 
ATOM   1109 N NE2 . GLN A 1 132 ? -3.620  -3.238  -6.282  1.00 33.54  ? 132 GLN A NE2 1 
ATOM   1110 N N   . VAL A 1 133 ? -9.403  -2.269  -3.607  1.00 24.56  ? 133 VAL A N   1 
ATOM   1111 C CA  . VAL A 1 133 ? -10.479 -2.505  -2.653  1.00 26.47  ? 133 VAL A CA  1 
ATOM   1112 C C   . VAL A 1 133 ? -10.349 -3.926  -2.129  1.00 27.37  ? 133 VAL A C   1 
ATOM   1113 O O   . VAL A 1 133 ? -10.093 -4.860  -2.897  1.00 26.65  ? 133 VAL A O   1 
ATOM   1114 C CB  . VAL A 1 133 ? -11.865 -2.265  -3.292  1.00 26.84  ? 133 VAL A CB  1 
ATOM   1115 C CG1 . VAL A 1 133 ? -12.968 -2.427  -2.254  1.00 30.33  ? 133 VAL A CG1 1 
ATOM   1116 C CG2 . VAL A 1 133 ? -11.931 -0.878  -3.906  1.00 29.80  ? 133 VAL A CG2 1 
ATOM   1117 N N   . PHE A 1 134 ? -10.510 -4.080  -0.813  1.00 24.24  ? 134 PHE A N   1 
ATOM   1118 C CA  . PHE A 1 134 ? -10.353 -5.356  -0.130  1.00 27.51  ? 134 PHE A CA  1 
ATOM   1119 C C   . PHE A 1 134 ? -11.562 -5.617  0.760   1.00 25.75  ? 134 PHE A C   1 
ATOM   1120 O O   . PHE A 1 134 ? -12.239 -4.691  1.218   1.00 27.04  ? 134 PHE A O   1 
ATOM   1121 C CB  . PHE A 1 134 ? -9.108  -5.406  0.776   1.00 23.70  ? 134 PHE A CB  1 
ATOM   1122 C CG  . PHE A 1 134 ? -7.822  -5.057  0.090   1.00 21.10  ? 134 PHE A CG  1 
ATOM   1123 C CD1 . PHE A 1 134 ? -7.556  -3.749  -0.300  1.00 21.18  ? 134 PHE A CD1 1 
ATOM   1124 C CD2 . PHE A 1 134 ? -6.858  -6.033  -0.129  1.00 20.07  ? 134 PHE A CD2 1 
ATOM   1125 C CE1 . PHE A 1 134 ? -6.362  -3.427  -0.919  1.00 25.37  ? 134 PHE A CE1 1 
ATOM   1126 C CE2 . PHE A 1 134 ? -5.651  -5.722  -0.745  1.00 22.80  ? 134 PHE A CE2 1 
ATOM   1127 C CZ  . PHE A 1 134 ? -5.403  -4.411  -1.136  1.00 23.95  ? 134 PHE A CZ  1 
ATOM   1128 N N   . VAL A 1 135 ? -11.809 -6.900  1.013   1.00 26.54  ? 135 VAL A N   1 
ATOM   1129 C CA  . VAL A 1 135 ? -12.752 -7.334  2.032   1.00 32.62  ? 135 VAL A CA  1 
ATOM   1130 C C   . VAL A 1 135 ? -12.034 -8.321  2.940   1.00 30.83  ? 135 VAL A C   1 
ATOM   1131 O O   . VAL A 1 135 ? -11.005 -8.899  2.582   1.00 30.74  ? 135 VAL A O   1 
ATOM   1132 C CB  . VAL A 1 135 ? -14.017 -7.981  1.432   1.00 33.02  ? 135 VAL A CB  1 
ATOM   1133 C CG1 . VAL A 1 135 ? -14.753 -6.995  0.539   1.00 33.01  ? 135 VAL A CG1 1 
ATOM   1134 C CG2 . VAL A 1 135 ? -13.631 -9.236  0.678   1.00 32.25  ? 135 VAL A CG2 1 
ATOM   1135 N N   . ARG A 1 136 ? -12.579 -8.497  4.142   1.00 33.89  ? 136 ARG A N   1 
ATOM   1136 C CA  . ARG A 1 136 ? -11.971 -9.417  5.093   1.00 34.55  ? 136 ARG A CA  1 
ATOM   1137 C C   . ARG A 1 136 ? -12.267 -10.856 4.699   1.00 36.76  ? 136 ARG A C   1 
ATOM   1138 O O   . ARG A 1 136 ? -13.375 -11.180 4.264   1.00 40.98  ? 136 ARG A O   1 
ATOM   1139 C CB  . ARG A 1 136 ? -12.493 -9.156  6.506   1.00 36.45  ? 136 ARG A CB  1 
ATOM   1140 C CG  . ARG A 1 136 ? -11.995 -7.877  7.158   1.00 32.08  ? 136 ARG A CG  1 
ATOM   1141 C CD  . ARG A 1 136 ? -12.284 -7.907  8.661   1.00 33.03  ? 136 ARG A CD  1 
ATOM   1142 N NE  . ARG A 1 136 ? -11.742 -6.742  9.353   1.00 31.56  ? 136 ARG A NE  1 
ATOM   1143 C CZ  . ARG A 1 136 ? -12.388 -5.583  9.470   1.00 28.36  ? 136 ARG A CZ  1 
ATOM   1144 N NH1 . ARG A 1 136 ? -13.596 -5.442  8.946   1.00 33.86  ? 136 ARG A NH1 1 
ATOM   1145 N NH2 . ARG A 1 136 ? -11.828 -4.566  10.114  1.00 28.96  ? 136 ARG A NH2 1 
ATOM   1146 N N   . GLU A 1 137 ? -11.270 -11.721 4.848   1.00 38.80  ? 137 GLU A N   1 
ATOM   1147 C CA  . GLU A 1 137 ? -11.468 -13.148 4.627   1.00 43.50  ? 137 GLU A CA  1 
ATOM   1148 C C   . GLU A 1 137 ? -11.207 -13.919 5.916   1.00 58.78  ? 137 GLU A C   1 
ATOM   1149 O O   . GLU A 1 137 ? -10.696 -13.364 6.893   1.00 55.12  ? 137 GLU A O   1 
ATOM   1150 C CB  . GLU A 1 137 ? -10.561 -13.662 3.513   1.00 49.04  ? 137 GLU A CB  1 
ATOM   1151 C CG  . GLU A 1 137 ? -9.079  -13.622 3.827   1.00 47.74  ? 137 GLU A CG  1 
ATOM   1152 O OE1 . GLU A 1 137 ? -8.712  -14.914 1.877   1.00 56.15  ? 137 GLU A OE1 1 
ATOM   1153 O OE2 . GLU A 1 137 ? -7.115  -13.539 2.487   0.84 53.50  ? 137 GLU A OE2 1 
ATOM   1154 O OXT . GLU A 1 137 ? -11.502 -15.110 6.011   1.00 67.79  ? 137 GLU A OXT 1 
HETATM 1155 C C1  . RET B 2 .   ? 3.594   -6.762  -4.156  1.00 39.37  ? 201 RET A C1  1 
HETATM 1156 C C2  . RET B 2 .   ? 3.030   -7.473  -5.391  1.00 36.91  ? 201 RET A C2  1 
HETATM 1157 C C3  . RET B 2 .   ? 1.518   -7.373  -5.548  1.00 38.37  ? 201 RET A C3  1 
HETATM 1158 C C4  . RET B 2 .   ? 0.971   -5.963  -5.411  1.00 37.44  ? 201 RET A C4  1 
HETATM 1159 C C5  . RET B 2 .   ? 1.906   -4.986  -4.744  1.00 34.12  ? 201 RET A C5  1 
HETATM 1160 C C6  . RET B 2 .   ? 2.966   -5.378  -4.015  1.00 29.15  ? 201 RET A C6  1 
HETATM 1161 C C7  . RET B 2 .   ? 3.542   -4.550  -2.973  1.00 35.36  ? 201 RET A C7  1 
HETATM 1162 C C8  . RET B 2 .   ? 2.857   -4.081  -1.954  1.00 33.57  ? 201 RET A C8  1 
HETATM 1163 C C9  . RET B 2 .   ? 3.316   -3.244  -0.858  1.00 37.01  ? 201 RET A C9  1 
HETATM 1164 C C10 . RET B 2 .   ? 2.386   -2.711  -0.030  1.00 29.86  ? 201 RET A C10 1 
HETATM 1165 C C11 . RET B 2 .   ? 2.582   -1.880  1.127   1.00 33.69  ? 201 RET A C11 1 
HETATM 1166 C C12 . RET B 2 .   ? 1.542   -1.528  1.900   1.00 29.06  ? 201 RET A C12 1 
HETATM 1167 C C13 . RET B 2 .   ? 1.563   -0.714  3.099   1.00 29.02  ? 201 RET A C13 1 
HETATM 1168 C C14 . RET B 2 .   ? 0.391   -0.406  3.709   1.00 27.46  ? 201 RET A C14 1 
HETATM 1169 C C15 . RET B 2 .   ? -0.936  -0.785  3.303   1.00 31.79  ? 201 RET A C15 1 
HETATM 1170 C C16 . RET B 2 .   ? 5.109   -6.644  -4.332  1.00 33.32  ? 201 RET A C16 1 
HETATM 1171 C C17 . RET B 2 .   ? 3.313   -7.600  -2.901  1.00 38.14  ? 201 RET A C17 1 
HETATM 1172 C C18 . RET B 2 .   ? 1.412   -3.568  -4.830  1.00 31.98  ? 201 RET A C18 1 
HETATM 1173 C C19 . RET B 2 .   ? 4.795   -3.017  -0.709  1.00 38.21  ? 201 RET A C19 1 
HETATM 1174 C C20 . RET B 2 .   ? 2.898   -0.254  3.611   1.00 28.94  ? 201 RET A C20 1 
HETATM 1175 C C1  . GOL C 3 .   ? -6.469  -0.133  -15.753 1.00 45.08  ? 202 GOL A C1  1 
HETATM 1176 O O1  . GOL C 3 .   ? -5.328  -0.214  -14.924 1.00 39.97  ? 202 GOL A O1  1 
HETATM 1177 C C2  . GOL C 3 .   ? -7.483  0.808   -15.107 1.00 46.99  ? 202 GOL A C2  1 
HETATM 1178 O O2  . GOL C 3 .   ? -8.455  0.084   -14.377 1.00 33.28  ? 202 GOL A O2  1 
HETATM 1179 C C3  . GOL C 3 .   ? -8.138  1.671   -16.177 1.00 53.17  ? 202 GOL A C3  1 
HETATM 1180 O O3  . GOL C 3 .   ? -7.139  2.400   -16.858 1.00 53.05  ? 202 GOL A O3  1 
HETATM 1181 C C1  . GOL D 3 .   ? 3.737   -8.002  11.333  1.00 50.35  ? 203 GOL A C1  1 
HETATM 1182 O O1  . GOL D 3 .   ? 4.169   -6.934  10.514  1.00 44.33  ? 203 GOL A O1  1 
HETATM 1183 C C2  . GOL D 3 .   ? 2.863   -8.946  10.512  1.00 44.86  ? 203 GOL A C2  1 
HETATM 1184 O O2  . GOL D 3 .   ? 3.508   -10.180 10.290  1.00 52.01  ? 203 GOL A O2  1 
HETATM 1185 C C3  . GOL D 3 .   ? 1.518   -9.181  11.184  1.00 43.70  ? 203 GOL A C3  1 
HETATM 1186 O O3  . GOL D 3 .   ? 0.752   -7.995  11.162  1.00 43.97  ? 203 GOL A O3  1 
HETATM 1187 O O   . HOH E 4 .   ? -1.115  -2.390  -0.073  1.00 41.24  ? 301 HOH A O   1 
HETATM 1188 O O   . HOH E 4 .   ? -3.990  -1.885  -14.296 1.00 32.43  ? 302 HOH A O   1 
HETATM 1189 O O   . HOH E 4 .   ? -2.821  -1.297  -2.346  1.00 39.65  ? 303 HOH A O   1 
HETATM 1190 O O   . HOH E 4 .   ? -13.548 9.415   7.324   1.00 55.55  ? 304 HOH A O   1 
HETATM 1191 O O   . HOH E 4 .   ? 7.988   4.309   15.434  1.00 40.10  ? 305 HOH A O   1 
HETATM 1192 O O   . HOH E 4 .   ? 4.915   11.879  -0.581  1.00 33.35  ? 306 HOH A O   1 
HETATM 1193 O O   . HOH E 4 .   ? -2.425  -12.957 4.090   1.00 56.39  ? 307 HOH A O   1 
HETATM 1194 O O   . HOH E 4 .   ? 1.425   -2.220  20.061  1.00 44.95  ? 308 HOH A O   1 
HETATM 1195 O O   . HOH E 4 .   ? -5.229  11.896  0.654   1.00 37.27  ? 309 HOH A O   1 
HETATM 1196 O O   . HOH E 4 .   ? 0.743   8.129   17.476  1.00 39.77  ? 310 HOH A O   1 
HETATM 1197 O O   . HOH E 4 .   ? -8.900  15.593  6.372   1.00 44.01  ? 311 HOH A O   1 
HETATM 1198 O O   . HOH E 4 .   ? 8.057   11.392  4.641   1.00 45.22  ? 312 HOH A O   1 
HETATM 1199 O O   . HOH E 4 .   ? -0.628  -14.040 -0.092  1.00 47.95  ? 313 HOH A O   1 
HETATM 1200 O O   . HOH E 4 .   ? 3.863   -13.753 -6.721  1.00 39.88  ? 314 HOH A O   1 
HETATM 1201 O O   . HOH E 4 .   ? -16.114 -0.229  -3.323  1.00 53.50  ? 315 HOH A O   1 
HETATM 1202 O O   . HOH E 4 .   ? -10.734 1.213   -13.960 1.00 38.36  ? 316 HOH A O   1 
HETATM 1203 O O   . HOH E 4 .   ? -9.548  6.345   -5.101  1.00 33.85  ? 317 HOH A O   1 
HETATM 1204 O O   . HOH E 4 .   ? -7.638  4.965   1.053   1.00 26.06  ? 318 HOH A O   1 
HETATM 1205 O O   . HOH E 4 .   ? -9.823  6.368   0.057   1.00 30.58  ? 319 HOH A O   1 
HETATM 1206 O O   . HOH E 4 .   ? 10.834  5.691   -8.593  1.00 37.69  ? 320 HOH A O   1 
HETATM 1207 O O   . HOH E 4 .   ? -3.511  10.693  -3.959  1.00 32.00  ? 321 HOH A O   1 
HETATM 1208 O O   . HOH E 4 .   ? -2.250  7.523   -2.456  1.00 26.70  ? 322 HOH A O   1 
HETATM 1209 O O   . HOH E 4 .   ? 6.487   -0.941  1.693   1.00 34.25  ? 323 HOH A O   1 
HETATM 1210 O O   . HOH E 4 .   ? 9.266   -1.530  6.702   1.00 44.80  ? 324 HOH A O   1 
HETATM 1211 O O   . HOH E 4 .   ? -14.866 -7.184  4.945   1.00 38.36  ? 325 HOH A O   1 
HETATM 1212 O O   . HOH E 4 .   ? 12.637  -3.831  -3.495  1.00 42.10  ? 326 HOH A O   1 
HETATM 1213 O O   . HOH E 4 .   ? 4.919   11.946  -13.881 1.00 51.94  ? 327 HOH A O   1 
HETATM 1214 O O   . HOH E 4 .   ? 1.020   3.891   19.061  1.00 36.50  ? 328 HOH A O   1 
HETATM 1215 O O   . HOH E 4 .   ? -7.777  5.375   -8.914  1.00 34.89  ? 329 HOH A O   1 
HETATM 1216 O O   . HOH E 4 .   ? 4.253   6.969   10.648  1.00 22.30  ? 330 HOH A O   1 
HETATM 1217 O O   . HOH E 4 .   ? 11.309  7.522   13.758  1.00 44.97  ? 331 HOH A O   1 
HETATM 1218 O O   . HOH E 4 .   ? 12.493  -7.284  0.254   1.00 44.19  ? 332 HOH A O   1 
HETATM 1219 O O   . HOH E 4 .   ? 0.880   -7.232  20.523  1.00 58.02  ? 333 HOH A O   1 
HETATM 1220 O O   . HOH E 4 .   ? 9.193   8.119   -3.763  1.00 38.63  ? 334 HOH A O   1 
HETATM 1221 O O   . HOH E 4 .   ? -0.089  -10.984 3.870   1.00 29.11  ? 335 HOH A O   1 
HETATM 1222 O O   . HOH E 4 .   ? 13.617  -0.004  3.129   1.00 46.88  ? 336 HOH A O   1 
HETATM 1223 O O   . HOH E 4 .   ? 7.370   9.690   -14.706 1.00 55.66  ? 337 HOH A O   1 
HETATM 1224 O O   . HOH E 4 .   ? -4.039  9.616   16.603  1.00 29.38  ? 338 HOH A O   1 
HETATM 1225 O O   . HOH E 4 .   ? -14.628 -1.404  6.638   1.00 47.88  ? 339 HOH A O   1 
HETATM 1226 O O   . HOH E 4 .   ? 16.129  4.189   -4.892  1.00 44.37  ? 340 HOH A O   1 
HETATM 1227 O O   . HOH E 4 .   ? 8.123   10.558  -2.939  1.00 34.76  ? 341 HOH A O   1 
HETATM 1228 O O   . HOH E 4 .   ? 3.086   12.366  6.441   1.00 33.15  ? 342 HOH A O   1 
HETATM 1229 O O   . HOH E 4 .   ? 1.593   13.043  -5.870  1.00 40.55  ? 343 HOH A O   1 
HETATM 1230 O O   . HOH E 4 .   ? 0.624   -15.116 5.553   1.00 54.55  ? 344 HOH A O   1 
HETATM 1231 O O   . HOH E 4 .   ? -6.529  -6.055  -11.830 1.00 32.30  ? 345 HOH A O   1 
HETATM 1232 O O   . HOH E 4 .   ? 16.031  4.758   -2.288  1.00 39.26  ? 346 HOH A O   1 
HETATM 1233 O O   . HOH E 4 .   ? 5.108   -15.415 6.616   1.00 36.93  ? 347 HOH A O   1 
HETATM 1234 O O   . HOH E 4 .   ? -5.651  8.925   -3.016  1.00 32.38  ? 348 HOH A O   1 
HETATM 1235 O O   . HOH E 4 .   ? 2.428   -12.326 -11.823 1.00 43.54  ? 349 HOH A O   1 
HETATM 1236 O O   . HOH E 4 .   ? -6.899  10.426  -1.003  1.00 31.78  ? 350 HOH A O   1 
HETATM 1237 O O   . HOH E 4 .   ? 7.489   5.382   -18.354 1.00 48.43  ? 351 HOH A O   1 
HETATM 1238 O O   . HOH E 4 .   ? -10.152 -10.894 8.606   1.00 39.14  ? 352 HOH A O   1 
HETATM 1239 O O   . HOH E 4 .   ? 2.011   11.406  -4.017  1.00 33.66  ? 353 HOH A O   1 
HETATM 1240 O O   . HOH E 4 .   ? -0.368  0.513   20.974  1.00 27.27  ? 354 HOH A O   1 
HETATM 1241 O O   . HOH E 4 .   ? -13.693 11.818  10.258  1.00 46.78  ? 355 HOH A O   1 
HETATM 1242 O O   . HOH E 4 .   ? 6.784   4.418   12.759  1.00 26.44  ? 356 HOH A O   1 
HETATM 1243 O O   . HOH E 4 .   ? 7.228   13.377  0.009   1.00 45.96  ? 357 HOH A O   1 
HETATM 1244 O O   . HOH E 4 .   ? -4.345  -1.836  -18.391 1.00 38.20  ? 358 HOH A O   1 
HETATM 1245 O O   . HOH E 4 .   ? 5.174   3.874   -3.402  1.00 39.48  ? 359 HOH A O   1 
HETATM 1246 O O   . HOH E 4 .   ? -10.657 -0.008  -7.292  1.00 37.33  ? 360 HOH A O   1 
HETATM 1247 O O   . HOH E 4 .   ? -6.017  5.519   17.083  1.00 35.55  ? 361 HOH A O   1 
HETATM 1248 O O   . HOH E 4 .   ? 6.416   -11.103 5.969   1.00 30.73  ? 362 HOH A O   1 
HETATM 1249 O O   . HOH E 4 .   ? 0.757   6.391   -16.688 1.00 36.01  ? 363 HOH A O   1 
HETATM 1250 O O   . HOH E 4 .   ? 11.462  -1.304  -15.933 1.00 41.76  ? 364 HOH A O   1 
HETATM 1251 O O   . HOH E 4 .   ? 4.791   1.642   -0.029  1.00 37.96  ? 365 HOH A O   1 
HETATM 1252 O O   . HOH E 4 .   ? 17.359  8.831   -9.345  1.00 53.09  ? 366 HOH A O   1 
HETATM 1253 O O   . HOH E 4 .   ? 8.065   -0.453  -21.923 1.00 37.74  ? 367 HOH A O   1 
HETATM 1254 O O   . HOH E 4 .   ? 11.518  11.479  -2.734  1.00 39.70  ? 368 HOH A O   1 
HETATM 1255 O O   . HOH E 4 .   ? 2.253   -14.768 3.352   1.00 39.14  ? 369 HOH A O   1 
HETATM 1256 O O   . HOH E 4 .   ? 9.681   7.551   -6.623  1.00 41.23  ? 370 HOH A O   1 
HETATM 1257 O O   . HOH E 4 .   ? -18.005 4.904   4.704   1.00 54.46  ? 371 HOH A O   1 
HETATM 1258 O O   . HOH E 4 .   ? 9.554   10.702  13.504  1.00 36.06  ? 372 HOH A O   1 
HETATM 1259 O O   . HOH E 4 .   ? 11.024  6.104   -11.180 1.00 43.52  ? 373 HOH A O   1 
HETATM 1260 O O   . HOH E 4 .   ? -10.070 12.072  4.241   1.00 47.20  ? 374 HOH A O   1 
HETATM 1261 O O   . HOH E 4 .   ? 8.111   -3.110  2.327   1.00 36.97  ? 375 HOH A O   1 
HETATM 1262 O O   . HOH E 4 .   ? 8.849   -2.137  9.254   1.00 41.74  ? 376 HOH A O   1 
HETATM 1263 O O   . HOH E 4 .   ? -15.482 -7.318  7.727   1.00 41.86  ? 377 HOH A O   1 
HETATM 1264 O O   . HOH E 4 .   ? 5.197   15.923  11.009  1.00 42.13  ? 378 HOH A O   1 
HETATM 1265 O O   . HOH E 4 .   ? 2.522   3.869   -2.906  1.00 33.39  ? 379 HOH A O   1 
HETATM 1266 O O   . HOH E 4 .   ? -5.318  8.833   -11.519 1.00 38.03  ? 380 HOH A O   1 
HETATM 1267 O O   . HOH E 4 .   ? -2.142  10.069  -1.227  1.00 35.54  ? 381 HOH A O   1 
HETATM 1268 O O   . HOH E 4 .   ? -15.031 -6.217  -7.700  1.00 50.11  ? 382 HOH A O   1 
HETATM 1269 O O   . HOH E 4 .   ? 11.513  1.261   9.898   1.00 42.96  ? 383 HOH A O   1 
HETATM 1270 O O   . HOH E 4 .   ? -4.890  4.859   -19.113 1.00 50.76  ? 384 HOH A O   1 
HETATM 1271 O O   . HOH E 4 .   ? -5.271  -11.713 3.986   1.00 48.07  ? 385 HOH A O   1 
HETATM 1272 O O   . HOH E 4 .   ? 9.543   -8.687  5.806   1.00 44.79  ? 386 HOH A O   1 
HETATM 1273 O O   . HOH E 4 .   ? -15.830 2.324   9.155   1.00 48.01  ? 387 HOH A O   1 
HETATM 1274 O O   . HOH E 4 .   ? -2.157  1.347   1.227   1.00 31.29  ? 388 HOH A O   1 
HETATM 1275 O O   . HOH E 4 .   ? 10.069  7.275   -13.274 1.00 50.80  ? 389 HOH A O   1 
HETATM 1276 O O   . HOH E 4 .   ? -5.081  -2.168  -11.912 1.00 31.75  ? 390 HOH A O   1 
HETATM 1277 O O   . HOH E 4 .   ? 12.681  13.153  -6.316  1.00 45.51  ? 391 HOH A O   1 
HETATM 1278 O O   . HOH E 4 .   ? -3.056  14.404  2.778   1.00 39.55  ? 392 HOH A O   1 
HETATM 1279 O O   . HOH E 4 .   ? -10.218 9.450   -2.036  1.00 47.99  ? 393 HOH A O   1 
HETATM 1280 O O   . HOH E 4 .   ? 7.797   12.878  12.998  1.00 52.79  ? 394 HOH A O   1 
HETATM 1281 O O   . HOH E 4 .   ? 10.124  11.360  -4.478  1.00 49.32  ? 395 HOH A O   1 
HETATM 1282 O O   . HOH E 4 .   ? -13.318 1.252   -6.240  1.00 49.53  ? 396 HOH A O   1 
HETATM 1283 O O   . HOH E 4 .   ? -11.309 -5.847  13.507  1.00 53.77  ? 397 HOH A O   1 
HETATM 1284 O O   . HOH E 4 .   ? -6.393  7.913   16.793  1.00 33.10  ? 398 HOH A O   1 
HETATM 1285 O O   . HOH E 4 .   ? -16.320 -9.402  4.126   1.00 55.13  ? 399 HOH A O   1 
HETATM 1286 O O   . HOH E 4 .   ? -1.971  -14.890 2.180   1.00 56.78  ? 400 HOH A O   1 
HETATM 1287 O O   . HOH E 4 .   ? -0.270  0.431   -0.288  1.00 43.53  ? 401 HOH A O   1 
HETATM 1288 O O   . HOH E 4 .   ? 13.671  5.490   10.674  1.00 53.95  ? 402 HOH A O   1 
HETATM 1289 O O   . HOH E 4 .   ? 9.822   -2.583  4.099   1.00 50.53  ? 403 HOH A O   1 
HETATM 1290 O O   . HOH E 4 .   ? 4.639   -16.052 4.472   1.00 38.54  ? 404 HOH A O   1 
HETATM 1291 O O   . HOH E 4 .   ? 7.231   0.929   15.124  1.00 49.37  ? 405 HOH A O   1 
HETATM 1292 O O   . HOH E 4 .   ? -9.755  4.606   -10.456 1.00 50.77  ? 406 HOH A O   1 
HETATM 1293 O O   . HOH E 4 .   ? 2.350   1.582   -1.320  1.00 34.97  ? 407 HOH A O   1 
HETATM 1294 O O   . HOH E 4 .   ? 10.158  10.376  -13.727 1.00 57.06  ? 408 HOH A O   1 
HETATM 1295 O O   . HOH E 4 .   ? -10.567 6.503   -2.579  1.00 31.38  ? 409 HOH A O   1 
HETATM 1296 O O   . HOH E 4 .   ? -8.160  9.023   -4.293  1.00 37.15  ? 410 HOH A O   1 
HETATM 1297 O O   . HOH E 4 .   ? 4.985   14.060  5.657   1.00 36.56  ? 411 HOH A O   1 
# 
